data_7JKD
# 
_entry.id   7JKD 
# 
_audit_conform.dict_name       mmcif_pdbx.dic 
_audit_conform.dict_version    5.380 
_audit_conform.dict_location   http://mmcif.pdb.org/dictionaries/ascii/mmcif_pdbx.dic 
# 
loop_
_database_2.database_id 
_database_2.database_code 
_database_2.pdbx_database_accession 
_database_2.pdbx_DOI 
PDB   7JKD         pdb_00007jkd 10.2210/pdb7jkd/pdb 
WWPDB D_1000250897 ?            ?                   
# 
_pdbx_database_status.status_code                     REL 
_pdbx_database_status.status_code_sf                  REL 
_pdbx_database_status.status_code_mr                  ? 
_pdbx_database_status.entry_id                        7JKD 
_pdbx_database_status.recvd_initial_deposition_date   2020-07-28 
_pdbx_database_status.SG_entry                        N 
_pdbx_database_status.deposit_site                    RCSB 
_pdbx_database_status.process_site                    RCSB 
_pdbx_database_status.status_code_cs                  ? 
_pdbx_database_status.status_code_nmr_data            ? 
_pdbx_database_status.methods_development_category    ? 
_pdbx_database_status.pdb_format_compatible           Y 
# 
loop_
_audit_author.name 
_audit_author.pdbx_ordinal 
_audit_author.identifier_ORCID 
'Simmons, C.R.'      1 0000-0002-2290-6132 
'MacCulloch, T.'     2 0000-0001-5875-3361 
'Stephanopoulos, N.' 3 0000-0001-7859-410X 
'Yan, H.'            4 0000-0001-7397-9852 
# 
_citation.abstract                  ? 
_citation.abstract_id_CAS           ? 
_citation.book_id_ISBN              ? 
_citation.book_publisher            ? 
_citation.book_publisher_city       ? 
_citation.book_title                ? 
_citation.coordinate_linkage        ? 
_citation.country                   UK 
_citation.database_id_Medline       ? 
_citation.details                   ? 
_citation.id                        primary 
_citation.journal_abbrev            'Nat Commun' 
_citation.journal_id_ASTM           ? 
_citation.journal_id_CSD            ? 
_citation.journal_id_ISSN           2041-1723 
_citation.journal_full              ? 
_citation.journal_issue             ? 
_citation.journal_volume            13 
_citation.language                  ? 
_citation.page_first                3112 
_citation.page_last                 3112 
_citation.title                     'The influence of Holliday junction sequence and dynamics on DNA crystal self-assembly.' 
_citation.year                      2022 
_citation.database_id_CSD           ? 
_citation.pdbx_database_id_DOI      10.1038/s41467-022-30779-6 
_citation.pdbx_database_id_PubMed   35662248 
_citation.unpublished_flag          ? 
# 
loop_
_citation_author.citation_id 
_citation_author.name 
_citation_author.ordinal 
_citation_author.identifier_ORCID 
primary 'Simmons, C.R.'      1  ?                   
primary 'MacCulloch, T.'     2  ?                   
primary 'Krepl, M.'          3  0000-0002-9833-4281 
primary 'Matthies, M.'       4  ?                   
primary 'Buchberger, A.'     5  ?                   
primary 'Crawford, I.'       6  ?                   
primary 'Sponer, J.'         7  0000-0001-6558-6186 
primary 'Sulc, P.'           8  0000-0003-1565-6769 
primary 'Stephanopoulos, N.' 9  0000-0001-7859-410X 
primary 'Yan, H.'            10 0000-0001-7397-9852 
# 
_cell.angle_alpha                  90.000 
_cell.angle_alpha_esd              ? 
_cell.angle_beta                   90.000 
_cell.angle_beta_esd               ? 
_cell.angle_gamma                  120.000 
_cell.angle_gamma_esd              ? 
_cell.entry_id                     7JKD 
_cell.details                      ? 
_cell.formula_units_Z              ? 
_cell.length_a                     67.970 
_cell.length_a_esd                 ? 
_cell.length_b                     67.970 
_cell.length_b_esd                 ? 
_cell.length_c                     55.829 
_cell.length_c_esd                 ? 
_cell.volume                       ? 
_cell.volume_esd                   ? 
_cell.Z_PDB                        3 
_cell.reciprocal_angle_alpha       ? 
_cell.reciprocal_angle_beta        ? 
_cell.reciprocal_angle_gamma       ? 
_cell.reciprocal_angle_alpha_esd   ? 
_cell.reciprocal_angle_beta_esd    ? 
_cell.reciprocal_angle_gamma_esd   ? 
_cell.reciprocal_length_a          ? 
_cell.reciprocal_length_b          ? 
_cell.reciprocal_length_c          ? 
_cell.reciprocal_length_a_esd      ? 
_cell.reciprocal_length_b_esd      ? 
_cell.reciprocal_length_c_esd      ? 
_cell.pdbx_unique_axis             ? 
# 
_symmetry.entry_id                         7JKD 
_symmetry.cell_setting                     ? 
_symmetry.Int_Tables_number                145 
_symmetry.space_group_name_Hall            ? 
_symmetry.space_group_name_H-M             'P 32' 
_symmetry.pdbx_full_space_group_name_H-M   ? 
# 
loop_
_entity.id 
_entity.type 
_entity.src_method 
_entity.pdbx_description 
_entity.formula_weight 
_entity.pdbx_number_of_molecules 
_entity.pdbx_ec 
_entity.pdbx_mutation 
_entity.pdbx_fragment 
_entity.details 
1 polymer     syn 
;DNA (5'-D(*GP*AP*AP*CP*GP*AP*CP*AP*CP*TP*GP*AP*CP*GP*GP*AP*GP*AP*CP*TP*C)-3')
;
6466.201 1 ? ? ? ? 
2 polymer     syn 
;DNA (5'-D(P*CP*CP*GP*TP*CP*A)-3')
;
1769.193 1 ? ? ? ? 
3 polymer     syn 
;DNA (5'-D(*TP*CP*GP*AP*GP*TP*CP*T)-3')
;
2417.603 1 ? ? ? ? 
4 polymer     syn 
;DNA (5'-D(P*GP*TP*GP*TP*CP*GP*T)-3')
;
2144.420 1 ? ? ? ? 
5 non-polymer syn 'CACODYLATE ION'                                                                136.989  1 ? ? ? ? 
# 
loop_
_entity_poly.entity_id 
_entity_poly.type 
_entity_poly.nstd_linkage 
_entity_poly.nstd_monomer 
_entity_poly.pdbx_seq_one_letter_code 
_entity_poly.pdbx_seq_one_letter_code_can 
_entity_poly.pdbx_strand_id 
_entity_poly.pdbx_target_identifier 
1 polydeoxyribonucleotide no no 
;(DG)(DA)(DA)(DC)(DG)(DA)(DC)(DA)(DC)(DT)(DG)(DA)(DC)(DG)(DG)(DA)(DG)(DA)(DC)(DT)
(DC)
;
GAACGACACTGACGGAGACTC A ? 
2 polydeoxyribonucleotide no no '(DC)(DC)(DG)(DT)(DC)(DA)'                                                              CCGTCA B ? 
3 polydeoxyribonucleotide no no '(DT)(DC)(DG)(DA)(DG)(DT)(DC)(DT)'                                                      TCGAGTCT C 
? 
4 polydeoxyribonucleotide no no '(DG)(DT)(DG)(DT)(DC)(DG)(DT)'                                                          GTGTCGT D 
? 
# 
loop_
_entity_poly_seq.entity_id 
_entity_poly_seq.num 
_entity_poly_seq.mon_id 
_entity_poly_seq.hetero 
1 1  DG n 
1 2  DA n 
1 3  DA n 
1 4  DC n 
1 5  DG n 
1 6  DA n 
1 7  DC n 
1 8  DA n 
1 9  DC n 
1 10 DT n 
1 11 DG n 
1 12 DA n 
1 13 DC n 
1 14 DG n 
1 15 DG n 
1 16 DA n 
1 17 DG n 
1 18 DA n 
1 19 DC n 
1 20 DT n 
1 21 DC n 
2 1  DC n 
2 2  DC n 
2 3  DG n 
2 4  DT n 
2 5  DC n 
2 6  DA n 
3 1  DT n 
3 2  DC n 
3 3  DG n 
3 4  DA n 
3 5  DG n 
3 6  DT n 
3 7  DC n 
3 8  DT n 
4 1  DG n 
4 2  DT n 
4 3  DG n 
4 4  DT n 
4 5  DC n 
4 6  DG n 
4 7  DT n 
# 
loop_
_pdbx_entity_src_syn.entity_id 
_pdbx_entity_src_syn.pdbx_src_id 
_pdbx_entity_src_syn.pdbx_alt_source_flag 
_pdbx_entity_src_syn.pdbx_beg_seq_num 
_pdbx_entity_src_syn.pdbx_end_seq_num 
_pdbx_entity_src_syn.organism_scientific 
_pdbx_entity_src_syn.organism_common_name 
_pdbx_entity_src_syn.ncbi_taxonomy_id 
_pdbx_entity_src_syn.details 
1 1 sample 1 21 'synthetic construct' ? 32630 ? 
2 1 sample 1 6  'synthetic construct' ? 32630 ? 
3 1 sample 1 8  'synthetic construct' ? 32630 ? 
4 1 sample 1 7  'synthetic construct' ? 32630 ? 
# 
loop_
_struct_ref.id 
_struct_ref.db_name 
_struct_ref.db_code 
_struct_ref.pdbx_db_accession 
_struct_ref.pdbx_db_isoform 
_struct_ref.entity_id 
_struct_ref.pdbx_seq_one_letter_code 
_struct_ref.pdbx_align_begin 
1 PDB 7JKD 7JKD ? 1 ? 1 
2 PDB 7JKD 7JKD ? 2 ? 1 
3 PDB 7JKD 7JKD ? 3 ? 1 
4 PDB 7JKD 7JKD ? 4 ? 1 
# 
loop_
_struct_ref_seq.align_id 
_struct_ref_seq.ref_id 
_struct_ref_seq.pdbx_PDB_id_code 
_struct_ref_seq.pdbx_strand_id 
_struct_ref_seq.seq_align_beg 
_struct_ref_seq.pdbx_seq_align_beg_ins_code 
_struct_ref_seq.seq_align_end 
_struct_ref_seq.pdbx_seq_align_end_ins_code 
_struct_ref_seq.pdbx_db_accession 
_struct_ref_seq.db_align_beg 
_struct_ref_seq.pdbx_db_align_beg_ins_code 
_struct_ref_seq.db_align_end 
_struct_ref_seq.pdbx_db_align_end_ins_code 
_struct_ref_seq.pdbx_auth_seq_align_beg 
_struct_ref_seq.pdbx_auth_seq_align_end 
1 1 7JKD A 1 ? 21 ? 7JKD 1  ? 21 ? 1  21 
2 2 7JKD B 1 ? 6  ? 7JKD 0  ? 5  ? 0  5  
3 3 7JKD C 1 ? 8  ? 7JKD 1  ? 8  ? 1  8  
4 4 7JKD D 1 ? 7  ? 7JKD 10 ? 16 ? 10 16 
# 
loop_
_chem_comp.id 
_chem_comp.type 
_chem_comp.mon_nstd_flag 
_chem_comp.name 
_chem_comp.pdbx_synonyms 
_chem_comp.formula 
_chem_comp.formula_weight 
CAC non-polymer   . 'CACODYLATE ION'                     dimethylarsinate 'C2 H6 As O2 -1'  136.989 
DA  'DNA linking' y "2'-DEOXYADENOSINE-5'-MONOPHOSPHATE" ?                'C10 H14 N5 O6 P' 331.222 
DC  'DNA linking' y "2'-DEOXYCYTIDINE-5'-MONOPHOSPHATE"  ?                'C9 H14 N3 O7 P'  307.197 
DG  'DNA linking' y "2'-DEOXYGUANOSINE-5'-MONOPHOSPHATE" ?                'C10 H14 N5 O7 P' 347.221 
DT  'DNA linking' y "THYMIDINE-5'-MONOPHOSPHATE"         ?                'C10 H15 N2 O8 P' 322.208 
# 
_exptl.absorpt_coefficient_mu     ? 
_exptl.absorpt_correction_T_max   ? 
_exptl.absorpt_correction_T_min   ? 
_exptl.absorpt_correction_type    ? 
_exptl.absorpt_process_details    ? 
_exptl.entry_id                   7JKD 
_exptl.crystals_number            1 
_exptl.details                    ? 
_exptl.method                     'X-RAY DIFFRACTION' 
_exptl.method_details             ? 
# 
_exptl_crystal.colour                      ? 
_exptl_crystal.density_diffrn              ? 
_exptl_crystal.density_Matthews            5.82 
_exptl_crystal.density_method              ? 
_exptl_crystal.density_percent_sol         78.86 
_exptl_crystal.description                 ? 
_exptl_crystal.F_000                       ? 
_exptl_crystal.id                          1 
_exptl_crystal.preparation                 ? 
_exptl_crystal.size_max                    ? 
_exptl_crystal.size_mid                    ? 
_exptl_crystal.size_min                    ? 
_exptl_crystal.size_rad                    ? 
_exptl_crystal.colour_lustre               ? 
_exptl_crystal.colour_modifier             ? 
_exptl_crystal.colour_primary              ? 
_exptl_crystal.density_meas                ? 
_exptl_crystal.density_meas_esd            ? 
_exptl_crystal.density_meas_gt             ? 
_exptl_crystal.density_meas_lt             ? 
_exptl_crystal.density_meas_temp           ? 
_exptl_crystal.density_meas_temp_esd       ? 
_exptl_crystal.density_meas_temp_gt        ? 
_exptl_crystal.density_meas_temp_lt        ? 
_exptl_crystal.pdbx_crystal_image_url      ? 
_exptl_crystal.pdbx_crystal_image_format   ? 
_exptl_crystal.pdbx_mosaicity              ? 
_exptl_crystal.pdbx_mosaicity_esd          ? 
# 
_exptl_crystal_grow.apparatus       ? 
_exptl_crystal_grow.atmosphere      ? 
_exptl_crystal_grow.crystal_id      1 
_exptl_crystal_grow.details         ? 
_exptl_crystal_grow.method          'VAPOR DIFFUSION, SITTING DROP' 
_exptl_crystal_grow.method_ref      ? 
_exptl_crystal_grow.pH              ? 
_exptl_crystal_grow.pressure        ? 
_exptl_crystal_grow.pressure_esd    ? 
_exptl_crystal_grow.seeding         ? 
_exptl_crystal_grow.seeding_ref     ? 
_exptl_crystal_grow.temp            298 
_exptl_crystal_grow.temp_details    'temperature gradient generated from 60 to 25 C at 0.3 degrees per hour' 
_exptl_crystal_grow.temp_esd        ? 
_exptl_crystal_grow.time            ? 
_exptl_crystal_grow.pdbx_details    
;0.5 mL of 0.05 M Cacodylate pH 6.5 with 100 mM MgCl2, 2.0 mM CoH18N6, and 5% isopropanol was added to the reservoir with 2 uL added to the drop containing 4 uL of DNA stock
;
_exptl_crystal_grow.pdbx_pH_range   ? 
# 
_diffrn.ambient_environment              ? 
_diffrn.ambient_temp                     100 
_diffrn.ambient_temp_details             ? 
_diffrn.ambient_temp_esd                 ? 
_diffrn.crystal_id                       1 
_diffrn.crystal_support                  ? 
_diffrn.crystal_treatment                ? 
_diffrn.details                          ? 
_diffrn.id                               1 
_diffrn.ambient_pressure                 ? 
_diffrn.ambient_pressure_esd             ? 
_diffrn.ambient_pressure_gt              ? 
_diffrn.ambient_pressure_lt              ? 
_diffrn.ambient_temp_gt                  ? 
_diffrn.ambient_temp_lt                  ? 
_diffrn.pdbx_serial_crystal_experiment   N 
# 
_diffrn_detector.details                      ? 
_diffrn_detector.detector                     PIXEL 
_diffrn_detector.diffrn_id                    1 
_diffrn_detector.type                         'DECTRIS PILATUS3 6M' 
_diffrn_detector.area_resol_mean              ? 
_diffrn_detector.dtime                        ? 
_diffrn_detector.pdbx_frames_total            ? 
_diffrn_detector.pdbx_collection_time_total   ? 
_diffrn_detector.pdbx_collection_date         2018-08-15 
_diffrn_detector.pdbx_frequency               ? 
# 
_diffrn_radiation.collimation                      ? 
_diffrn_radiation.diffrn_id                        1 
_diffrn_radiation.filter_edge                      ? 
_diffrn_radiation.inhomogeneity                    ? 
_diffrn_radiation.monochromator                    ? 
_diffrn_radiation.polarisn_norm                    ? 
_diffrn_radiation.polarisn_ratio                   ? 
_diffrn_radiation.probe                            ? 
_diffrn_radiation.type                             ? 
_diffrn_radiation.xray_symbol                      ? 
_diffrn_radiation.wavelength_id                    1 
_diffrn_radiation.pdbx_monochromatic_or_laue_m_l   M 
_diffrn_radiation.pdbx_wavelength_list             ? 
_diffrn_radiation.pdbx_wavelength                  ? 
_diffrn_radiation.pdbx_diffrn_protocol             'SINGLE WAVELENGTH' 
_diffrn_radiation.pdbx_analyzer                    ? 
_diffrn_radiation.pdbx_scattering_type             x-ray 
# 
_diffrn_radiation_wavelength.id           1 
_diffrn_radiation_wavelength.wavelength   1 
_diffrn_radiation_wavelength.wt           1.0 
# 
_diffrn_source.current                     ? 
_diffrn_source.details                     ? 
_diffrn_source.diffrn_id                   1 
_diffrn_source.power                       ? 
_diffrn_source.size                        ? 
_diffrn_source.source                      SYNCHROTRON 
_diffrn_source.target                      ? 
_diffrn_source.type                        'ALS BEAMLINE 5.0.2' 
_diffrn_source.voltage                     ? 
_diffrn_source.take-off_angle              ? 
_diffrn_source.pdbx_wavelength_list        1 
_diffrn_source.pdbx_wavelength             ? 
_diffrn_source.pdbx_synchrotron_beamline   5.0.2 
_diffrn_source.pdbx_synchrotron_site       ALS 
# 
_reflns.B_iso_Wilson_estimate            44.680 
_reflns.entry_id                         7JKD 
_reflns.data_reduction_details           ? 
_reflns.data_reduction_method            ? 
_reflns.d_resolution_high                3.050 
_reflns.d_resolution_low                 50.000 
_reflns.details                          ? 
_reflns.limit_h_max                      ? 
_reflns.limit_h_min                      ? 
_reflns.limit_k_max                      ? 
_reflns.limit_k_min                      ? 
_reflns.limit_l_max                      ? 
_reflns.limit_l_min                      ? 
_reflns.number_all                       ? 
_reflns.number_obs                       4289 
_reflns.observed_criterion               ? 
_reflns.observed_criterion_F_max         ? 
_reflns.observed_criterion_F_min         ? 
_reflns.observed_criterion_I_max         ? 
_reflns.observed_criterion_I_min         ? 
_reflns.observed_criterion_sigma_F       ? 
_reflns.observed_criterion_sigma_I       ? 
_reflns.percent_possible_obs             78.600 
_reflns.R_free_details                   ? 
_reflns.Rmerge_F_all                     ? 
_reflns.Rmerge_F_obs                     ? 
_reflns.Friedel_coverage                 ? 
_reflns.number_gt                        ? 
_reflns.threshold_expression             ? 
_reflns.pdbx_redundancy                  5.400 
_reflns.pdbx_Rmerge_I_obs                0.070 
_reflns.pdbx_Rmerge_I_all                ? 
_reflns.pdbx_Rsym_value                  ? 
_reflns.pdbx_netI_over_av_sigmaI         ? 
_reflns.pdbx_netI_over_sigmaI            7.500 
_reflns.pdbx_res_netI_over_av_sigmaI_2   ? 
_reflns.pdbx_res_netI_over_sigmaI_2      ? 
_reflns.pdbx_chi_squared                 0.859 
_reflns.pdbx_scaling_rejects             ? 
_reflns.pdbx_d_res_high_opt              ? 
_reflns.pdbx_d_res_low_opt               ? 
_reflns.pdbx_d_res_opt_method            ? 
_reflns.phase_calculation_details        ? 
_reflns.pdbx_Rrim_I_all                  0.077 
_reflns.pdbx_Rpim_I_all                  0.032 
_reflns.pdbx_d_opt                       ? 
_reflns.pdbx_number_measured_all         ? 
_reflns.pdbx_diffrn_id                   1 
_reflns.pdbx_ordinal                     1 
_reflns.pdbx_CC_half                     1.0 
_reflns.pdbx_CC_star                     ? 
_reflns.pdbx_R_split                     ? 
# 
loop_
_reflns_shell.d_res_high 
_reflns_shell.d_res_low 
_reflns_shell.meanI_over_sigI_all 
_reflns_shell.meanI_over_sigI_obs 
_reflns_shell.number_measured_all 
_reflns_shell.number_measured_obs 
_reflns_shell.number_possible 
_reflns_shell.number_unique_all 
_reflns_shell.number_unique_obs 
_reflns_shell.percent_possible_all 
_reflns_shell.percent_possible_obs 
_reflns_shell.Rmerge_F_all 
_reflns_shell.Rmerge_F_obs 
_reflns_shell.Rmerge_I_all 
_reflns_shell.Rmerge_I_obs 
_reflns_shell.meanI_over_sigI_gt 
_reflns_shell.meanI_over_uI_all 
_reflns_shell.meanI_over_uI_gt 
_reflns_shell.number_measured_gt 
_reflns_shell.number_unique_gt 
_reflns_shell.percent_possible_gt 
_reflns_shell.Rmerge_F_gt 
_reflns_shell.Rmerge_I_gt 
_reflns_shell.pdbx_redundancy 
_reflns_shell.pdbx_Rsym_value 
_reflns_shell.pdbx_chi_squared 
_reflns_shell.pdbx_netI_over_sigmaI_all 
_reflns_shell.pdbx_netI_over_sigmaI_obs 
_reflns_shell.pdbx_Rrim_I_all 
_reflns_shell.pdbx_Rpim_I_all 
_reflns_shell.pdbx_rejects 
_reflns_shell.pdbx_ordinal 
_reflns_shell.pdbx_diffrn_id 
_reflns_shell.pdbx_CC_half 
_reflns_shell.pdbx_CC_star 
_reflns_shell.pdbx_R_split 
3.050 3.100  ? ? ? ? ? ? 135 49.100  ? ? ? ? 0.457 ? ? ? ? ? ? ? ? 5.100 ? 0.540 ? ? 0.505 0.213 ? 1  1 0.951 ? ? 
3.100 3.160  ? ? ? ? ? ? 123 49.200  ? ? ? ? 0.155 ? ? ? ? ? ? ? ? 5.200 ? 0.659 ? ? 0.171 0.072 ? 2  1 0.994 ? ? 
3.160 3.220  ? ? ? ? ? ? 157 55.300  ? ? ? ? 0.091 ? ? ? ? ? ? ? ? 4.900 ? 1.182 ? ? 0.100 0.041 ? 3  1 0.995 ? ? 
3.220 3.290  ? ? ? ? ? ? 139 53.500  ? ? ? ? 0.105 ? ? ? ? ? ? ? ? 4.700 ? 0.833 ? ? 0.116 0.049 ? 4  1 0.996 ? ? 
3.290 3.360  ? ? ? ? ? ? 189 63.000  ? ? ? ? 0.117 ? ? ? ? ? ? ? ? 4.700 ? 0.613 ? ? 0.130 0.056 ? 5  1 0.994 ? ? 
3.360 3.430  ? ? ? ? ? ? 146 58.200  ? ? ? ? 0.113 ? ? ? ? ? ? ? ? 5.700 ? 0.744 ? ? 0.124 0.050 ? 6  1 0.996 ? ? 
3.430 3.520  ? ? ? ? ? ? 194 66.000  ? ? ? ? 0.112 ? ? ? ? ? ? ? ? 5.300 ? 0.914 ? ? 0.123 0.049 ? 7  1 0.997 ? ? 
3.520 3.620  ? ? ? ? ? ? 179 70.500  ? ? ? ? 0.132 ? ? ? ? ? ? ? ? 5.600 ? 0.631 ? ? 0.145 0.059 ? 8  1 0.995 ? ? 
3.620 3.720  ? ? ? ? ? ? 191 70.200  ? ? ? ? 0.181 ? ? ? ? ? ? ? ? 5.300 ? 0.633 ? ? 0.199 0.082 ? 9  1 0.983 ? ? 
3.720 3.840  ? ? ? ? ? ? 224 78.000  ? ? ? ? 0.209 ? ? ? ? ? ? ? ? 5.100 ? 0.573 ? ? 0.232 0.098 ? 10 1 0.981 ? ? 
3.840 3.980  ? ? ? ? ? ? 228 79.700  ? ? ? ? 0.140 ? ? ? ? ? ? ? ? 4.800 ? 0.723 ? ? 0.156 0.068 ? 11 1 0.990 ? ? 
3.980 4.140  ? ? ? ? ? ? 228 90.500  ? ? ? ? 0.137 ? ? ? ? ? ? ? ? 4.900 ? 0.682 ? ? 0.152 0.065 ? 12 1 0.996 ? ? 
4.140 4.330  ? ? ? ? ? ? 252 92.300  ? ? ? ? 0.131 ? ? ? ? ? ? ? ? 5.300 ? 0.619 ? ? 0.144 0.060 ? 13 1 0.995 ? ? 
4.330 4.560  ? ? ? ? ? ? 269 97.800  ? ? ? ? 0.138 ? ? ? ? ? ? ? ? 5.500 ? 0.567 ? ? 0.152 0.062 ? 14 1 0.989 ? ? 
4.560 4.840  ? ? ? ? ? ? 273 97.200  ? ? ? ? 0.113 ? ? ? ? ? ? ? ? 5.600 ? 0.632 ? ? 0.124 0.051 ? 15 1 0.997 ? ? 
4.840 5.210  ? ? ? ? ? ? 279 99.300  ? ? ? ? 0.096 ? ? ? ? ? ? ? ? 5.400 ? 0.808 ? ? 0.107 0.046 ? 16 1 0.993 ? ? 
5.210 5.740  ? ? ? ? ? ? 252 99.600  ? ? ? ? 0.065 ? ? ? ? ? ? ? ? 5.700 ? 0.823 ? ? 0.072 0.030 ? 17 1 0.997 ? ? 
5.740 6.570  ? ? ? ? ? ? 279 100.000 ? ? ? ? 0.058 ? ? ? ? ? ? ? ? 6.100 ? 0.901 ? ? 0.063 0.025 ? 18 1 0.998 ? ? 
6.570 8.270  ? ? ? ? ? ? 272 100.000 ? ? ? ? 0.047 ? ? ? ? ? ? ? ? 5.600 ? 1.219 ? ? 0.052 0.022 ? 19 1 0.997 ? ? 
8.270 50.000 ? ? ? ? ? ? 280 99.600  ? ? ? ? 0.056 ? ? ? ? ? ? ? ? 5.900 ? 2.091 ? ? 0.062 0.026 ? 20 1 0.998 ? ? 
# 
_refine.aniso_B[1][1]                            ? 
_refine.aniso_B[1][2]                            ? 
_refine.aniso_B[1][3]                            ? 
_refine.aniso_B[2][2]                            ? 
_refine.aniso_B[2][3]                            ? 
_refine.aniso_B[3][3]                            ? 
_refine.B_iso_max                                138.590 
_refine.B_iso_mean                               72.1837 
_refine.B_iso_min                                33.830 
_refine.correlation_coeff_Fo_to_Fc               ? 
_refine.correlation_coeff_Fo_to_Fc_free          ? 
_refine.details                                  ? 
_refine.diff_density_max                         ? 
_refine.diff_density_max_esd                     ? 
_refine.diff_density_min                         ? 
_refine.diff_density_min_esd                     ? 
_refine.diff_density_rms                         ? 
_refine.diff_density_rms_esd                     ? 
_refine.entry_id                                 7JKD 
_refine.pdbx_refine_id                           'X-RAY DIFFRACTION' 
_refine.ls_abs_structure_details                 ? 
_refine.ls_abs_structure_Flack                   ? 
_refine.ls_abs_structure_Flack_esd               ? 
_refine.ls_abs_structure_Rogers                  ? 
_refine.ls_abs_structure_Rogers_esd              ? 
_refine.ls_d_res_high                            3.0580 
_refine.ls_d_res_low                             33.9850 
_refine.ls_extinction_coef                       ? 
_refine.ls_extinction_coef_esd                   ? 
_refine.ls_extinction_expression                 ? 
_refine.ls_extinction_method                     ? 
_refine.ls_goodness_of_fit_all                   ? 
_refine.ls_goodness_of_fit_all_esd               ? 
_refine.ls_goodness_of_fit_obs                   ? 
_refine.ls_goodness_of_fit_obs_esd               ? 
_refine.ls_hydrogen_treatment                    ? 
_refine.ls_matrix_type                           ? 
_refine.ls_number_constraints                    ? 
_refine.ls_number_parameters                     ? 
_refine.ls_number_reflns_all                     ? 
_refine.ls_number_reflns_obs                     4208 
_refine.ls_number_reflns_R_free                  410 
_refine.ls_number_reflns_R_work                  3798 
_refine.ls_number_restraints                     ? 
_refine.ls_percent_reflns_obs                    77.2500 
_refine.ls_percent_reflns_R_free                 9.7400 
_refine.ls_R_factor_all                          ? 
_refine.ls_R_factor_obs                          0.2394 
_refine.ls_R_factor_R_free                       0.2700 
_refine.ls_R_factor_R_free_error                 ? 
_refine.ls_R_factor_R_free_error_details         ? 
_refine.ls_R_factor_R_work                       0.2362 
_refine.ls_R_Fsqd_factor_obs                     ? 
_refine.ls_R_I_factor_obs                        ? 
_refine.ls_redundancy_reflns_all                 ? 
_refine.ls_redundancy_reflns_obs                 ? 
_refine.ls_restrained_S_all                      ? 
_refine.ls_restrained_S_obs                      ? 
_refine.ls_shift_over_esd_max                    ? 
_refine.ls_shift_over_esd_mean                   ? 
_refine.ls_structure_factor_coef                 ? 
_refine.ls_weighting_details                     ? 
_refine.ls_weighting_scheme                      ? 
_refine.ls_wR_factor_all                         ? 
_refine.ls_wR_factor_obs                         ? 
_refine.ls_wR_factor_R_free                      ? 
_refine.ls_wR_factor_R_work                      ? 
_refine.occupancy_max                            ? 
_refine.occupancy_min                            ? 
_refine.solvent_model_details                    'FLAT BULK SOLVENT MODEL' 
_refine.solvent_model_param_bsol                 ? 
_refine.solvent_model_param_ksol                 ? 
_refine.pdbx_R_complete                          ? 
_refine.ls_R_factor_gt                           ? 
_refine.ls_goodness_of_fit_gt                    ? 
_refine.ls_goodness_of_fit_ref                   ? 
_refine.ls_shift_over_su_max                     ? 
_refine.ls_shift_over_su_max_lt                  ? 
_refine.ls_shift_over_su_mean                    ? 
_refine.ls_shift_over_su_mean_lt                 ? 
_refine.pdbx_ls_sigma_I                          ? 
_refine.pdbx_ls_sigma_F                          2.010 
_refine.pdbx_ls_sigma_Fsqd                       ? 
_refine.pdbx_data_cutoff_high_absF               ? 
_refine.pdbx_data_cutoff_high_rms_absF           ? 
_refine.pdbx_data_cutoff_low_absF                ? 
_refine.pdbx_isotropic_thermal_model             ? 
_refine.pdbx_ls_cross_valid_method               THROUGHOUT 
_refine.pdbx_method_to_determine_struct          'MOLECULAR REPLACEMENT' 
_refine.pdbx_starting_model                      5VY6 
_refine.pdbx_stereochemistry_target_values       ML 
_refine.pdbx_R_Free_selection_details            ? 
_refine.pdbx_stereochem_target_val_spec_case     ? 
_refine.pdbx_overall_ESU_R                       ? 
_refine.pdbx_overall_ESU_R_Free                  ? 
_refine.pdbx_solvent_vdw_probe_radii             1.1100 
_refine.pdbx_solvent_ion_probe_radii             ? 
_refine.pdbx_solvent_shrinkage_radii             0.9000 
_refine.pdbx_real_space_R                        ? 
_refine.pdbx_density_correlation                 ? 
_refine.pdbx_pd_number_of_powder_patterns        ? 
_refine.pdbx_pd_number_of_points                 ? 
_refine.pdbx_pd_meas_number_of_points            ? 
_refine.pdbx_pd_proc_ls_prof_R_factor            ? 
_refine.pdbx_pd_proc_ls_prof_wR_factor           ? 
_refine.pdbx_pd_Marquardt_correlation_coeff      ? 
_refine.pdbx_pd_Fsqrd_R_factor                   ? 
_refine.pdbx_pd_ls_matrix_band_width             ? 
_refine.pdbx_overall_phase_error                 43.3000 
_refine.pdbx_overall_SU_R_free_Cruickshank_DPI   ? 
_refine.pdbx_overall_SU_R_free_Blow_DPI          ? 
_refine.pdbx_overall_SU_R_Blow_DPI               ? 
_refine.pdbx_TLS_residual_ADP_flag               ? 
_refine.pdbx_diffrn_id                           1 
_refine.overall_SU_B                             ? 
_refine.overall_SU_ML                            0.2900 
_refine.overall_SU_R_Cruickshank_DPI             ? 
_refine.overall_SU_R_free                        ? 
_refine.overall_FOM_free_R_set                   ? 
_refine.overall_FOM_work_R_set                   ? 
_refine.pdbx_average_fsc_overall                 ? 
_refine.pdbx_average_fsc_work                    ? 
_refine.pdbx_average_fsc_free                    ? 
# 
_refine_hist.pdbx_refine_id                   'X-RAY DIFFRACTION' 
_refine_hist.cycle_id                         final 
_refine_hist.details                          ? 
_refine_hist.d_res_high                       3.0580 
_refine_hist.d_res_low                        33.9850 
_refine_hist.number_atoms_solvent             0 
_refine_hist.number_atoms_total               856 
_refine_hist.number_reflns_all                ? 
_refine_hist.number_reflns_obs                ? 
_refine_hist.number_reflns_R_free             ? 
_refine_hist.number_reflns_R_work             ? 
_refine_hist.R_factor_all                     ? 
_refine_hist.R_factor_obs                     ? 
_refine_hist.R_factor_R_free                  ? 
_refine_hist.R_factor_R_work                  ? 
_refine_hist.pdbx_number_residues_total       42 
_refine_hist.pdbx_B_iso_mean_ligand           124.52 
_refine_hist.pdbx_B_iso_mean_solvent          ? 
_refine_hist.pdbx_number_atoms_protein        0 
_refine_hist.pdbx_number_atoms_nucleic_acid   855 
_refine_hist.pdbx_number_atoms_ligand         1 
_refine_hist.pdbx_number_atoms_lipid          ? 
_refine_hist.pdbx_number_atoms_carb           ? 
_refine_hist.pdbx_pseudo_atom_details         ? 
# 
loop_
_refine_ls_restr.pdbx_refine_id 
_refine_ls_restr.criterion 
_refine_ls_restr.dev_ideal 
_refine_ls_restr.dev_ideal_target 
_refine_ls_restr.number 
_refine_ls_restr.rejects 
_refine_ls_restr.type 
_refine_ls_restr.weight 
_refine_ls_restr.pdbx_restraint_function 
'X-RAY DIFFRACTION' ? 0.004  ? 956  ? f_bond_d           ? ? 
'X-RAY DIFFRACTION' ? 0.597  ? 1467 ? f_angle_d          ? ? 
'X-RAY DIFFRACTION' ? 0.027  ? 166  ? f_chiral_restr     ? ? 
'X-RAY DIFFRACTION' ? 0.003  ? 42   ? f_plane_restr      ? ? 
'X-RAY DIFFRACTION' ? 34.746 ? 406  ? f_dihedral_angle_d ? ? 
# 
loop_
_refine_ls_shell.pdbx_refine_id 
_refine_ls_shell.d_res_high 
_refine_ls_shell.d_res_low 
_refine_ls_shell.number_reflns_all 
_refine_ls_shell.number_reflns_obs 
_refine_ls_shell.number_reflns_R_free 
_refine_ls_shell.number_reflns_R_work 
_refine_ls_shell.percent_reflns_obs 
_refine_ls_shell.percent_reflns_R_free 
_refine_ls_shell.R_factor_all 
_refine_ls_shell.R_factor_obs 
_refine_ls_shell.R_factor_R_free 
_refine_ls_shell.R_factor_R_free_error 
_refine_ls_shell.R_factor_R_work 
_refine_ls_shell.redundancy_reflns_all 
_refine_ls_shell.redundancy_reflns_obs 
_refine_ls_shell.wR_factor_all 
_refine_ls_shell.wR_factor_obs 
_refine_ls_shell.wR_factor_R_free 
_refine_ls_shell.wR_factor_R_work 
_refine_ls_shell.pdbx_R_complete 
_refine_ls_shell.pdbx_total_number_of_bins_used 
_refine_ls_shell.pdbx_phase_error 
_refine_ls_shell.pdbx_fsc_work 
_refine_ls_shell.pdbx_fsc_free 
'X-RAY DIFFRACTION' 3.0582 3.5004 . . 88  877  53.0000 . . . 0.2968 0.0000 0.2600 . . . . . . . . . . . 
'X-RAY DIFFRACTION' 3.5004 4.4086 . . 147 1304 80.0000 . . . 0.3489 0.0000 0.3210 . . . . . . . . . . . 
'X-RAY DIFFRACTION' 4.4086 33.985 . . 175 1617 99.0000 . . . 0.2408 0.0000 0.2036 . . . . . . . . . . . 
# 
_struct.entry_id                     7JKD 
_struct.title                        
'Self-assembly of a 3D DNA crystal lattice (4x6 scramble duplex version) containing the J1 immobile Holliday junction' 
_struct.pdbx_model_details           ? 
_struct.pdbx_formula_weight          ? 
_struct.pdbx_formula_weight_method   ? 
_struct.pdbx_model_type_details      ? 
_struct.pdbx_CASP_flag               N 
# 
_struct_keywords.entry_id        7JKD 
_struct_keywords.text            
'Structural DNA nanotechnology, immobile Holliday junctions, 3D DNA self-assembly, designer DNA crystals, DNA' 
_struct_keywords.pdbx_keywords   DNA 
# 
loop_
_struct_asym.id 
_struct_asym.pdbx_blank_PDB_chainid_flag 
_struct_asym.pdbx_modified 
_struct_asym.entity_id 
_struct_asym.details 
A N N 1 ? 
B N N 2 ? 
C N N 3 ? 
D N N 4 ? 
E N N 5 ? 
# 
loop_
_struct_conn.id 
_struct_conn.conn_type_id 
_struct_conn.pdbx_leaving_atom_flag 
_struct_conn.pdbx_PDB_id 
_struct_conn.ptnr1_label_asym_id 
_struct_conn.ptnr1_label_comp_id 
_struct_conn.ptnr1_label_seq_id 
_struct_conn.ptnr1_label_atom_id 
_struct_conn.pdbx_ptnr1_label_alt_id 
_struct_conn.pdbx_ptnr1_PDB_ins_code 
_struct_conn.pdbx_ptnr1_standard_comp_id 
_struct_conn.ptnr1_symmetry 
_struct_conn.ptnr2_label_asym_id 
_struct_conn.ptnr2_label_comp_id 
_struct_conn.ptnr2_label_seq_id 
_struct_conn.ptnr2_label_atom_id 
_struct_conn.pdbx_ptnr2_label_alt_id 
_struct_conn.pdbx_ptnr2_PDB_ins_code 
_struct_conn.ptnr1_auth_asym_id 
_struct_conn.ptnr1_auth_comp_id 
_struct_conn.ptnr1_auth_seq_id 
_struct_conn.ptnr2_auth_asym_id 
_struct_conn.ptnr2_auth_comp_id 
_struct_conn.ptnr2_auth_seq_id 
_struct_conn.ptnr2_symmetry 
_struct_conn.pdbx_ptnr3_label_atom_id 
_struct_conn.pdbx_ptnr3_label_seq_id 
_struct_conn.pdbx_ptnr3_label_comp_id 
_struct_conn.pdbx_ptnr3_label_asym_id 
_struct_conn.pdbx_ptnr3_label_alt_id 
_struct_conn.pdbx_ptnr3_PDB_ins_code 
_struct_conn.details 
_struct_conn.pdbx_dist_value 
_struct_conn.pdbx_value_order 
_struct_conn.pdbx_role 
hydrog1  hydrog ? ? A DA 2  N6 ? ? ? 1_555 D DT 7 O4 ? ? A DA 2  D DT 16 1_555 ? ? ? ? ? ? 'DA-DT PAIR' ? ? ? 
hydrog2  hydrog ? ? A DA 3  N1 ? ? ? 1_555 D DG 6 N1 ? ? A DA 3  D DG 15 1_555 ? ? ? ? ? ? TYPE_8_PAIR  ? ? ? 
hydrog3  hydrog ? ? A DA 3  N6 ? ? ? 1_555 D DG 6 O6 ? ? A DA 3  D DG 15 1_555 ? ? ? ? ? ? TYPE_8_PAIR  ? ? ? 
hydrog4  hydrog ? ? A DC 4  N3 ? ? ? 1_555 D DG 6 N2 ? ? A DC 4  D DG 15 1_555 ? ? ? ? ? ? 'DC-DG PAIR' ? ? ? 
hydrog5  hydrog ? ? A DG 5  N1 ? ? ? 1_555 D DC 5 N3 ? ? A DG 5  D DC 14 1_555 ? ? ? ? ? ? WATSON-CRICK ? ? ? 
hydrog6  hydrog ? ? A DG 5  N2 ? ? ? 1_555 D DC 5 O2 ? ? A DG 5  D DC 14 1_555 ? ? ? ? ? ? WATSON-CRICK ? ? ? 
hydrog7  hydrog ? ? A DG 5  O6 ? ? ? 1_555 D DC 5 N4 ? ? A DG 5  D DC 14 1_555 ? ? ? ? ? ? WATSON-CRICK ? ? ? 
hydrog8  hydrog ? ? A DA 6  N1 ? ? ? 1_555 D DT 4 N3 ? ? A DA 6  D DT 13 1_555 ? ? ? ? ? ? WATSON-CRICK ? ? ? 
hydrog9  hydrog ? ? A DA 6  N6 ? ? ? 1_555 D DT 4 O4 ? ? A DA 6  D DT 13 1_555 ? ? ? ? ? ? WATSON-CRICK ? ? ? 
hydrog10 hydrog ? ? A DC 7  N3 ? ? ? 1_555 D DG 3 N1 ? ? A DC 7  D DG 12 1_555 ? ? ? ? ? ? WATSON-CRICK ? ? ? 
hydrog11 hydrog ? ? A DC 7  N4 ? ? ? 1_555 D DG 3 O6 ? ? A DC 7  D DG 12 1_555 ? ? ? ? ? ? WATSON-CRICK ? ? ? 
hydrog12 hydrog ? ? A DC 7  O2 ? ? ? 1_555 D DG 3 N2 ? ? A DC 7  D DG 12 1_555 ? ? ? ? ? ? WATSON-CRICK ? ? ? 
hydrog13 hydrog ? ? A DA 8  N1 ? ? ? 1_555 D DT 2 N3 ? ? A DA 8  D DT 11 1_555 ? ? ? ? ? ? WATSON-CRICK ? ? ? 
hydrog14 hydrog ? ? A DA 8  N6 ? ? ? 1_555 D DT 2 O4 ? ? A DA 8  D DT 11 1_555 ? ? ? ? ? ? WATSON-CRICK ? ? ? 
hydrog15 hydrog ? ? A DC 9  N3 ? ? ? 1_555 D DG 1 N1 ? ? A DC 9  D DG 10 1_555 ? ? ? ? ? ? WATSON-CRICK ? ? ? 
hydrog16 hydrog ? ? A DC 9  N4 ? ? ? 1_555 D DG 1 O6 ? ? A DC 9  D DG 10 1_555 ? ? ? ? ? ? WATSON-CRICK ? ? ? 
hydrog17 hydrog ? ? A DC 9  O2 ? ? ? 1_555 D DG 1 N2 ? ? A DC 9  D DG 10 1_555 ? ? ? ? ? ? WATSON-CRICK ? ? ? 
hydrog18 hydrog ? ? A DT 10 N3 ? ? ? 1_555 B DA 6 N1 ? ? A DT 10 B DA 5  1_555 ? ? ? ? ? ? WATSON-CRICK ? ? ? 
hydrog19 hydrog ? ? A DT 10 O4 ? ? ? 1_555 B DA 6 N6 ? ? A DT 10 B DA 5  1_555 ? ? ? ? ? ? WATSON-CRICK ? ? ? 
hydrog20 hydrog ? ? A DG 11 N1 ? ? ? 1_555 B DC 5 N3 ? ? A DG 11 B DC 4  1_555 ? ? ? ? ? ? WATSON-CRICK ? ? ? 
hydrog21 hydrog ? ? A DG 11 N2 ? ? ? 1_555 B DC 5 O2 ? ? A DG 11 B DC 4  1_555 ? ? ? ? ? ? WATSON-CRICK ? ? ? 
hydrog22 hydrog ? ? A DG 11 O6 ? ? ? 1_555 B DC 5 N4 ? ? A DG 11 B DC 4  1_555 ? ? ? ? ? ? WATSON-CRICK ? ? ? 
hydrog23 hydrog ? ? A DA 12 N1 ? ? ? 1_555 B DT 4 N3 ? ? A DA 12 B DT 3  1_555 ? ? ? ? ? ? WATSON-CRICK ? ? ? 
hydrog24 hydrog ? ? A DA 12 N6 ? ? ? 1_555 B DT 4 O4 ? ? A DA 12 B DT 3  1_555 ? ? ? ? ? ? WATSON-CRICK ? ? ? 
hydrog25 hydrog ? ? A DC 13 N3 ? ? ? 1_555 B DG 3 N1 ? ? A DC 13 B DG 2  1_555 ? ? ? ? ? ? WATSON-CRICK ? ? ? 
hydrog26 hydrog ? ? A DC 13 N4 ? ? ? 1_555 B DG 3 O6 ? ? A DC 13 B DG 2  1_555 ? ? ? ? ? ? WATSON-CRICK ? ? ? 
hydrog27 hydrog ? ? A DC 13 O2 ? ? ? 1_555 B DG 3 N2 ? ? A DC 13 B DG 2  1_555 ? ? ? ? ? ? WATSON-CRICK ? ? ? 
hydrog28 hydrog ? ? A DG 14 N1 ? ? ? 1_555 B DC 2 N3 ? ? A DG 14 B DC 1  1_555 ? ? ? ? ? ? WATSON-CRICK ? ? ? 
hydrog29 hydrog ? ? A DG 14 N2 ? ? ? 1_555 B DC 2 O2 ? ? A DG 14 B DC 1  1_555 ? ? ? ? ? ? WATSON-CRICK ? ? ? 
hydrog30 hydrog ? ? A DG 14 O6 ? ? ? 1_555 B DC 2 N4 ? ? A DG 14 B DC 1  1_555 ? ? ? ? ? ? WATSON-CRICK ? ? ? 
hydrog31 hydrog ? ? A DG 15 N1 ? ? ? 1_555 B DC 1 N3 ? ? A DG 15 B DC 0  1_555 ? ? ? ? ? ? WATSON-CRICK ? ? ? 
hydrog32 hydrog ? ? A DG 15 N2 ? ? ? 1_555 B DC 1 O2 ? ? A DG 15 B DC 0  1_555 ? ? ? ? ? ? WATSON-CRICK ? ? ? 
hydrog33 hydrog ? ? A DG 15 O6 ? ? ? 1_555 B DC 1 N4 ? ? A DG 15 B DC 0  1_555 ? ? ? ? ? ? WATSON-CRICK ? ? ? 
hydrog34 hydrog ? ? A DA 16 N1 ? ? ? 1_555 C DT 8 N3 ? ? A DA 16 C DT 8  1_555 ? ? ? ? ? ? WATSON-CRICK ? ? ? 
hydrog35 hydrog ? ? A DA 16 N6 ? ? ? 1_555 C DT 8 O4 ? ? A DA 16 C DT 8  1_555 ? ? ? ? ? ? WATSON-CRICK ? ? ? 
hydrog36 hydrog ? ? A DG 17 N1 ? ? ? 1_555 C DC 7 N3 ? ? A DG 17 C DC 7  1_555 ? ? ? ? ? ? WATSON-CRICK ? ? ? 
hydrog37 hydrog ? ? A DG 17 N2 ? ? ? 1_555 C DC 7 O2 ? ? A DG 17 C DC 7  1_555 ? ? ? ? ? ? WATSON-CRICK ? ? ? 
hydrog38 hydrog ? ? A DG 17 O6 ? ? ? 1_555 C DC 7 N4 ? ? A DG 17 C DC 7  1_555 ? ? ? ? ? ? WATSON-CRICK ? ? ? 
hydrog39 hydrog ? ? A DA 18 N1 ? ? ? 1_555 C DT 6 N3 ? ? A DA 18 C DT 6  1_555 ? ? ? ? ? ? WATSON-CRICK ? ? ? 
hydrog40 hydrog ? ? A DA 18 N6 ? ? ? 1_555 C DT 6 O4 ? ? A DA 18 C DT 6  1_555 ? ? ? ? ? ? WATSON-CRICK ? ? ? 
hydrog41 hydrog ? ? A DC 19 N3 ? ? ? 1_555 C DG 5 N1 ? ? A DC 19 C DG 5  1_555 ? ? ? ? ? ? WATSON-CRICK ? ? ? 
hydrog42 hydrog ? ? A DC 19 N4 ? ? ? 1_555 C DG 5 O6 ? ? A DC 19 C DG 5  1_555 ? ? ? ? ? ? WATSON-CRICK ? ? ? 
hydrog43 hydrog ? ? A DC 19 O2 ? ? ? 1_555 C DG 5 N2 ? ? A DC 19 C DG 5  1_555 ? ? ? ? ? ? WATSON-CRICK ? ? ? 
hydrog44 hydrog ? ? A DT 20 N3 ? ? ? 1_555 C DA 4 N1 ? ? A DT 20 C DA 4  1_555 ? ? ? ? ? ? WATSON-CRICK ? ? ? 
hydrog45 hydrog ? ? A DT 20 O4 ? ? ? 1_555 C DA 4 N6 ? ? A DT 20 C DA 4  1_555 ? ? ? ? ? ? WATSON-CRICK ? ? ? 
hydrog46 hydrog ? ? A DC 21 N3 ? ? ? 1_555 C DG 3 N1 ? ? A DC 21 C DG 3  1_555 ? ? ? ? ? ? WATSON-CRICK ? ? ? 
hydrog47 hydrog ? ? A DC 21 N4 ? ? ? 1_555 C DG 3 O6 ? ? A DC 21 C DG 3  1_555 ? ? ? ? ? ? WATSON-CRICK ? ? ? 
hydrog48 hydrog ? ? A DC 21 O2 ? ? ? 1_555 C DG 3 N2 ? ? A DC 21 C DG 3  1_555 ? ? ? ? ? ? WATSON-CRICK ? ? ? 
# 
_struct_conn_type.id          hydrog 
_struct_conn_type.criteria    ? 
_struct_conn_type.reference   ? 
# 
_atom_sites.entry_id                    7JKD 
_atom_sites.Cartn_transf_matrix[1][1]   ? 
_atom_sites.Cartn_transf_matrix[1][2]   ? 
_atom_sites.Cartn_transf_matrix[1][3]   ? 
_atom_sites.Cartn_transf_matrix[2][1]   ? 
_atom_sites.Cartn_transf_matrix[2][2]   ? 
_atom_sites.Cartn_transf_matrix[2][3]   ? 
_atom_sites.Cartn_transf_matrix[3][1]   ? 
_atom_sites.Cartn_transf_matrix[3][2]   ? 
_atom_sites.Cartn_transf_matrix[3][3]   ? 
_atom_sites.Cartn_transf_vector[1]      ? 
_atom_sites.Cartn_transf_vector[2]      ? 
_atom_sites.Cartn_transf_vector[3]      ? 
_atom_sites.fract_transf_matrix[1][1]   0.00017841 
_atom_sites.fract_transf_matrix[1][2]   -0.00378272 
_atom_sites.fract_transf_matrix[1][3]   -0.01656050 
_atom_sites.fract_transf_matrix[2][1]   -0.00384689 
_atom_sites.fract_transf_matrix[2][2]   -0.01572029 
_atom_sites.fract_transf_matrix[2][3]   -0.00516391 
_atom_sites.fract_transf_matrix[3][1]   -0.01725801 
_atom_sites.fract_transf_matrix[3][2]   0.00463179 
_atom_sites.fract_transf_matrix[3][3]   -0.00124391 
_atom_sites.fract_transf_vector[1]      1.137607 
_atom_sites.fract_transf_vector[2]      1.090844 
_atom_sites.fract_transf_vector[3]      -0.058594 
_atom_sites.solution_primary            ? 
_atom_sites.solution_secondary          ? 
_atom_sites.solution_hydrogens          ? 
_atom_sites.special_details             ? 
# 
loop_
_atom_type.symbol 
AS 
C  
N  
O  
P  
# 
loop_
_atom_site.group_PDB 
_atom_site.id 
_atom_site.type_symbol 
_atom_site.label_atom_id 
_atom_site.label_alt_id 
_atom_site.label_comp_id 
_atom_site.label_asym_id 
_atom_site.label_entity_id 
_atom_site.label_seq_id 
_atom_site.pdbx_PDB_ins_code 
_atom_site.Cartn_x 
_atom_site.Cartn_y 
_atom_site.Cartn_z 
_atom_site.occupancy 
_atom_site.B_iso_or_equiv 
_atom_site.pdbx_formal_charge 
_atom_site.auth_seq_id 
_atom_site.auth_comp_id 
_atom_site.auth_asym_id 
_atom_site.auth_atom_id 
_atom_site.pdbx_PDB_model_num 
ATOM   1   O  "O5'" . DG  A 1 1  ? -14.198 -27.884 15.435  1.00 100.48 ? 1   DG  A "O5'" 1 
ATOM   2   C  "C5'" . DG  A 1 1  ? -14.429 -28.681 14.278  1.00 97.31  ? 1   DG  A "C5'" 1 
ATOM   3   C  "C4'" . DG  A 1 1  ? -13.256 -29.608 14.018  1.00 91.23  ? 1   DG  A "C4'" 1 
ATOM   4   O  "O4'" . DG  A 1 1  ? -13.532 -30.415 12.864  1.00 85.52  ? 1   DG  A "O4'" 1 
ATOM   5   C  "C3'" . DG  A 1 1  ? -11.942 -28.902 13.703  1.00 90.21  ? 1   DG  A "C3'" 1 
ATOM   6   O  "O3'" . DG  A 1 1  ? -11.140 -28.827 14.872  1.00 100.08 ? 1   DG  A "O3'" 1 
ATOM   7   C  "C2'" . DG  A 1 1  ? -11.280 -29.777 12.623  1.00 82.56  ? 1   DG  A "C2'" 1 
ATOM   8   C  "C1'" . DG  A 1 1  ? -12.311 -30.866 12.340  1.00 80.82  ? 1   DG  A "C1'" 1 
ATOM   9   N  N9    . DG  A 1 1  ? -12.496 -31.155 10.920  1.00 75.26  ? 1   DG  A N9    1 
ATOM   10  C  C8    . DG  A 1 1  ? -13.628 -30.932 10.174  1.00 72.60  ? 1   DG  A C8    1 
ATOM   11  N  N7    . DG  A 1 1  ? -13.511 -31.303 8.930   1.00 68.87  ? 1   DG  A N7    1 
ATOM   12  C  C5    . DG  A 1 1  ? -12.221 -31.808 8.845   1.00 68.64  ? 1   DG  A C5    1 
ATOM   13  C  C6    . DG  A 1 1  ? -11.530 -32.356 7.740   1.00 63.99  ? 1   DG  A C6    1 
ATOM   14  O  O6    . DG  A 1 1  ? -11.937 -32.508 6.581   1.00 57.79  ? 1   DG  A O6    1 
ATOM   15  N  N1    . DG  A 1 1  ? -10.239 -32.748 8.082   1.00 64.22  ? 1   DG  A N1    1 
ATOM   16  C  C2    . DG  A 1 1  ? -9.684  -32.623 9.334   1.00 70.98  ? 1   DG  A C2    1 
ATOM   17  N  N2    . DG  A 1 1  ? -8.423  -33.060 9.472   1.00 70.42  ? 1   DG  A N2    1 
ATOM   18  N  N3    . DG  A 1 1  ? -10.322 -32.113 10.381  1.00 70.71  ? 1   DG  A N3    1 
ATOM   19  C  C4    . DG  A 1 1  ? -11.582 -31.726 10.062  1.00 71.62  ? 1   DG  A C4    1 
ATOM   20  P  P     . DA  A 1 2  ? -9.890  -27.819 14.926  1.00 101.70 ? 2   DA  A P     1 
ATOM   21  O  OP1   . DA  A 1 2  ? -9.604  -27.532 16.349  1.00 88.29  ? 2   DA  A OP1   1 
ATOM   22  O  OP2   . DA  A 1 2  ? -10.177 -26.714 13.985  1.00 94.86  ? 2   DA  A OP2   1 
ATOM   23  O  "O5'" . DA  A 1 2  ? -8.683  -28.666 14.310  1.00 96.68  ? 2   DA  A "O5'" 1 
ATOM   24  C  "C5'" . DA  A 1 2  ? -7.432  -28.037 14.068  1.00 91.09  ? 2   DA  A "C5'" 1 
ATOM   25  C  "C4'" . DA  A 1 2  ? -6.450  -29.006 13.438  1.00 91.12  ? 2   DA  A "C4'" 1 
ATOM   26  O  "O4'" . DA  A 1 2  ? -7.114  -29.752 12.388  1.00 85.04  ? 2   DA  A "O4'" 1 
ATOM   27  C  "C3'" . DA  A 1 2  ? -5.269  -28.351 12.750  1.00 95.74  ? 2   DA  A "C3'" 1 
ATOM   28  O  "O3'" . DA  A 1 2  ? -4.201  -29.283 12.641  1.00 103.65 ? 2   DA  A "O3'" 1 
ATOM   29  C  "C2'" . DA  A 1 2  ? -5.863  -28.017 11.387  1.00 95.57  ? 2   DA  A "C2'" 1 
ATOM   30  C  "C1'" . DA  A 1 2  ? -6.706  -29.261 11.121  1.00 85.60  ? 2   DA  A "C1'" 1 
ATOM   31  N  N9    . DA  A 1 2  ? -7.905  -29.017 10.324  1.00 81.14  ? 2   DA  A N9    1 
ATOM   32  C  C8    . DA  A 1 2  ? -9.030  -28.350 10.718  1.00 83.59  ? 2   DA  A C8    1 
ATOM   33  N  N7    . DA  A 1 2  ? -9.968  -28.303 9.802   1.00 76.13  ? 2   DA  A N7    1 
ATOM   34  C  C5    . DA  A 1 2  ? -9.422  -28.988 8.732   1.00 72.58  ? 2   DA  A C5    1 
ATOM   35  C  C6    . DA  A 1 2  ? -9.914  -29.291 7.448   1.00 78.00  ? 2   DA  A C6    1 
ATOM   36  N  N6    . DA  A 1 2  ? -11.123 -28.917 7.016   1.00 79.26  ? 2   DA  A N6    1 
ATOM   37  N  N1    . DA  A 1 2  ? -9.112  -29.992 6.620   1.00 77.82  ? 2   DA  A N1    1 
ATOM   38  C  C2    . DA  A 1 2  ? -7.901  -30.364 7.054   1.00 78.59  ? 2   DA  A C2    1 
ATOM   39  N  N3    . DA  A 1 2  ? -7.331  -30.140 8.238   1.00 74.80  ? 2   DA  A N3    1 
ATOM   40  C  C4    . DA  A 1 2  ? -8.150  -29.441 9.037   1.00 73.27  ? 2   DA  A C4    1 
ATOM   41  P  P     . DA  A 1 3  ? -2.771  -28.810 12.085  1.00 111.49 ? 3   DA  A P     1 
ATOM   42  O  OP1   . DA  A 1 3  ? -1.766  -29.801 12.532  1.00 108.56 ? 3   DA  A OP1   1 
ATOM   43  O  OP2   . DA  A 1 3  ? -2.603  -27.380 12.427  1.00 103.06 ? 3   DA  A OP2   1 
ATOM   44  O  "O5'" . DA  A 1 3  ? -2.925  -28.916 10.498  1.00 96.75  ? 3   DA  A "O5'" 1 
ATOM   45  C  "C5'" . DA  A 1 3  ? -2.110  -28.124 9.655   1.00 91.61  ? 3   DA  A "C5'" 1 
ATOM   46  C  "C4'" . DA  A 1 3  ? -1.919  -28.797 8.310   1.00 91.61  ? 3   DA  A "C4'" 1 
ATOM   47  O  "O4'" . DA  A 1 3  ? -3.210  -29.141 7.754   1.00 89.14  ? 3   DA  A "O4'" 1 
ATOM   48  C  "C3'" . DA  A 1 3  ? -1.243  -27.935 7.261   1.00 92.99  ? 3   DA  A "C3'" 1 
ATOM   49  O  "O3'" . DA  A 1 3  ? -0.537  -28.748 6.339   1.00 96.14  ? 3   DA  A "O3'" 1 
ATOM   50  C  "C2'" . DA  A 1 3  ? -2.419  -27.217 6.603   1.00 92.42  ? 3   DA  A "C2'" 1 
ATOM   51  C  "C1'" . DA  A 1 3  ? -3.553  -28.240 6.716   1.00 82.39  ? 3   DA  A "C1'" 1 
ATOM   52  N  N9    . DA  A 1 3  ? -4.843  -27.635 7.042   1.00 79.37  ? 3   DA  A N9    1 
ATOM   53  C  C8    . DA  A 1 3  ? -5.182  -26.996 8.201   1.00 80.81  ? 3   DA  A C8    1 
ATOM   54  N  N7    . DA  A 1 3  ? -6.414  -26.546 8.219   1.00 78.08  ? 3   DA  A N7    1 
ATOM   55  C  C5    . DA  A 1 3  ? -6.920  -26.915 6.983   1.00 77.99  ? 3   DA  A C5    1 
ATOM   56  C  C6    . DA  A 1 3  ? -8.181  -26.729 6.380   1.00 76.67  ? 3   DA  A C6    1 
ATOM   57  N  N6    . DA  A 1 3  ? -9.197  -26.099 6.977   1.00 80.54  ? 3   DA  A N6    1 
ATOM   58  N  N1    . DA  A 1 3  ? -8.356  -27.221 5.136   1.00 74.00  ? 3   DA  A N1    1 
ATOM   59  C  C2    . DA  A 1 3  ? -7.336  -27.852 4.541   1.00 75.40  ? 3   DA  A C2    1 
ATOM   60  N  N3    . DA  A 1 3  ? -6.109  -28.085 5.006   1.00 74.31  ? 3   DA  A N3    1 
ATOM   61  C  C4    . DA  A 1 3  ? -5.964  -27.587 6.244   1.00 75.22  ? 3   DA  A C4    1 
ATOM   62  P  P     . DC  A 1 4  ? 0.784   -28.181 5.620   1.00 99.49  ? 4   DC  A P     1 
ATOM   63  O  OP1   . DC  A 1 4  ? 1.779   -29.276 5.569   1.00 99.84  ? 4   DC  A OP1   1 
ATOM   64  O  OP2   . DC  A 1 4  ? 1.136   -26.900 6.269   1.00 94.49  ? 4   DC  A OP2   1 
ATOM   65  O  "O5'" . DC  A 1 4  ? 0.296   -27.859 4.135   1.00 80.88  ? 4   DC  A "O5'" 1 
ATOM   66  C  "C5'" . DC  A 1 4  ? -0.253  -28.895 3.336   1.00 90.19  ? 4   DC  A "C5'" 1 
ATOM   67  C  "C4'" . DC  A 1 4  ? -0.948  -28.319 2.119   1.00 91.10  ? 4   DC  A "C4'" 1 
ATOM   68  O  "O4'" . DC  A 1 4  ? -2.309  -27.973 2.455   1.00 88.08  ? 4   DC  A "O4'" 1 
ATOM   69  C  "C3'" . DC  A 1 4  ? -0.310  -27.046 1.558   1.00 91.29  ? 4   DC  A "C3'" 1 
ATOM   70  O  "O3'" . DC  A 1 4  ? 0.169   -27.289 0.243   1.00 90.91  ? 4   DC  A "O3'" 1 
ATOM   71  C  "C2'" . DC  A 1 4  ? -1.441  -26.003 1.577   1.00 90.98  ? 4   DC  A "C2'" 1 
ATOM   72  C  "C1'" . DC  A 1 4  ? -2.689  -26.865 1.684   1.00 84.23  ? 4   DC  A "C1'" 1 
ATOM   73  N  N1    . DC  A 1 4  ? -3.831  -26.193 2.368   1.00 76.73  ? 4   DC  A N1    1 
ATOM   74  C  C2    . DC  A 1 4  ? -5.016  -25.949 1.664   1.00 71.67  ? 4   DC  A C2    1 
ATOM   75  O  O2    . DC  A 1 4  ? -5.096  -26.289 0.477   1.00 64.93  ? 4   DC  A O2    1 
ATOM   76  N  N3    . DC  A 1 4  ? -6.046  -25.343 2.307   1.00 69.30  ? 4   DC  A N3    1 
ATOM   77  C  C4    . DC  A 1 4  ? -5.920  -24.990 3.588   1.00 70.69  ? 4   DC  A C4    1 
ATOM   78  N  N4    . DC  A 1 4  ? -6.962  -24.397 4.179   1.00 70.31  ? 4   DC  A N4    1 
ATOM   79  C  C5    . DC  A 1 4  ? -4.722  -25.233 4.319   1.00 70.16  ? 4   DC  A C5    1 
ATOM   80  C  C6    . DC  A 1 4  ? -3.714  -25.833 3.677   1.00 72.25  ? 4   DC  A C6    1 
ATOM   81  P  P     . DG  A 1 5  ? 0.963   -26.143 -0.554  1.00 107.44 ? 5   DG  A P     1 
ATOM   82  O  OP1   . DG  A 1 5  ? 1.890   -26.808 -1.496  1.00 103.28 ? 5   DG  A OP1   1 
ATOM   83  O  OP2   . DG  A 1 5  ? 1.492   -25.188 0.446   1.00 103.27 ? 5   DG  A OP2   1 
ATOM   84  O  "O5'" . DG  A 1 5  ? -0.183  -25.404 -1.388  1.00 97.00  ? 5   DG  A "O5'" 1 
ATOM   85  C  "C5'" . DG  A 1 5  ? -1.200  -26.172 -2.023  1.00 96.88  ? 5   DG  A "C5'" 1 
ATOM   86  C  "C4'" . DG  A 1 5  ? -2.313  -25.276 -2.534  1.00 92.61  ? 5   DG  A "C4'" 1 
ATOM   87  O  "O4'" . DG  A 1 5  ? -3.218  -24.952 -1.455  1.00 86.40  ? 5   DG  A "O4'" 1 
ATOM   88  C  "C3'" . DG  A 1 5  ? -1.843  -23.941 -3.116  1.00 93.55  ? 5   DG  A "C3'" 1 
ATOM   89  O  "O3'" . DG  A 1 5  ? -2.229  -23.847 -4.477  1.00 103.92 ? 5   DG  A "O3'" 1 
ATOM   90  C  "C2'" . DG  A 1 5  ? -2.533  -22.875 -2.249  1.00 84.03  ? 5   DG  A "C2'" 1 
ATOM   91  C  "C1'" . DG  A 1 5  ? -3.694  -23.645 -1.638  1.00 74.97  ? 5   DG  A "C1'" 1 
ATOM   92  N  N9    . DG  A 1 5  ? -4.125  -23.131 -0.338  1.00 71.50  ? 5   DG  A N9    1 
ATOM   93  C  C8    . DG  A 1 5  ? -3.379  -23.073 0.815   1.00 69.71  ? 5   DG  A C8    1 
ATOM   94  N  N7    . DG  A 1 5  ? -4.030  -22.575 1.830   1.00 63.45  ? 5   DG  A N7    1 
ATOM   95  C  C5    . DG  A 1 5  ? -5.289  -22.287 1.320   1.00 66.47  ? 5   DG  A C5    1 
ATOM   96  C  C6    . DG  A 1 5  ? -6.424  -21.729 1.957   1.00 67.30  ? 5   DG  A C6    1 
ATOM   97  O  O6    . DG  A 1 5  ? -6.542  -21.368 3.136   1.00 70.26  ? 5   DG  A O6    1 
ATOM   98  N  N1    . DG  A 1 5  ? -7.498  -21.605 1.081   1.00 65.38  ? 5   DG  A N1    1 
ATOM   99  C  C2    . DG  A 1 5  ? -7.479  -21.973 -0.244  1.00 68.04  ? 5   DG  A C2    1 
ATOM   100 N  N2    . DG  A 1 5  ? -8.613  -21.777 -0.932  1.00 69.27  ? 5   DG  A N2    1 
ATOM   101 N  N3    . DG  A 1 5  ? -6.422  -22.498 -0.853  1.00 68.27  ? 5   DG  A N3    1 
ATOM   102 C  C4    . DG  A 1 5  ? -5.366  -22.626 -0.013  1.00 69.32  ? 5   DG  A C4    1 
ATOM   103 P  P     . DA  A 1 6  ? -1.367  -22.958 -5.498  1.00 102.99 ? 6   DA  A P     1 
ATOM   104 O  OP1   . DA  A 1 6  ? -1.739  -23.363 -6.871  1.00 107.72 ? 6   DA  A OP1   1 
ATOM   105 O  OP2   . DA  A 1 6  ? 0.049   -23.020 -5.070  1.00 97.44  ? 6   DA  A OP2   1 
ATOM   106 O  "O5'" . DA  A 1 6  ? -1.894  -21.472 -5.237  1.00 105.70 ? 6   DA  A "O5'" 1 
ATOM   107 C  "C5'" . DA  A 1 6  ? -2.576  -20.774 -6.265  1.00 106.01 ? 6   DA  A "C5'" 1 
ATOM   108 C  "C4'" . DA  A 1 6  ? -3.937  -20.297 -5.792  1.00 101.73 ? 6   DA  A "C4'" 1 
ATOM   109 O  "O4'" . DA  A 1 6  ? -4.105  -20.597 -4.397  1.00 92.44  ? 6   DA  A "O4'" 1 
ATOM   110 C  "C3'" . DA  A 1 6  ? -4.148  -18.797 -5.877  1.00 100.16 ? 6   DA  A "C3'" 1 
ATOM   111 O  "O3'" . DA  A 1 6  ? -4.669  -18.455 -7.153  1.00 94.94  ? 6   DA  A "O3'" 1 
ATOM   112 C  "C2'" . DA  A 1 6  ? -5.160  -18.506 -4.754  1.00 95.49  ? 6   DA  A "C2'" 1 
ATOM   113 C  "C1'" . DA  A 1 6  ? -5.124  -19.768 -3.887  1.00 85.23  ? 6   DA  A "C1'" 1 
ATOM   114 N  N9    . DA  A 1 6  ? -4.863  -19.514 -2.471  1.00 75.29  ? 6   DA  A N9    1 
ATOM   115 C  C8    . DA  A 1 6  ? -3.673  -19.654 -1.814  1.00 74.53  ? 6   DA  A C8    1 
ATOM   116 N  N7    . DA  A 1 6  ? -3.737  -19.371 -0.534  1.00 69.23  ? 6   DA  A N7    1 
ATOM   117 C  C5    . DA  A 1 6  ? -5.062  -19.024 -0.336  1.00 71.79  ? 6   DA  A C5    1 
ATOM   118 C  C6    . DA  A 1 6  ? -5.777  -18.619 0.810   1.00 68.43  ? 6   DA  A C6    1 
ATOM   119 N  N6    . DA  A 1 6  ? -5.218  -18.493 2.019   1.00 62.86  ? 6   DA  A N6    1 
ATOM   120 N  N1    . DA  A 1 6  ? -7.091  -18.347 0.665   1.00 70.39  ? 6   DA  A N1    1 
ATOM   121 C  C2    . DA  A 1 6  ? -7.645  -18.473 -0.547  1.00 75.86  ? 6   DA  A C2    1 
ATOM   122 N  N3    . DA  A 1 6  ? -7.078  -18.846 -1.695  1.00 76.85  ? 6   DA  A N3    1 
ATOM   123 C  C4    . DA  A 1 6  ? -5.773  -19.109 -1.518  1.00 75.50  ? 6   DA  A C4    1 
ATOM   124 P  P     . DC  A 1 7  ? -4.423  -16.986 -7.752  1.00 114.51 ? 7   DC  A P     1 
ATOM   125 O  OP1   . DC  A 1 7  ? -5.358  -16.800 -8.884  1.00 114.40 ? 7   DC  A OP1   1 
ATOM   126 O  OP2   . DC  A 1 7  ? -2.966  -16.827 -7.963  1.00 118.58 ? 7   DC  A OP2   1 
ATOM   127 O  "O5'" . DC  A 1 7  ? -4.846  -16.014 -6.554  1.00 104.68 ? 7   DC  A "O5'" 1 
ATOM   128 C  "C5'" . DC  A 1 7  ? -5.554  -14.816 -6.823  1.00 102.92 ? 7   DC  A "C5'" 1 
ATOM   129 C  "C4'" . DC  A 1 7  ? -6.815  -14.741 -5.982  1.00 98.39  ? 7   DC  A "C4'" 1 
ATOM   130 O  "O4'" . DC  A 1 7  ? -6.747  -15.713 -4.915  1.00 93.03  ? 7   DC  A "O4'" 1 
ATOM   131 C  "C3'" . DC  A 1 7  ? -7.033  -13.416 -5.280  1.00 96.68  ? 7   DC  A "C3'" 1 
ATOM   132 O  "O3'" . DC  A 1 7  ? -7.685  -12.509 -6.156  1.00 99.58  ? 7   DC  A "O3'" 1 
ATOM   133 C  "C2'" . DC  A 1 7  ? -7.932  -13.813 -4.114  1.00 91.40  ? 7   DC  A "C2'" 1 
ATOM   134 C  "C1'" . DC  A 1 7  ? -7.441  -15.225 -3.778  1.00 89.88  ? 7   DC  A "C1'" 1 
ATOM   135 N  N1    . DC  A 1 7  ? -6.524  -15.286 -2.597  1.00 84.45  ? 7   DC  A N1    1 
ATOM   136 C  C2    . DC  A 1 7  ? -7.028  -15.062 -1.306  1.00 83.23  ? 7   DC  A C2    1 
ATOM   137 O  O2    . DC  A 1 7  ? -8.230  -14.805 -1.162  1.00 85.21  ? 7   DC  A O2    1 
ATOM   138 N  N3    . DC  A 1 7  ? -6.180  -15.131 -0.251  1.00 77.96  ? 7   DC  A N3    1 
ATOM   139 C  C4    . DC  A 1 7  ? -4.890  -15.410 -0.444  1.00 75.30  ? 7   DC  A C4    1 
ATOM   140 N  N4    . DC  A 1 7  ? -4.093  -15.467 0.628   1.00 68.07  ? 7   DC  A N4    1 
ATOM   141 C  C5    . DC  A 1 7  ? -4.360  -15.645 -1.748  1.00 75.72  ? 7   DC  A C5    1 
ATOM   142 C  C6    . DC  A 1 7  ? -5.204  -15.575 -2.783  1.00 79.79  ? 7   DC  A C6    1 
ATOM   143 P  P     . DA  A 1 8  ? -7.446  -10.928 -6.003  1.00 116.66 ? 8   DA  A P     1 
ATOM   144 O  OP1   . DA  A 1 8  ? -8.021  -10.270 -7.196  1.00 115.19 ? 8   DA  A OP1   1 
ATOM   145 O  OP2   . DA  A 1 8  ? -6.023  -10.716 -5.656  1.00 112.37 ? 8   DA  A OP2   1 
ATOM   146 O  "O5'" . DA  A 1 8  ? -8.322  -10.532 -4.728  1.00 89.86  ? 8   DA  A "O5'" 1 
ATOM   147 C  "C5'" . DA  A 1 8  ? -9.726  -10.758 -4.733  1.00 89.42  ? 8   DA  A "C5'" 1 
ATOM   148 C  "C4'" . DA  A 1 8  ? -10.319 -10.482 -3.366  1.00 86.19  ? 8   DA  A "C4'" 1 
ATOM   149 O  "O4'" . DA  A 1 8  ? -9.604  -11.254 -2.364  1.00 90.06  ? 8   DA  A "O4'" 1 
ATOM   150 C  "C3'" . DA  A 1 8  ? -10.232 -9.030  -2.911  1.00 85.81  ? 8   DA  A "C3'" 1 
ATOM   151 O  "O3'" . DA  A 1 8  ? -11.373 -8.702  -2.129  1.00 88.36  ? 8   DA  A "O3'" 1 
ATOM   152 C  "C2'" . DA  A 1 8  ? -8.954  -9.016  -2.077  1.00 84.85  ? 8   DA  A "C2'" 1 
ATOM   153 C  "C1'" . DA  A 1 8  ? -9.020  -10.384 -1.414  1.00 84.28  ? 8   DA  A "C1'" 1 
ATOM   154 N  N9    . DA  A 1 8  ? -7.714  -10.918 -1.039  1.00 81.04  ? 8   DA  A N9    1 
ATOM   155 C  C8    . DA  A 1 8  ? -6.781  -11.472 -1.871  1.00 80.34  ? 8   DA  A C8    1 
ATOM   156 N  N7    . DA  A 1 8  ? -5.695  -11.876 -1.255  1.00 74.54  ? 8   DA  A N7    1 
ATOM   157 C  C5    . DA  A 1 8  ? -5.933  -11.566 0.075   1.00 70.16  ? 8   DA  A C5    1 
ATOM   158 C  C6    . DA  A 1 8  ? -5.164  -11.740 1.242   1.00 66.03  ? 8   DA  A C6    1 
ATOM   159 N  N6    . DA  A 1 8  ? -3.947  -12.294 1.247   1.00 63.87  ? 8   DA  A N6    1 
ATOM   160 N  N1    . DA  A 1 8  ? -5.695  -11.317 2.410   1.00 61.78  ? 8   DA  A N1    1 
ATOM   161 C  C2    . DA  A 1 8  ? -6.913  -10.762 2.401   1.00 65.28  ? 8   DA  A C2    1 
ATOM   162 N  N3    . DA  A 1 8  ? -7.729  -10.547 1.370   1.00 71.64  ? 8   DA  A N3    1 
ATOM   163 C  C4    . DA  A 1 8  ? -7.175  -10.977 0.226   1.00 72.54  ? 8   DA  A C4    1 
ATOM   164 P  P     . DC  A 1 9  ? -11.531 -7.229  -1.509  1.00 104.30 ? 9   DC  A P     1 
ATOM   165 O  OP1   . DC  A 1 9  ? -12.955 -7.036  -1.160  1.00 102.58 ? 9   DC  A OP1   1 
ATOM   166 O  OP2   . DC  A 1 9  ? -10.859 -6.278  -2.422  1.00 90.58  ? 9   DC  A OP2   1 
ATOM   167 O  "O5'" . DC  A 1 9  ? -10.681 -7.292  -0.159  1.00 82.27  ? 9   DC  A "O5'" 1 
ATOM   168 C  "C5'" . DC  A 1 9  ? -10.024 -6.134  0.312   1.00 78.03  ? 9   DC  A "C5'" 1 
ATOM   169 C  "C4'" . DC  A 1 9  ? -9.822  -6.210  1.811   1.00 83.59  ? 9   DC  A "C4'" 1 
ATOM   170 O  "O4'" . DC  A 1 9  ? -8.897  -7.283  2.122   1.00 79.70  ? 9   DC  A "O4'" 1 
ATOM   171 C  "C3'" . DC  A 1 9  ? -9.233  -4.957  2.435   1.00 80.21  ? 9   DC  A "C3'" 1 
ATOM   172 O  "O3'" . DC  A 1 9  ? -9.747  -4.781  3.741   1.00 75.14  ? 9   DC  A "O3'" 1 
ATOM   173 C  "C2'" . DC  A 1 9  ? -7.737  -5.252  2.451   1.00 76.82  ? 9   DC  A "C2'" 1 
ATOM   174 C  "C1'" . DC  A 1 9  ? -7.710  -6.759  2.684   1.00 73.29  ? 9   DC  A "C1'" 1 
ATOM   175 N  N1    . DC  A 1 9  ? -6.549  -7.428  2.035   1.00 67.73  ? 9   DC  A N1    1 
ATOM   176 C  C2    . DC  A 1 9  ? -5.462  -7.840  2.812   1.00 61.46  ? 9   DC  A C2    1 
ATOM   177 O  O2    . DC  A 1 9  ? -5.482  -7.640  4.032   1.00 63.99  ? 9   DC  A O2    1 
ATOM   178 N  N3    . DC  A 1 9  ? -4.412  -8.444  2.202   1.00 55.50  ? 9   DC  A N3    1 
ATOM   179 C  C4    . DC  A 1 9  ? -4.428  -8.637  0.881   1.00 58.95  ? 9   DC  A C4    1 
ATOM   180 N  N4    . DC  A 1 9  ? -3.371  -9.240  0.325   1.00 55.42  ? 9   DC  A N4    1 
ATOM   181 C  C5    . DC  A 1 9  ? -5.526  -8.223  0.073   1.00 62.01  ? 9   DC  A C5    1 
ATOM   182 C  C6    . DC  A 1 9  ? -6.555  -7.630  0.685   1.00 67.71  ? 9   DC  A C6    1 
ATOM   183 P  P     . DT  A 1 10 ? -9.798  -3.313  4.386   1.00 101.09 ? 10  DT  A P     1 
ATOM   184 O  OP1   . DT  A 1 10 ? -10.989 -3.236  5.262   1.00 100.50 ? 10  DT  A OP1   1 
ATOM   185 O  OP2   . DT  A 1 10 ? -9.626  -2.337  3.288   1.00 86.52  ? 10  DT  A OP2   1 
ATOM   186 O  "O5'" . DT  A 1 10 ? -8.482  -3.255  5.284   1.00 91.12  ? 10  DT  A "O5'" 1 
ATOM   187 C  "C5'" . DT  A 1 10 ? -8.072  -4.400  6.022   1.00 89.89  ? 10  DT  A "C5'" 1 
ATOM   188 C  "C4'" . DT  A 1 10 ? -6.880  -4.061  6.889   1.00 86.35  ? 10  DT  A "C4'" 1 
ATOM   189 O  "O4'" . DT  A 1 10 ? -5.712  -4.802  6.437   1.00 83.51  ? 10  DT  A "O4'" 1 
ATOM   190 C  "C3'" . DT  A 1 10 ? -6.479  -2.588  6.848   1.00 76.99  ? 10  DT  A "C3'" 1 
ATOM   191 O  "O3'" . DT  A 1 10 ? -6.035  -2.182  8.128   1.00 76.68  ? 10  DT  A "O3'" 1 
ATOM   192 C  "C2'" . DT  A 1 10 ? -5.339  -2.589  5.835   1.00 72.13  ? 10  DT  A "C2'" 1 
ATOM   193 C  "C1'" . DT  A 1 10 ? -4.658  -3.897  6.190   1.00 72.21  ? 10  DT  A "C1'" 1 
ATOM   194 N  N1    . DT  A 1 10 ? -3.785  -4.461  5.109   1.00 60.71  ? 10  DT  A N1    1 
ATOM   195 C  C2    . DT  A 1 10 ? -2.514  -4.881  5.430   1.00 56.37  ? 10  DT  A C2    1 
ATOM   196 O  O2    . DT  A 1 10 ? -2.049  -4.806  6.553   1.00 59.65  ? 10  DT  A O2    1 
ATOM   197 N  N3    . DT  A 1 10 ? -1.797  -5.392  4.381   1.00 54.70  ? 10  DT  A N3    1 
ATOM   198 C  C4    . DT  A 1 10 ? -2.214  -5.529  3.069   1.00 60.25  ? 10  DT  A C4    1 
ATOM   199 O  O4    . DT  A 1 10 ? -1.492  -6.002  2.197   1.00 54.02  ? 10  DT  A O4    1 
ATOM   200 C  C5    . DT  A 1 10 ? -3.558  -5.073  2.800   1.00 65.39  ? 10  DT  A C5    1 
ATOM   201 C  C7    . DT  A 1 10 ? -4.118  -5.166  1.411   1.00 53.18  ? 10  DT  A C7    1 
ATOM   202 C  C6    . DT  A 1 10 ? -4.273  -4.568  3.822   1.00 65.48  ? 10  DT  A C6    1 
ATOM   203 P  P     . DG  A 1 11 ? -6.230  -0.666  8.617   1.00 102.68 ? 11  DG  A P     1 
ATOM   204 O  OP1   . DG  A 1 11 ? -7.421  -0.626  9.495   1.00 106.98 ? 11  DG  A OP1   1 
ATOM   205 O  OP2   . DG  A 1 11 ? -6.161  0.213   7.428   1.00 84.30  ? 11  DG  A OP2   1 
ATOM   206 O  "O5'" . DG  A 1 11 ? -4.931  -0.398  9.506   1.00 95.78  ? 11  DG  A "O5'" 1 
ATOM   207 C  "C5'" . DG  A 1 11 ? -3.940  -1.415  9.627   1.00 87.07  ? 11  DG  A "C5'" 1 
ATOM   208 C  "C4'" . DG  A 1 11 ? -2.581  -0.886  9.214   1.00 78.11  ? 11  DG  A "C4'" 1 
ATOM   209 O  "O4'" . DG  A 1 11 ? -2.148  -1.537  7.988   1.00 70.07  ? 11  DG  A "O4'" 1 
ATOM   210 C  "C3'" . DG  A 1 11 ? -2.543  0.618   8.926   1.00 69.75  ? 11  DG  A "C3'" 1 
ATOM   211 O  "O3'" . DG  A 1 11 ? -1.376  1.180   9.488   1.00 63.33  ? 11  DG  A "O3'" 1 
ATOM   212 C  "C2'" . DG  A 1 11 ? -2.501  0.672   7.402   1.00 64.87  ? 11  DG  A "C2'" 1 
ATOM   213 C  "C1'" . DG  A 1 11 ? -1.653  -0.550  7.118   1.00 62.68  ? 11  DG  A "C1'" 1 
ATOM   214 N  N9    . DG  A 1 11 ? -1.736  -1.027  5.742   1.00 59.62  ? 11  DG  A N9    1 
ATOM   215 C  C8    . DG  A 1 11 ? -2.788  -0.888  4.872   1.00 60.56  ? 11  DG  A C8    1 
ATOM   216 N  N7    . DG  A 1 11 ? -2.569  -1.418  3.700   1.00 54.73  ? 11  DG  A N7    1 
ATOM   217 C  C5    . DG  A 1 11 ? -1.279  -1.927  3.797   1.00 55.42  ? 11  DG  A C5    1 
ATOM   218 C  C6    . DG  A 1 11 ? -0.493  -2.610  2.840   1.00 49.99  ? 11  DG  A C6    1 
ATOM   219 O  O6    . DG  A 1 11 ? -0.789  -2.913  1.676   1.00 54.31  ? 11  DG  A O6    1 
ATOM   220 N  N1    . DG  A 1 11 ? 0.759   -2.948  3.352   1.00 48.26  ? 11  DG  A N1    1 
ATOM   221 C  C2    . DG  A 1 11 ? 1.190   -2.663  4.626   1.00 53.12  ? 11  DG  A C2    1 
ATOM   222 N  N2    . DG  A 1 11 ? 2.426   -3.067  4.945   1.00 47.13  ? 11  DG  A N2    1 
ATOM   223 N  N3    . DG  A 1 11 ? 0.462   -2.025  5.529   1.00 55.27  ? 11  DG  A N3    1 
ATOM   224 C  C4    . DG  A 1 11 ? -0.756  -1.688  5.047   1.00 59.42  ? 11  DG  A C4    1 
ATOM   225 P  P     . DA  A 1 12 ? -1.427  2.639   10.155  1.00 77.26  ? 12  DA  A P     1 
ATOM   226 O  OP1   . DA  A 1 12 ? -2.222  2.536   11.399  1.00 71.06  ? 12  DA  A OP1   1 
ATOM   227 O  OP2   . DA  A 1 12 ? -1.824  3.594   9.096   1.00 77.27  ? 12  DA  A OP2   1 
ATOM   228 O  "O5'" . DA  A 1 12 ? 0.098   2.935   10.532  1.00 80.61  ? 12  DA  A "O5'" 1 
ATOM   229 C  "C5'" . DA  A 1 12 ? 0.862   1.957   11.229  1.00 72.80  ? 12  DA  A "C5'" 1 
ATOM   230 C  "C4'" . DA  A 1 12 ? 2.248   1.813   10.621  1.00 75.02  ? 12  DA  A "C4'" 1 
ATOM   231 O  "O4'" . DA  A 1 12 ? 2.148   1.152   9.333   1.00 61.89  ? 12  DA  A "O4'" 1 
ATOM   232 C  "C3'" . DA  A 1 12 ? 2.987   3.126   10.365  1.00 75.28  ? 12  DA  A "C3'" 1 
ATOM   233 O  "O3'" . DA  A 1 12 ? 4.378   2.963   10.619  1.00 75.87  ? 12  DA  A "O3'" 1 
ATOM   234 C  "C2'" . DA  A 1 12 ? 2.717   3.389   8.886   1.00 67.35  ? 12  DA  A "C2'" 1 
ATOM   235 C  "C1'" . DA  A 1 12 ? 2.691   1.976   8.322   1.00 63.45  ? 12  DA  A "C1'" 1 
ATOM   236 N  N9    . DA  A 1 12 ? 1.858   1.843   7.131   1.00 63.91  ? 12  DA  A N9    1 
ATOM   237 C  C8    . DA  A 1 12 ? 0.553   2.222   6.993   1.00 64.09  ? 12  DA  A C8    1 
ATOM   238 N  N7    . DA  A 1 12 ? 0.052   1.974   5.805   1.00 60.50  ? 12  DA  A N7    1 
ATOM   239 C  C5    . DA  A 1 12 ? 1.103   1.388   5.117   1.00 55.58  ? 12  DA  A C5    1 
ATOM   240 C  C6    . DA  A 1 12 ? 1.219   0.892   3.802   1.00 58.69  ? 12  DA  A C6    1 
ATOM   241 N  N6    . DA  A 1 12 ? 0.218   0.911   2.915   1.00 56.62  ? 12  DA  A N6    1 
ATOM   242 N  N1    . DA  A 1 12 ? 2.410   0.373   3.433   1.00 56.17  ? 12  DA  A N1    1 
ATOM   243 C  C2    . DA  A 1 12 ? 3.409   0.355   4.324   1.00 58.79  ? 12  DA  A C2    1 
ATOM   244 N  N3    . DA  A 1 12 ? 3.418   0.791   5.583   1.00 56.30  ? 12  DA  A N3    1 
ATOM   245 C  C4    . DA  A 1 12 ? 2.223   1.298   5.921   1.00 58.36  ? 12  DA  A C4    1 
ATOM   246 P  P     . DC  A 1 13 ? 5.336   4.249   10.721  1.00 87.19  ? 13  DC  A P     1 
ATOM   247 O  OP1   . DC  A 1 13 ? 6.321   3.981   11.792  1.00 77.88  ? 13  DC  A OP1   1 
ATOM   248 O  OP2   . DC  A 1 13 ? 4.472   5.449   10.792  1.00 85.58  ? 13  DC  A OP2   1 
ATOM   249 O  "O5'" . DC  A 1 13 ? 6.113   4.272   9.322   1.00 89.17  ? 13  DC  A "O5'" 1 
ATOM   250 C  "C5'" . DC  A 1 13 ? 7.263   3.448   9.141   1.00 80.61  ? 13  DC  A "C5'" 1 
ATOM   251 C  "C4'" . DC  A 1 13 ? 7.653   3.356   7.674   1.00 76.92  ? 13  DC  A "C4'" 1 
ATOM   252 O  "O4'" . DC  A 1 13 ? 6.497   3.041   6.880   1.00 77.18  ? 13  DC  A "O4'" 1 
ATOM   253 C  "C3'" . DC  A 1 13 ? 8.230   4.638   7.066   1.00 77.61  ? 13  DC  A "C3'" 1 
ATOM   254 O  "O3'" . DC  A 1 13 ? 9.640   4.502   6.911   1.00 82.51  ? 13  DC  A "O3'" 1 
ATOM   255 C  "C2'" . DC  A 1 13 ? 7.515   4.781   5.706   1.00 74.19  ? 13  DC  A "C2'" 1 
ATOM   256 C  "C1'" . DC  A 1 13 ? 6.745   3.469   5.570   1.00 69.23  ? 13  DC  A "C1'" 1 
ATOM   257 N  N1    . DC  A 1 13 ? 5.436   3.595   4.855   1.00 57.65  ? 13  DC  A N1    1 
ATOM   258 C  C2    . DC  A 1 13 ? 5.324   3.159   3.530   1.00 57.33  ? 13  DC  A C2    1 
ATOM   259 O  O2    . DC  A 1 13 ? 6.317   2.685   2.963   1.00 60.52  ? 13  DC  A O2    1 
ATOM   260 N  N3    . DC  A 1 13 ? 4.127   3.271   2.899   1.00 53.42  ? 13  DC  A N3    1 
ATOM   261 C  C4    . DC  A 1 13 ? 3.080   3.788   3.543   1.00 53.45  ? 13  DC  A C4    1 
ATOM   262 N  N4    . DC  A 1 13 ? 1.921   3.878   2.882   1.00 49.68  ? 13  DC  A N4    1 
ATOM   263 C  C5    . DC  A 1 13 ? 3.174   4.235   4.894   1.00 56.88  ? 13  DC  A C5    1 
ATOM   264 C  C6    . DC  A 1 13 ? 4.357   4.118   5.506   1.00 61.77  ? 13  DC  A C6    1 
ATOM   265 P  P     . DG  A 1 14 ? 10.562  5.791   6.641   1.00 101.17 ? 14  DG  A P     1 
ATOM   266 O  OP1   . DG  A 1 14 ? 11.888  5.522   7.239   1.00 103.72 ? 14  DG  A OP1   1 
ATOM   267 O  OP2   . DG  A 1 14 ? 9.806   6.995   7.051   1.00 93.00  ? 14  DG  A OP2   1 
ATOM   268 O  "O5'" . DG  A 1 14 ? 10.711  5.819   5.051   1.00 78.19  ? 14  DG  A "O5'" 1 
ATOM   269 C  "C5'" . DG  A 1 14 ? 11.196  4.673   4.369   1.00 79.16  ? 14  DG  A "C5'" 1 
ATOM   270 C  "C4'" . DG  A 1 14 ? 10.927  4.780   2.881   1.00 84.38  ? 14  DG  A "C4'" 1 
ATOM   271 O  "O4'" . DG  A 1 14 ? 9.502   4.681   2.636   1.00 79.67  ? 14  DG  A "O4'" 1 
ATOM   272 C  "C3'" . DG  A 1 14 ? 11.387  6.093   2.238   1.00 80.70  ? 14  DG  A "C3'" 1 
ATOM   273 O  "O3'" . DG  A 1 14 ? 12.252  5.818   1.142   1.00 87.51  ? 14  DG  A "O3'" 1 
ATOM   274 C  "C2'" . DG  A 1 14 ? 10.086  6.766   1.784   1.00 75.97  ? 14  DG  A "C2'" 1 
ATOM   275 C  "C1'" . DG  A 1 14 ? 9.148   5.582   1.618   1.00 65.86  ? 14  DG  A "C1'" 1 
ATOM   276 N  N9    . DG  A 1 14 ? 7.737   5.930   1.778   1.00 57.93  ? 14  DG  A N9    1 
ATOM   277 C  C8    . DG  A 1 14 ? 7.135   6.448   2.898   1.00 49.95  ? 14  DG  A C8    1 
ATOM   278 N  N7    . DG  A 1 14 ? 5.857   6.661   2.753   1.00 42.97  ? 14  DG  A N7    1 
ATOM   279 C  C5    . DG  A 1 14 ? 5.593   6.260   1.450   1.00 50.96  ? 14  DG  A C5    1 
ATOM   280 C  C6    . DG  A 1 14 ? 4.378   6.258   0.725   1.00 48.41  ? 14  DG  A C6    1 
ATOM   281 O  O6    . DG  A 1 14 ? 3.257   6.624   1.104   1.00 50.60  ? 14  DG  A O6    1 
ATOM   282 N  N1    . DG  A 1 14 ? 4.551   5.771   -0.568  1.00 43.23  ? 14  DG  A N1    1 
ATOM   283 C  C2    . DG  A 1 14 ? 5.745   5.340   -1.093  1.00 46.83  ? 14  DG  A C2    1 
ATOM   284 N  N2    . DG  A 1 14 ? 5.713   4.904   -2.362  1.00 45.15  ? 14  DG  A N2    1 
ATOM   285 N  N3    . DG  A 1 14 ? 6.891   5.336   -0.425  1.00 43.41  ? 14  DG  A N3    1 
ATOM   286 C  C4    . DG  A 1 14 ? 6.740   5.807   0.835   1.00 48.56  ? 14  DG  A C4    1 
ATOM   287 P  P     . DG  A 1 15 ? 13.110  7.001   0.472   1.00 89.90  ? 15  DG  A P     1 
ATOM   288 O  OP1   . DG  A 1 15 ? 14.471  6.480   0.216   1.00 84.74  ? 15  DG  A OP1   1 
ATOM   289 O  OP2   . DG  A 1 15 ? 12.924  8.220   1.292   1.00 78.84  ? 15  DG  A OP2   1 
ATOM   290 O  "O5'" . DG  A 1 15 ? 12.389  7.237   -0.932  1.00 61.48  ? 15  DG  A "O5'" 1 
ATOM   291 C  "C5'" . DG  A 1 15 ? 12.246  6.153   -1.837  1.00 71.95  ? 15  DG  A "C5'" 1 
ATOM   292 C  "C4'" . DG  A 1 15 ? 11.252  6.489   -2.933  1.00 72.79  ? 15  DG  A "C4'" 1 
ATOM   293 O  "O4'" . DG  A 1 15 ? 9.915   6.583   -2.373  1.00 65.69  ? 15  DG  A "O4'" 1 
ATOM   294 C  "C3'" . DG  A 1 15 ? 11.505  7.817   -3.654  1.00 69.95  ? 15  DG  A "C3'" 1 
ATOM   295 O  "O3'" . DG  A 1 15 ? 11.335  7.638   -5.048  1.00 65.42  ? 15  DG  A "O3'" 1 
ATOM   296 C  "C2'" . DG  A 1 15 ? 10.428  8.733   -3.079  1.00 69.32  ? 15  DG  A "C2'" 1 
ATOM   297 C  "C1'" . DG  A 1 15 ? 9.297   7.746   -2.866  1.00 61.02  ? 15  DG  A "C1'" 1 
ATOM   298 N  N9    . DG  A 1 15 ? 8.300   8.198   -1.903  1.00 51.50  ? 15  DG  A N9    1 
ATOM   299 C  C8    . DG  A 1 15 ? 8.513   8.576   -0.601  1.00 47.79  ? 15  DG  A C8    1 
ATOM   300 N  N7    . DG  A 1 15 ? 7.424   8.939   0.019   1.00 46.84  ? 15  DG  A N7    1 
ATOM   301 C  C5    . DG  A 1 15 ? 6.426   8.792   -0.937  1.00 46.56  ? 15  DG  A C5    1 
ATOM   302 C  C6    . DG  A 1 15 ? 5.035   9.036   -0.848  1.00 46.63  ? 15  DG  A C6    1 
ATOM   303 O  O6    . DG  A 1 15 ? 4.388   9.442   0.127   1.00 53.14  ? 15  DG  A O6    1 
ATOM   304 N  N1    . DG  A 1 15 ? 4.386   8.759   -2.048  1.00 45.31  ? 15  DG  A N1    1 
ATOM   305 C  C2    . DG  A 1 15 ? 5.002   8.304   -3.190  1.00 47.57  ? 15  DG  A C2    1 
ATOM   306 N  N2    . DG  A 1 15 ? 4.210   8.094   -4.250  1.00 45.52  ? 15  DG  A N2    1 
ATOM   307 N  N3    . DG  A 1 15 ? 6.304   8.073   -3.286  1.00 47.72  ? 15  DG  A N3    1 
ATOM   308 C  C4    . DG  A 1 15 ? 6.950   8.338   -2.125  1.00 48.85  ? 15  DG  A C4    1 
ATOM   309 P  P     . DA  A 1 16 ? 11.979  8.680   -6.086  1.00 78.93  ? 16  DA  A P     1 
ATOM   310 O  OP1   . DA  A 1 16 ? 13.438  8.436   -6.109  1.00 85.88  ? 16  DA  A OP1   1 
ATOM   311 O  OP2   . DA  A 1 16 ? 11.460  10.031  -5.775  1.00 77.10  ? 16  DA  A OP2   1 
ATOM   312 O  "O5'" . DA  A 1 16 ? 11.358  8.235   -7.489  1.00 77.29  ? 16  DA  A "O5'" 1 
ATOM   313 C  "C5'" . DA  A 1 16 ? 10.164  7.460   -7.515  1.00 73.13  ? 16  DA  A "C5'" 1 
ATOM   314 C  "C4'" . DA  A 1 16 ? 9.049   8.211   -8.221  1.00 73.87  ? 16  DA  A "C4'" 1 
ATOM   315 O  "O4'" . DA  A 1 16 ? 8.025   8.585   -7.261  1.00 61.44  ? 16  DA  A "O4'" 1 
ATOM   316 C  "C3'" . DA  A 1 16 ? 9.477   9.503   -8.914  1.00 73.62  ? 16  DA  A "C3'" 1 
ATOM   317 O  "O3'" . DA  A 1 16 ? 8.832   9.606   -10.173 1.00 74.14  ? 16  DA  A "O3'" 1 
ATOM   318 C  "C2'" . DA  A 1 16 ? 9.008   10.591  -7.946  1.00 64.03  ? 16  DA  A "C2'" 1 
ATOM   319 C  "C1'" . DA  A 1 16 ? 7.749   9.963   -7.372  1.00 58.14  ? 16  DA  A "C1'" 1 
ATOM   320 N  N9    . DA  A 1 16 ? 7.398   10.464  -6.046  1.00 56.80  ? 16  DA  A N9    1 
ATOM   321 C  C8    . DA  A 1 16 ? 8.245   10.683  -4.997  1.00 57.22  ? 16  DA  A C8    1 
ATOM   322 N  N7    . DA  A 1 16 ? 7.646   11.126  -3.917  1.00 53.79  ? 16  DA  A N7    1 
ATOM   323 C  C5    . DA  A 1 16 ? 6.311   11.198  -4.283  1.00 53.94  ? 16  DA  A C5    1 
ATOM   324 C  C6    . DA  A 1 16 ? 5.155   11.596  -3.581  1.00 53.09  ? 16  DA  A C6    1 
ATOM   325 N  N6    . DA  A 1 16 ? 5.171   12.014  -2.311  1.00 49.35  ? 16  DA  A N6    1 
ATOM   326 N  N1    . DA  A 1 16 ? 3.978   11.548  -4.243  1.00 51.11  ? 16  DA  A N1    1 
ATOM   327 C  C2    . DA  A 1 16 ? 3.967   11.130  -5.514  1.00 50.08  ? 16  DA  A C2    1 
ATOM   328 N  N3    . DA  A 1 16 ? 4.985   10.731  -6.273  1.00 52.73  ? 16  DA  A N3    1 
ATOM   329 C  C4    . DA  A 1 16 ? 6.141   10.791  -5.593  1.00 54.63  ? 16  DA  A C4    1 
ATOM   330 P  P     . DG  A 1 17 ? 9.205   10.795  -11.188 1.00 85.02  ? 17  DG  A P     1 
ATOM   331 O  OP1   . DG  A 1 17 ? 9.318   10.193  -12.535 1.00 78.30  ? 17  DG  A OP1   1 
ATOM   332 O  OP2   . DG  A 1 17 ? 10.341  11.556  -10.622 1.00 81.03  ? 17  DG  A OP2   1 
ATOM   333 O  "O5'" . DG  A 1 17 ? 7.912   11.733  -11.158 1.00 77.33  ? 17  DG  A "O5'" 1 
ATOM   334 C  "C5'" . DG  A 1 17 ? 6.637   11.182  -11.468 1.00 68.89  ? 17  DG  A "C5'" 1 
ATOM   335 C  "C4'" . DG  A 1 17 ? 5.517   12.112  -11.037 1.00 67.63  ? 17  DG  A "C4'" 1 
ATOM   336 O  "O4'" . DG  A 1 17 ? 5.536   12.274  -9.595  1.00 66.33  ? 17  DG  A "O4'" 1 
ATOM   337 C  "C3'" . DG  A 1 17 ? 5.577   13.527  -11.626 1.00 62.89  ? 17  DG  A "C3'" 1 
ATOM   338 O  "O3'" . DG  A 1 17 ? 4.302   13.882  -12.147 1.00 62.17  ? 17  DG  A "O3'" 1 
ATOM   339 C  "C2'" . DG  A 1 17 ? 5.954   14.396  -10.423 1.00 56.48  ? 17  DG  A "C2'" 1 
ATOM   340 C  "C1'" . DG  A 1 17 ? 5.301   13.625  -9.293  1.00 51.98  ? 17  DG  A "C1'" 1 
ATOM   341 N  N9    . DG  A 1 17 ? 5.854   13.917  -7.974  1.00 53.52  ? 17  DG  A N9    1 
ATOM   342 C  C8    . DG  A 1 17 ? 7.177   13.896  -7.606  1.00 53.66  ? 17  DG  A C8    1 
ATOM   343 N  N7    . DG  A 1 17 ? 7.370   14.196  -6.350  1.00 52.03  ? 17  DG  A N7    1 
ATOM   344 C  C5    . DG  A 1 17 ? 6.093   14.429  -5.856  1.00 54.29  ? 17  DG  A C5    1 
ATOM   345 C  C6    . DG  A 1 17 ? 5.668   14.791  -4.554  1.00 55.43  ? 17  DG  A C6    1 
ATOM   346 O  O6    . DG  A 1 17 ? 6.361   14.986  -3.546  1.00 57.01  ? 17  DG  A O6    1 
ATOM   347 N  N1    . DG  A 1 17 ? 4.283   14.927  -4.484  1.00 52.89  ? 17  DG  A N1    1 
ATOM   348 C  C2    . DG  A 1 17 ? 3.419   14.734  -5.535  1.00 54.96  ? 17  DG  A C2    1 
ATOM   349 N  N2    . DG  A 1 17 ? 2.115   14.910  -5.274  1.00 53.93  ? 17  DG  A N2    1 
ATOM   350 N  N3    . DG  A 1 17 ? 3.803   14.394  -6.758  1.00 56.94  ? 17  DG  A N3    1 
ATOM   351 C  C4    . DG  A 1 17 ? 5.149   14.259  -6.844  1.00 56.61  ? 17  DG  A C4    1 
ATOM   352 P  P     . DA  A 1 18 ? 4.126   15.206  -13.038 1.00 76.24  ? 18  DA  A P     1 
ATOM   353 O  OP1   . DA  A 1 18 ? 3.377   14.813  -14.253 1.00 57.88  ? 18  DA  A OP1   1 
ATOM   354 O  OP2   . DA  A 1 18 ? 5.442   15.871  -13.163 1.00 73.72  ? 18  DA  A OP2   1 
ATOM   355 O  "O5'" . DA  A 1 18 ? 3.182   16.145  -12.152 1.00 66.72  ? 18  DA  A "O5'" 1 
ATOM   356 C  "C5'" . DA  A 1 18 ? 1.774   16.087  -12.331 1.00 63.58  ? 18  DA  A "C5'" 1 
ATOM   357 C  "C4'" . DA  A 1 18 ? 1.039   16.514  -11.075 1.00 58.40  ? 18  DA  A "C4'" 1 
ATOM   358 O  "O4'" . DA  A 1 18 ? 1.878   16.282  -9.908  1.00 56.98  ? 18  DA  A "O4'" 1 
ATOM   359 C  "C3'" . DA  A 1 18 ? 0.656   17.994  -11.020 1.00 58.44  ? 18  DA  A "C3'" 1 
ATOM   360 O  "O3'" . DA  A 1 18 ? -0.618  18.128  -10.395 1.00 53.62  ? 18  DA  A "O3'" 1 
ATOM   361 C  "C2'" . DA  A 1 18 ? 1.764   18.585  -10.154 1.00 57.08  ? 18  DA  A "C2'" 1 
ATOM   362 C  "C1'" . DA  A 1 18 ? 1.926   17.467  -9.144  1.00 54.26  ? 18  DA  A "C1'" 1 
ATOM   363 N  N9    . DA  A 1 18 ? 3.181   17.499  -8.394  1.00 56.13  ? 18  DA  A N9    1 
ATOM   364 C  C8    . DA  A 1 18 ? 4.429   17.198  -8.861  1.00 59.91  ? 18  DA  A C8    1 
ATOM   365 N  N7    . DA  A 1 18 ? 5.372   17.296  -7.952  1.00 57.36  ? 18  DA  A N7    1 
ATOM   366 C  C5    . DA  A 1 18 ? 4.694   17.684  -6.808  1.00 55.17  ? 18  DA  A C5    1 
ATOM   367 C  C6    . DA  A 1 18 ? 5.124   17.958  -5.493  1.00 58.13  ? 18  DA  A C6    1 
ATOM   368 N  N6    . DA  A 1 18 ? 6.402   17.877  -5.106  1.00 60.64  ? 18  DA  A N6    1 
ATOM   369 N  N1    . DA  A 1 18 ? 4.190   18.321  -4.590  1.00 55.10  ? 18  DA  A N1    1 
ATOM   370 C  C2    . DA  A 1 18 ? 2.912   18.400  -4.980  1.00 56.09  ? 18  DA  A C2    1 
ATOM   371 N  N3    . DA  A 1 18 ? 2.388   18.169  -6.184  1.00 57.24  ? 18  DA  A N3    1 
ATOM   372 C  C4    . DA  A 1 18 ? 3.340   17.810  -7.060  1.00 55.03  ? 18  DA  A C4    1 
ATOM   373 P  P     . DC  A 1 19 ? -1.617  19.316  -10.815 1.00 63.30  ? 19  DC  A P     1 
ATOM   374 O  OP1   . DC  A 1 19 ? -2.903  18.695  -11.200 1.00 76.18  ? 19  DC  A OP1   1 
ATOM   375 O  OP2   . DC  A 1 19 ? -0.912  20.193  -11.776 1.00 74.22  ? 19  DC  A OP2   1 
ATOM   376 O  "O5'" . DC  A 1 19 ? -1.826  20.126  -9.455  1.00 45.61  ? 19  DC  A "O5'" 1 
ATOM   377 C  "C5'" . DC  A 1 19 ? -0.901  19.951  -8.392  1.00 55.29  ? 19  DC  A "C5'" 1 
ATOM   378 C  "C4'" . DC  A 1 19 ? -1.315  20.740  -7.170  1.00 56.25  ? 19  DC  A "C4'" 1 
ATOM   379 O  "O4'" . DC  A 1 19 ? -0.239  20.718  -6.202  1.00 56.60  ? 19  DC  A "O4'" 1 
ATOM   380 C  "C3'" . DC  A 1 19 ? -1.578  22.208  -7.423  1.00 55.99  ? 19  DC  A "C3'" 1 
ATOM   381 O  "O3'" . DC  A 1 19 ? -2.437  22.717  -6.417  1.00 58.33  ? 19  DC  A "O3'" 1 
ATOM   382 C  "C2'" . DC  A 1 19 ? -0.174  22.805  -7.329  1.00 60.33  ? 19  DC  A "C2'" 1 
ATOM   383 C  "C1'" . DC  A 1 19 ? 0.472   21.946  -6.240  1.00 55.75  ? 19  DC  A "C1'" 1 
ATOM   384 N  N1    . DC  A 1 19 ? 1.916   21.639  -6.490  1.00 53.47  ? 19  DC  A N1    1 
ATOM   385 C  C2    . DC  A 1 19 ? 2.828   21.679  -5.427  1.00 55.47  ? 19  DC  A C2    1 
ATOM   386 O  O2    . DC  A 1 19 ? 2.427   21.975  -4.295  1.00 58.14  ? 19  DC  A O2    1 
ATOM   387 N  N3    . DC  A 1 19 ? 4.132   21.388  -5.671  1.00 52.90  ? 19  DC  A N3    1 
ATOM   388 C  C4    . DC  A 1 19 ? 4.525   21.072  -6.906  1.00 55.94  ? 19  DC  A C4    1 
ATOM   389 N  N4    . DC  A 1 19 ? 5.820   20.794  -7.097  1.00 61.54  ? 19  DC  A N4    1 
ATOM   390 C  C5    . DC  A 1 19 ? 3.611   21.025  -7.998  1.00 58.80  ? 19  DC  A C5    1 
ATOM   391 C  C6    . DC  A 1 19 ? 2.328   21.312  -7.747  1.00 55.30  ? 19  DC  A C6    1 
ATOM   392 P  P     . DT  A 1 20 ? -2.940  24.240  -6.470  1.00 81.40  ? 20  DT  A P     1 
ATOM   393 O  OP1   . DT  A 1 20 ? -4.334  24.265  -5.973  1.00 79.01  ? 20  DT  A OP1   1 
ATOM   394 O  OP2   . DT  A 1 20 ? -2.634  24.778  -7.814  1.00 78.96  ? 20  DT  A OP2   1 
ATOM   395 O  "O5'" . DT  A 1 20 ? -1.993  24.980  -5.418  1.00 72.40  ? 20  DT  A "O5'" 1 
ATOM   396 C  "C5'" . DT  A 1 20 ? -1.591  24.299  -4.232  1.00 70.60  ? 20  DT  A "C5'" 1 
ATOM   397 C  "C4'" . DT  A 1 20 ? -0.828  25.226  -3.303  1.00 71.00  ? 20  DT  A "C4'" 1 
ATOM   398 O  "O4'" . DT  A 1 20 ? 0.598   24.971  -3.412  1.00 71.32  ? 20  DT  A "O4'" 1 
ATOM   399 C  "C3'" . DT  A 1 20 ? -1.005  26.712  -3.588  1.00 76.90  ? 20  DT  A "C3'" 1 
ATOM   400 O  "O3'" . DT  A 1 20 ? -0.962  27.434  -2.373  1.00 76.29  ? 20  DT  A "O3'" 1 
ATOM   401 C  "C2'" . DT  A 1 20 ? 0.208   27.024  -4.459  1.00 74.80  ? 20  DT  A "C2'" 1 
ATOM   402 C  "C1'" . DT  A 1 20 ? 1.265   26.159  -3.792  1.00 72.71  ? 20  DT  A "C1'" 1 
ATOM   403 N  N1    . DT  A 1 20 ? 2.400   25.789  -4.680  1.00 63.33  ? 20  DT  A N1    1 
ATOM   404 C  C2    . DT  A 1 20 ? 3.636   25.553  -4.125  1.00 63.51  ? 20  DT  A C2    1 
ATOM   405 O  O2    . DT  A 1 20 ? 3.858   25.640  -2.930  1.00 63.18  ? 20  DT  A O2    1 
ATOM   406 N  N3    . DT  A 1 20 ? 4.610   25.208  -5.022  1.00 55.29  ? 20  DT  A N3    1 
ATOM   407 C  C4    . DT  A 1 20 ? 4.475   25.079  -6.391  1.00 55.68  ? 20  DT  A C4    1 
ATOM   408 O  O4    . DT  A 1 20 ? 5.414   24.766  -7.115  1.00 59.58  ? 20  DT  A O4    1 
ATOM   409 C  C5    . DT  A 1 20 ? 3.152   25.340  -6.909  1.00 58.09  ? 20  DT  A C5    1 
ATOM   410 C  C7    . DT  A 1 20 ? 2.885   25.232  -8.381  1.00 60.60  ? 20  DT  A C7    1 
ATOM   411 C  C6    . DT  A 1 20 ? 2.190   25.678  -6.039  1.00 55.12  ? 20  DT  A C6    1 
ATOM   412 P  P     . DC  A 1 21 ? -1.887  28.729  -2.168  1.00 89.51  ? 21  DC  A P     1 
ATOM   413 O  OP1   . DC  A 1 21 ? -3.230  28.260  -1.756  1.00 75.30  ? 21  DC  A OP1   1 
ATOM   414 O  OP2   . DC  A 1 21 ? -1.731  29.580  -3.369  1.00 83.62  ? 21  DC  A OP2   1 
ATOM   415 O  "O5'" . DC  A 1 21 ? -1.199  29.488  -0.941  1.00 85.36  ? 21  DC  A "O5'" 1 
ATOM   416 C  "C5'" . DC  A 1 21 ? -0.276  28.794  -0.109  1.00 84.27  ? 21  DC  A "C5'" 1 
ATOM   417 C  "C4'" . DC  A 1 21 ? 1.090   29.457  -0.148  1.00 84.02  ? 21  DC  A "C4'" 1 
ATOM   418 O  "O4'" . DC  A 1 21 ? 1.829   28.998  -1.307  1.00 80.24  ? 21  DC  A "O4'" 1 
ATOM   419 C  "C3'" . DC  A 1 21 ? 1.065   30.988  -0.234  1.00 91.48  ? 21  DC  A "C3'" 1 
ATOM   420 O  "O3'" . DC  A 1 21 ? 1.821   31.547  0.832   1.00 101.86 ? 21  DC  A "O3'" 1 
ATOM   421 C  "C2'" . DC  A 1 21 ? 1.699   31.297  -1.598  1.00 80.43  ? 21  DC  A "C2'" 1 
ATOM   422 C  "C1'" . DC  A 1 21 ? 2.572   30.074  -1.820  1.00 79.00  ? 21  DC  A "C1'" 1 
ATOM   423 N  N1    . DC  A 1 21 ? 2.881   29.804  -3.255  1.00 75.37  ? 21  DC  A N1    1 
ATOM   424 C  C2    . DC  A 1 21 ? 4.158   29.358  -3.617  1.00 70.94  ? 21  DC  A C2    1 
ATOM   425 O  O2    . DC  A 1 21 ? 5.010   29.191  -2.736  1.00 73.57  ? 21  DC  A O2    1 
ATOM   426 N  N3    . DC  A 1 21 ? 4.423   29.118  -4.925  1.00 59.27  ? 21  DC  A N3    1 
ATOM   427 C  C4    . DC  A 1 21 ? 3.478   29.311  -5.844  1.00 59.22  ? 21  DC  A C4    1 
ATOM   428 N  N4    . DC  A 1 21 ? 3.786   29.061  -7.121  1.00 65.41  ? 21  DC  A N4    1 
ATOM   429 C  C5    . DC  A 1 21 ? 2.172   29.768  -5.497  1.00 62.88  ? 21  DC  A C5    1 
ATOM   430 C  C6    . DC  A 1 21 ? 1.922   30.001  -4.204  1.00 72.00  ? 21  DC  A C6    1 
ATOM   431 P  P     . DC  B 2 1  ? -6.574  7.952   -3.520  1.00 81.54  ? 0   DC  B P     1 
ATOM   432 O  OP1   . DC  B 2 1  ? -7.758  8.841   -3.465  1.00 66.49  ? 0   DC  B OP1   1 
ATOM   433 O  OP2   . DC  B 2 1  ? -6.298  7.156   -4.739  1.00 76.08  ? 0   DC  B OP2   1 
ATOM   434 O  "O5'" . DC  B 2 1  ? -5.276  8.814   -3.148  1.00 62.02  ? 0   DC  B "O5'" 1 
ATOM   435 C  "C5'" . DC  B 2 1  ? -3.979  8.285   -3.366  1.00 64.95  ? 0   DC  B "C5'" 1 
ATOM   436 C  "C4'" . DC  B 2 1  ? -3.490  8.621   -4.766  1.00 61.78  ? 0   DC  B "C4'" 1 
ATOM   437 O  "O4'" . DC  B 2 1  ? -2.624  9.776   -4.717  1.00 49.34  ? 0   DC  B "O4'" 1 
ATOM   438 C  "C3'" . DC  B 2 1  ? -2.719  7.501   -5.457  1.00 59.82  ? 0   DC  B "C3'" 1 
ATOM   439 O  "O3'" . DC  B 2 1  ? -3.439  7.070   -6.600  1.00 52.35  ? 0   DC  B "O3'" 1 
ATOM   440 C  "C2'" . DC  B 2 1  ? -1.373  8.115   -5.854  1.00 54.81  ? 0   DC  B "C2'" 1 
ATOM   441 C  "C1'" . DC  B 2 1  ? -1.311  9.433   -5.090  1.00 49.30  ? 0   DC  B "C1'" 1 
ATOM   442 N  N1    . DC  B 2 1  ? -0.435  9.432   -3.856  1.00 50.06  ? 0   DC  B N1    1 
ATOM   443 C  C2    . DC  B 2 1  ? 0.928   9.091   -3.946  1.00 49.68  ? 0   DC  B C2    1 
ATOM   444 O  O2    . DC  B 2 1  ? 1.403   8.756   -5.038  1.00 48.17  ? 0   DC  B O2    1 
ATOM   445 N  N3    . DC  B 2 1  ? 1.686   9.130   -2.822  1.00 48.93  ? 0   DC  B N3    1 
ATOM   446 C  C4    . DC  B 2 1  ? 1.146   9.497   -1.658  1.00 49.92  ? 0   DC  B C4    1 
ATOM   447 N  N4    . DC  B 2 1  ? 1.937   9.520   -0.581  1.00 50.13  ? 0   DC  B N4    1 
ATOM   448 C  C5    . DC  B 2 1  ? -0.226  9.861   -1.550  1.00 50.32  ? 0   DC  B C5    1 
ATOM   449 C  C6    . DC  B 2 1  ? -0.967  9.820   -2.658  1.00 49.89  ? 0   DC  B C6    1 
ATOM   450 P  P     . DC  B 2 2  ? -4.089  5.604   -6.637  1.00 63.21  ? 1   DC  B P     1 
ATOM   451 O  OP1   . DC  B 2 2  ? -5.243  5.645   -7.564  1.00 66.01  ? 1   DC  B OP1   1 
ATOM   452 O  OP2   . DC  B 2 2  ? -4.268  5.170   -5.233  1.00 57.10  ? 1   DC  B OP2   1 
ATOM   453 O  "O5'" . DC  B 2 2  ? -2.945  4.696   -7.280  1.00 63.59  ? 1   DC  B "O5'" 1 
ATOM   454 C  "C5'" . DC  B 2 2  ? -1.980  5.273   -8.154  1.00 59.69  ? 1   DC  B "C5'" 1 
ATOM   455 C  "C4'" . DC  B 2 2  ? -0.602  4.725   -7.842  1.00 57.52  ? 1   DC  B "C4'" 1 
ATOM   456 O  "O4'" . DC  B 2 2  ? -0.046  5.446   -6.733  1.00 47.89  ? 1   DC  B "O4'" 1 
ATOM   457 C  "C3'" . DC  B 2 2  ? -0.594  3.265   -7.410  1.00 61.35  ? 1   DC  B "C3'" 1 
ATOM   458 O  "O3'" . DC  B 2 2  ? -0.260  2.434   -8.507  1.00 59.37  ? 1   DC  B "O3'" 1 
ATOM   459 C  "C2'" . DC  B 2 2  ? 0.469   3.189   -6.304  1.00 56.66  ? 1   DC  B "C2'" 1 
ATOM   460 C  "C1'" . DC  B 2 2  ? 0.907   4.635   -6.096  1.00 45.44  ? 1   DC  B "C1'" 1 
ATOM   461 N  N1    . DC  B 2 2  ? 0.976   5.036   -4.663  1.00 47.88  ? 1   DC  B N1    1 
ATOM   462 C  C2    . DC  B 2 2  ? 2.204   5.006   -3.993  1.00 50.82  ? 1   DC  B C2    1 
ATOM   463 O  O2    . DC  B 2 2  ? 3.214   4.636   -4.603  1.00 53.04  ? 1   DC  B O2    1 
ATOM   464 N  N3    . DC  B 2 2  ? 2.251   5.383   -2.690  1.00 49.82  ? 1   DC  B N3    1 
ATOM   465 C  C4    . DC  B 2 2  ? 1.139   5.776   -2.068  1.00 53.24  ? 1   DC  B C4    1 
ATOM   466 N  N4    . DC  B 2 2  ? 1.235   6.140   -0.782  1.00 47.43  ? 1   DC  B N4    1 
ATOM   467 C  C5    . DC  B 2 2  ? -0.121  5.815   -2.735  1.00 54.01  ? 1   DC  B C5    1 
ATOM   468 C  C6    . DC  B 2 2  ? -0.155  5.439   -4.019  1.00 48.37  ? 1   DC  B C6    1 
ATOM   469 P  P     . DG  B 2 3  ? -0.401  0.841   -8.372  1.00 76.52  ? 2   DG  B P     1 
ATOM   470 O  OP1   . DG  B 2 3  ? -0.528  0.288   -9.739  1.00 73.15  ? 2   DG  B OP1   1 
ATOM   471 O  OP2   . DG  B 2 3  ? -1.448  0.575   -7.359  1.00 62.96  ? 2   DG  B OP2   1 
ATOM   472 O  "O5'" . DG  B 2 3  ? 0.999   0.384   -7.747  1.00 65.29  ? 2   DG  B "O5'" 1 
ATOM   473 C  "C5'" . DG  B 2 3  ? 2.216   0.843   -8.325  1.00 65.75  ? 2   DG  B "C5'" 1 
ATOM   474 C  "C4'" . DG  B 2 3  ? 3.383   0.591   -7.388  1.00 65.66  ? 2   DG  B "C4'" 1 
ATOM   475 O  "O4'" . DG  B 2 3  ? 3.214   1.370   -6.176  1.00 64.61  ? 2   DG  B "O4'" 1 
ATOM   476 C  "C3'" . DG  B 2 3  ? 3.551   -0.865  -6.946  1.00 63.13  ? 2   DG  B "C3'" 1 
ATOM   477 O  "O3'" . DG  B 2 3  ? 4.885   -1.296  -7.188  1.00 71.93  ? 2   DG  B "O3'" 1 
ATOM   478 C  "C2'" . DG  B 2 3  ? 3.216   -0.842  -5.451  1.00 58.04  ? 2   DG  B "C2'" 1 
ATOM   479 C  "C1'" . DG  B 2 3  ? 3.565   0.584   -5.063  1.00 53.28  ? 2   DG  B "C1'" 1 
ATOM   480 N  N9    . DG  B 2 3  ? 2.830   1.080   -3.900  1.00 57.11  ? 2   DG  B N9    1 
ATOM   481 C  C8    . DG  B 2 3  ? 1.482   1.337   -3.823  1.00 56.25  ? 2   DG  B C8    1 
ATOM   482 N  N7    . DG  B 2 3  ? 1.099   1.789   -2.661  1.00 49.64  ? 2   DG  B N7    1 
ATOM   483 C  C5    . DG  B 2 3  ? 2.269   1.838   -1.915  1.00 49.72  ? 2   DG  B C5    1 
ATOM   484 C  C6    . DG  B 2 3  ? 2.474   2.248   -0.574  1.00 54.27  ? 2   DG  B C6    1 
ATOM   485 O  O6    . DG  B 2 3  ? 1.638   2.661   0.241   1.00 52.41  ? 2   DG  B O6    1 
ATOM   486 N  N1    . DG  B 2 3  ? 3.814   2.142   -0.207  1.00 55.66  ? 2   DG  B N1    1 
ATOM   487 C  C2    . DG  B 2 3  ? 4.822   1.698   -1.027  1.00 56.97  ? 2   DG  B C2    1 
ATOM   488 N  N2    . DG  B 2 3  ? 6.053   1.667   -0.492  1.00 60.29  ? 2   DG  B N2    1 
ATOM   489 N  N3    . DG  B 2 3  ? 4.644   1.311   -2.285  1.00 51.15  ? 2   DG  B N3    1 
ATOM   490 C  C4    . DG  B 2 3  ? 3.343   1.408   -2.659  1.00 52.35  ? 2   DG  B C4    1 
ATOM   491 P  P     . DT  B 2 4  ? 5.358   -2.766  -6.744  1.00 81.89  ? 3   DT  B P     1 
ATOM   492 O  OP1   . DT  B 2 4  ? 6.498   -3.159  -7.600  1.00 74.55  ? 3   DT  B OP1   1 
ATOM   493 O  OP2   . DT  B 2 4  ? 4.167   -3.643  -6.687  1.00 64.86  ? 3   DT  B OP2   1 
ATOM   494 O  "O5'" . DT  B 2 4  ? 5.892   -2.547  -5.254  1.00 76.03  ? 3   DT  B "O5'" 1 
ATOM   495 C  "C5'" . DT  B 2 4  ? 6.622   -3.567  -4.604  1.00 75.97  ? 3   DT  B "C5'" 1 
ATOM   496 C  "C4'" . DT  B 2 4  ? 7.452   -2.990  -3.478  1.00 68.41  ? 3   DT  B "C4'" 1 
ATOM   497 O  "O4'" . DT  B 2 4  ? 6.675   -1.979  -2.779  1.00 66.88  ? 3   DT  B "O4'" 1 
ATOM   498 C  "C3'" . DT  B 2 4  ? 7.864   -3.995  -2.409  1.00 68.18  ? 3   DT  B "C3'" 1 
ATOM   499 O  "O3'" . DT  B 2 4  ? 9.096   -3.595  -1.818  1.00 79.42  ? 3   DT  B "O3'" 1 
ATOM   500 C  "C2'" . DT  B 2 4  ? 6.714   -3.881  -1.422  1.00 69.50  ? 3   DT  B "C2'" 1 
ATOM   501 C  "C1'" . DT  B 2 4  ? 6.489   -2.380  -1.435  1.00 62.99  ? 3   DT  B "C1'" 1 
ATOM   502 N  N1    . DT  B 2 4  ? 5.126   -1.952  -0.985  1.00 59.39  ? 3   DT  B N1    1 
ATOM   503 C  C2    . DT  B 2 4  ? 4.972   -1.444  0.284   1.00 62.54  ? 3   DT  B C2    1 
ATOM   504 O  O2    . DT  B 2 4  ? 5.890   -1.334  1.075   1.00 69.58  ? 3   DT  B O2    1 
ATOM   505 N  N3    . DT  B 2 4  ? 3.693   -1.069  0.600   1.00 60.82  ? 3   DT  B N3    1 
ATOM   506 C  C4    . DT  B 2 4  ? 2.575   -1.145  -0.208  1.00 59.72  ? 3   DT  B C4    1 
ATOM   507 O  O4    . DT  B 2 4  ? 1.465   -0.780  0.170   1.00 58.59  ? 3   DT  B O4    1 
ATOM   508 C  C5    . DT  B 2 4  ? 2.803   -1.683  -1.527  1.00 57.65  ? 3   DT  B C5    1 
ATOM   509 C  C7    . DT  B 2 4  ? 1.662   -1.816  -2.489  1.00 52.18  ? 3   DT  B C7    1 
ATOM   510 C  C6    . DT  B 2 4  ? 4.055   -2.056  -1.852  1.00 58.72  ? 3   DT  B C6    1 
ATOM   511 P  P     . DC  B 2 5  ? 10.049  -4.681  -1.113  1.00 79.37  ? 4   DC  B P     1 
ATOM   512 O  OP1   . DC  B 2 5  ? 11.389  -4.070  -0.958  1.00 77.29  ? 4   DC  B OP1   1 
ATOM   513 O  OP2   . DC  B 2 5  ? 9.894   -5.946  -1.869  1.00 57.88  ? 4   DC  B OP2   1 
ATOM   514 O  "O5'" . DC  B 2 5  ? 9.413   -4.872  0.344   1.00 61.99  ? 4   DC  B "O5'" 1 
ATOM   515 C  "C5'" . DC  B 2 5  ? 9.228   -3.739  1.195   1.00 64.13  ? 4   DC  B "C5'" 1 
ATOM   516 C  "C4'" . DC  B 2 5  ? 8.958   -4.160  2.634   1.00 62.57  ? 4   DC  B "C4'" 1 
ATOM   517 O  "O4'" . DC  B 2 5  ? 7.586   -3.854  2.991   1.00 64.73  ? 4   DC  B "O4'" 1 
ATOM   518 C  "C3'" . DC  B 2 5  ? 9.128   -5.642  2.929   1.00 60.89  ? 4   DC  B "C3'" 1 
ATOM   519 O  "O3'" . DC  B 2 5  ? 9.498   -5.810  4.291   1.00 64.67  ? 4   DC  B "O3'" 1 
ATOM   520 C  "C2'" . DC  B 2 5  ? 7.726   -6.183  2.663   1.00 53.41  ? 4   DC  B "C2'" 1 
ATOM   521 C  "C1'" . DC  B 2 5  ? 6.859   -5.052  3.205   1.00 56.47  ? 4   DC  B "C1'" 1 
ATOM   522 N  N1    . DC  B 2 5  ? 5.543   -4.917  2.522   1.00 50.71  ? 4   DC  B N1    1 
ATOM   523 C  C2    . DC  B 2 5  ? 4.475   -4.319  3.195   1.00 48.83  ? 4   DC  B C2    1 
ATOM   524 O  O2    . DC  B 2 5  ? 4.638   -3.927  4.356   1.00 50.55  ? 4   DC  B O2    1 
ATOM   525 N  N3    . DC  B 2 5  ? 3.286   -4.189  2.558   1.00 45.30  ? 4   DC  B N3    1 
ATOM   526 C  C4    . DC  B 2 5  ? 3.149   -4.627  1.306   1.00 51.84  ? 4   DC  B C4    1 
ATOM   527 N  N4    . DC  B 2 5  ? 1.957   -4.479  0.718   1.00 55.51  ? 4   DC  B N4    1 
ATOM   528 C  C5    . DC  B 2 5  ? 4.227   -5.237  0.603   1.00 55.14  ? 4   DC  B C5    1 
ATOM   529 C  C6    . DC  B 2 5  ? 5.394   -5.361  1.245   1.00 53.48  ? 4   DC  B C6    1 
ATOM   530 P  P     . DA  B 2 6  ? 10.763  -6.718  4.686   1.00 60.41  ? 5   DA  B P     1 
ATOM   531 O  OP1   . DA  B 2 6  ? 11.690  -5.879  5.476   1.00 69.34  ? 5   DA  B OP1   1 
ATOM   532 O  OP2   . DA  B 2 6  ? 11.237  -7.385  3.451   1.00 62.31  ? 5   DA  B OP2   1 
ATOM   533 O  "O5'" . DA  B 2 6  ? 10.145  -7.826  5.659   1.00 60.69  ? 5   DA  B "O5'" 1 
ATOM   534 C  "C5'" . DA  B 2 6  ? 8.788   -8.221  5.510   1.00 71.53  ? 5   DA  B "C5'" 1 
ATOM   535 C  "C4'" . DA  B 2 6  ? 7.907   -7.499  6.514   1.00 64.28  ? 5   DA  B "C4'" 1 
ATOM   536 O  "O4'" . DA  B 2 6  ? 6.793   -6.877  5.827   1.00 62.09  ? 5   DA  B "O4'" 1 
ATOM   537 C  "C3'" . DA  B 2 6  ? 7.271   -8.393  7.562   1.00 61.21  ? 5   DA  B "C3'" 1 
ATOM   538 O  "O3'" . DA  B 2 6  ? 6.983   -7.629  8.718   1.00 68.41  ? 5   DA  B "O3'" 1 
ATOM   539 C  "C2'" . DA  B 2 6  ? 5.996   -8.835  6.860   1.00 56.90  ? 5   DA  B "C2'" 1 
ATOM   540 C  "C1'" . DA  B 2 6  ? 5.588   -7.544  6.165   1.00 59.00  ? 5   DA  B "C1'" 1 
ATOM   541 N  N9    . DA  B 2 6  ? 4.825   -7.751  4.939   1.00 50.37  ? 5   DA  B N9    1 
ATOM   542 C  C8    . DA  B 2 6  ? 5.263   -8.336  3.786   1.00 51.44  ? 5   DA  B C8    1 
ATOM   543 N  N7    . DA  B 2 6  ? 4.359   -8.376  2.837   1.00 52.16  ? 5   DA  B N7    1 
ATOM   544 C  C5    . DA  B 2 6  ? 3.252   -7.770  3.407   1.00 45.92  ? 5   DA  B C5    1 
ATOM   545 C  C6    . DA  B 2 6  ? 1.961   -7.500  2.914   1.00 44.00  ? 5   DA  B C6    1 
ATOM   546 N  N6    . DA  B 2 6  ? 1.561   -7.825  1.679   1.00 41.89  ? 5   DA  B N6    1 
ATOM   547 N  N1    . DA  B 2 6  ? 1.092   -6.882  3.741   1.00 41.23  ? 5   DA  B N1    1 
ATOM   548 C  C2    . DA  B 2 6  ? 1.496   -6.560  4.974   1.00 43.61  ? 5   DA  B C2    1 
ATOM   549 N  N3    . DA  B 2 6  ? 2.681   -6.763  5.549   1.00 46.86  ? 5   DA  B N3    1 
ATOM   550 C  C4    . DA  B 2 6  ? 3.522   -7.377  4.703   1.00 45.70  ? 5   DA  B C4    1 
ATOM   551 O  "O5'" . DT  C 3 1  ? 9.523   32.827  -17.539 1.00 102.22 ? 1   DT  C "O5'" 1 
ATOM   552 C  "C5'" . DT  C 3 1  ? 9.641   31.420  -17.369 1.00 97.12  ? 1   DT  C "C5'" 1 
ATOM   553 C  "C4'" . DT  C 3 1  ? 10.470  31.092  -16.139 1.00 94.50  ? 1   DT  C "C4'" 1 
ATOM   554 O  "O4'" . DT  C 3 1  ? 10.078  31.958  -15.056 1.00 90.22  ? 1   DT  C "O4'" 1 
ATOM   555 C  "C3'" . DT  C 3 1  ? 10.296  29.666  -15.610 1.00 92.45  ? 1   DT  C "C3'" 1 
ATOM   556 O  "O3'" . DT  C 3 1  ? 11.443  28.812  -15.930 1.00 95.63  ? 1   DT  C "O3'" 1 
ATOM   557 C  "C2'" . DT  C 3 1  ? 10.063  29.823  -14.097 1.00 86.14  ? 1   DT  C "C2'" 1 
ATOM   558 C  "C1'" . DT  C 3 1  ? 10.338  31.302  -13.844 1.00 83.71  ? 1   DT  C "C1'" 1 
ATOM   559 N  N1    . DT  C 3 1  ? 9.463   31.886  -12.796 1.00 84.00  ? 1   DT  C N1    1 
ATOM   560 C  C2    . DT  C 3 1  ? 10.003  32.209  -11.573 1.00 87.24  ? 1   DT  C C2    1 
ATOM   561 O  O2    . DT  C 3 1  ? 11.177  32.042  -11.296 1.00 89.21  ? 1   DT  C O2    1 
ATOM   562 N  N3    . DT  C 3 1  ? 9.111   32.731  -10.675 1.00 84.20  ? 1   DT  C N3    1 
ATOM   563 C  C4    . DT  C 3 1  ? 7.762   32.961  -10.874 1.00 82.94  ? 1   DT  C C4    1 
ATOM   564 O  O4    . DT  C 3 1  ? 7.040   33.439  -10.002 1.00 76.11  ? 1   DT  C O4    1 
ATOM   565 C  C5    . DT  C 3 1  ? 7.261   32.600  -12.180 1.00 85.38  ? 1   DT  C C5    1 
ATOM   566 C  C7    . DT  C 3 1  ? 5.813   32.804  -12.515 1.00 86.15  ? 1   DT  C C7    1 
ATOM   567 C  C6    . DT  C 3 1  ? 8.125   32.084  -13.066 1.00 84.89  ? 1   DT  C C6    1 
ATOM   568 P  P     . DC  C 3 2  ? 12.967  29.173  -15.528 1.00 103.55 ? 2   DC  C P     1 
ATOM   569 O  OP1   . DC  C 3 2  ? 13.391  30.449  -16.145 1.00 106.15 ? 2   DC  C OP1   1 
ATOM   570 O  OP2   . DC  C 3 2  ? 13.745  27.955  -15.838 1.00 86.30  ? 2   DC  C OP2   1 
ATOM   571 O  "O5'" . DC  C 3 2  ? 12.961  29.342  -13.937 1.00 81.71  ? 2   DC  C "O5'" 1 
ATOM   572 C  "C5'" . DC  C 3 2  ? 13.143  28.204  -13.100 1.00 89.71  ? 2   DC  C "C5'" 1 
ATOM   573 C  "C4'" . DC  C 3 2  ? 13.942  28.570  -11.864 1.00 89.05  ? 2   DC  C "C4'" 1 
ATOM   574 O  "O4'" . DC  C 3 2  ? 13.176  29.490  -11.046 1.00 86.77  ? 2   DC  C "O4'" 1 
ATOM   575 C  "C3'" . DC  C 3 2  ? 14.255  27.411  -10.938 1.00 92.69  ? 2   DC  C "C3'" 1 
ATOM   576 O  "O3'" . DC  C 3 2  ? 15.378  27.746  -10.130 1.00 99.34  ? 2   DC  C "O3'" 1 
ATOM   577 C  "C2'" . DC  C 3 2  ? 12.977  27.334  -10.112 1.00 88.14  ? 2   DC  C "C2'" 1 
ATOM   578 C  "C1'" . DC  C 3 2  ? 12.686  28.815  -9.896  1.00 84.08  ? 2   DC  C "C1'" 1 
ATOM   579 N  N1    . DC  C 3 2  ? 11.243  29.143  -9.754  1.00 79.59  ? 2   DC  C N1    1 
ATOM   580 C  C2    . DC  C 3 2  ? 10.761  29.671  -8.550  1.00 78.84  ? 2   DC  C C2    1 
ATOM   581 O  O2    . DC  C 3 2  ? 11.544  29.838  -7.606  1.00 78.74  ? 2   DC  C O2    1 
ATOM   582 N  N3    . DC  C 3 2  ? 9.444   29.979  -8.451  1.00 75.93  ? 2   DC  C N3    1 
ATOM   583 C  C4    . DC  C 3 2  ? 8.631   29.784  -9.492  1.00 75.55  ? 2   DC  C C4    1 
ATOM   584 N  N4    . DC  C 3 2  ? 7.341   30.101  -9.349  1.00 73.24  ? 2   DC  C N4    1 
ATOM   585 C  C5    . DC  C 3 2  ? 9.105   29.249  -10.725 1.00 77.52  ? 2   DC  C C5    1 
ATOM   586 C  C6    . DC  C 3 2  ? 10.405  28.951  -10.811 1.00 80.62  ? 2   DC  C C6    1 
ATOM   587 P  P     . DG  C 3 3  ? 16.139  26.619  -9.278  1.00 109.68 ? 3   DG  C P     1 
ATOM   588 O  OP1   . DG  C 3 3  ? 17.444  27.179  -8.864  1.00 107.52 ? 3   DG  C OP1   1 
ATOM   589 O  OP2   . DG  C 3 3  ? 16.086  25.358  -10.051 1.00 100.37 ? 3   DG  C OP2   1 
ATOM   590 O  "O5'" . DG  C 3 3  ? 15.245  26.465  -7.962  1.00 94.96  ? 3   DG  C "O5'" 1 
ATOM   591 C  "C5'" . DG  C 3 3  ? 14.954  27.607  -7.156  1.00 92.07  ? 3   DG  C "C5'" 1 
ATOM   592 C  "C4'" . DG  C 3 3  ? 14.156  27.206  -5.929  1.00 90.57  ? 3   DG  C "C4'" 1 
ATOM   593 O  "O4'" . DG  C 3 3  ? 12.768  27.618  -6.083  1.00 89.58  ? 3   DG  C "O4'" 1 
ATOM   594 C  "C3'" . DG  C 3 3  ? 14.115  25.700  -5.658  1.00 85.47  ? 3   DG  C "C3'" 1 
ATOM   595 O  "O3'" . DG  C 3 3  ? 14.187  25.463  -4.262  1.00 88.31  ? 3   DG  C "O3'" 1 
ATOM   596 C  "C2'" . DG  C 3 3  ? 12.751  25.305  -6.212  1.00 76.46  ? 3   DG  C "C2'" 1 
ATOM   597 C  "C1'" . DG  C 3 3  ? 11.936  26.516  -5.802  1.00 78.47  ? 3   DG  C "C1'" 1 
ATOM   598 N  N9    . DG  C 3 3  ? 10.680  26.666  -6.532  1.00 73.54  ? 3   DG  C N9    1 
ATOM   599 C  C8    . DG  C 3 3  ? 10.422  26.293  -7.827  1.00 71.67  ? 3   DG  C C8    1 
ATOM   600 N  N7    . DG  C 3 3  ? 9.200   26.550  -8.208  1.00 66.24  ? 3   DG  C N7    1 
ATOM   601 C  C5    . DG  C 3 3  ? 8.611   27.128  -7.090  1.00 69.57  ? 3   DG  C C5    1 
ATOM   602 C  C6    . DG  C 3 3  ? 7.293   27.615  -6.902  1.00 66.00  ? 3   DG  C C6    1 
ATOM   603 O  O6    . DG  C 3 3  ? 6.358   27.632  -7.712  1.00 63.77  ? 3   DG  C O6    1 
ATOM   604 N  N1    . DG  C 3 3  ? 7.112   28.121  -5.615  1.00 57.18  ? 3   DG  C N1    1 
ATOM   605 C  C2    . DG  C 3 3  ? 8.078   28.150  -4.638  1.00 59.37  ? 3   DG  C C2    1 
ATOM   606 N  N2    . DG  C 3 3  ? 7.717   28.678  -3.460  1.00 57.84  ? 3   DG  C N2    1 
ATOM   607 N  N3    . DG  C 3 3  ? 9.314   27.700  -4.804  1.00 63.00  ? 3   DG  C N3    1 
ATOM   608 C  C4    . DG  C 3 3  ? 9.509   27.204  -6.050  1.00 68.99  ? 3   DG  C C4    1 
ATOM   609 P  P     . DA  C 3 4  ? 15.443  24.684  -3.634  1.00 98.85  ? 4   DA  C P     1 
ATOM   610 O  OP1   . DA  C 3 4  ? 16.599  25.608  -3.676  1.00 93.22  ? 4   DA  C OP1   1 
ATOM   611 O  OP2   . DA  C 3 4  ? 15.531  23.359  -4.288  1.00 87.34  ? 4   DA  C OP2   1 
ATOM   612 O  "O5'" . DA  C 3 4  ? 15.021  24.458  -2.109  1.00 83.75  ? 4   DA  C "O5'" 1 
ATOM   613 C  "C5'" . DA  C 3 4  ? 14.784  25.580  -1.269  1.00 82.21  ? 4   DA  C "C5'" 1 
ATOM   614 C  "C4'" . DA  C 3 4  ? 13.491  25.417  -0.485  1.00 83.57  ? 4   DA  C "C4'" 1 
ATOM   615 O  "O4'" . DA  C 3 4  ? 12.352  25.509  -1.381  1.00 88.29  ? 4   DA  C "O4'" 1 
ATOM   616 C  "C3'" . DA  C 3 4  ? 13.337  24.094  0.261   1.00 83.02  ? 4   DA  C "C3'" 1 
ATOM   617 O  "O3'" . DA  C 3 4  ? 12.714  24.337  1.510   1.00 87.10  ? 4   DA  C "O3'" 1 
ATOM   618 C  "C2'" . DA  C 3 4  ? 12.435  23.280  -0.669  1.00 81.32  ? 4   DA  C "C2'" 1 
ATOM   619 C  "C1'" . DA  C 3 4  ? 11.535  24.363  -1.240  1.00 80.68  ? 4   DA  C "C1'" 1 
ATOM   620 N  N9    . DA  C 3 4  ? 10.985  24.043  -2.555  1.00 72.52  ? 4   DA  C N9    1 
ATOM   621 C  C8    . DA  C 3 4  ? 11.624  23.410  -3.582  1.00 74.78  ? 4   DA  C C8    1 
ATOM   622 N  N7    . DA  C 3 4  ? 10.886  23.271  -4.660  1.00 76.59  ? 4   DA  C N7    1 
ATOM   623 C  C5    . DA  C 3 4  ? 9.683   23.864  -4.315  1.00 71.47  ? 4   DA  C C5    1 
ATOM   624 C  C6    . DA  C 3 4  ? 8.479   24.047  -5.026  1.00 65.51  ? 4   DA  C C6    1 
ATOM   625 N  N6    . DA  C 3 4  ? 8.293   23.633  -6.283  1.00 60.27  ? 4   DA  C N6    1 
ATOM   626 N  N1    . DA  C 3 4  ? 7.468   24.677  -4.388  1.00 62.88  ? 4   DA  C N1    1 
ATOM   627 C  C2    . DA  C 3 4  ? 7.657   25.091  -3.129  1.00 63.79  ? 4   DA  C C2    1 
ATOM   628 N  N3    . DA  C 3 4  ? 8.741   24.975  -2.363  1.00 66.12  ? 4   DA  C N3    1 
ATOM   629 C  C4    . DA  C 3 4  ? 9.728   24.347  -3.021  1.00 68.83  ? 4   DA  C C4    1 
ATOM   630 P  P     . DG  C 3 5  ? 12.664  23.197  2.641   1.00 109.98 ? 5   DG  C P     1 
ATOM   631 O  OP1   . DG  C 3 5  ? 13.335  23.746  3.841   1.00 99.19  ? 5   DG  C OP1   1 
ATOM   632 O  OP2   . DG  C 3 5  ? 13.132  21.922  2.052   1.00 97.95  ? 5   DG  C OP2   1 
ATOM   633 O  "O5'" . DG  C 3 5  ? 11.104  23.059  2.953   1.00 98.25  ? 5   DG  C "O5'" 1 
ATOM   634 C  "C5'" . DG  C 3 5  ? 10.305  24.232  3.081   1.00 89.10  ? 5   DG  C "C5'" 1 
ATOM   635 C  "C4'" . DG  C 3 5  ? 8.838   23.918  2.854   1.00 87.32  ? 5   DG  C "C4'" 1 
ATOM   636 O  "O4'" . DG  C 3 5  ? 8.578   23.772  1.431   1.00 84.31  ? 5   DG  C "O4'" 1 
ATOM   637 C  "C3'" . DG  C 3 5  ? 8.349   22.623  3.510   1.00 79.65  ? 5   DG  C "C3'" 1 
ATOM   638 O  "O3'" . DG  C 3 5  ? 7.110   22.856  4.160   1.00 81.60  ? 5   DG  C "O3'" 1 
ATOM   639 C  "C2'" . DG  C 3 5  ? 8.194   21.667  2.327   1.00 71.57  ? 5   DG  C "C2'" 1 
ATOM   640 C  "C1'" . DG  C 3 5  ? 7.785   22.626  1.227   1.00 70.48  ? 5   DG  C "C1'" 1 
ATOM   641 N  N9    . DG  C 3 5  ? 8.029   22.121  -0.120  1.00 65.54  ? 5   DG  C N9    1 
ATOM   642 C  C8    . DG  C 3 5  ? 9.185   21.551  -0.596  1.00 72.18  ? 5   DG  C C8    1 
ATOM   643 N  N7    . DG  C 3 5  ? 9.112   21.196  -1.849  1.00 69.83  ? 5   DG  C N7    1 
ATOM   644 C  C5    . DG  C 3 5  ? 7.826   21.553  -2.230  1.00 64.47  ? 5   DG  C C5    1 
ATOM   645 C  C6    . DG  C 3 5  ? 7.170   21.413  -3.478  1.00 59.42  ? 5   DG  C C6    1 
ATOM   646 O  O6    . DG  C 3 5  ? 7.614   20.929  -4.530  1.00 59.61  ? 5   DG  C O6    1 
ATOM   647 N  N1    . DG  C 3 5  ? 5.868   21.906  -3.434  1.00 55.68  ? 5   DG  C N1    1 
ATOM   648 C  C2    . DG  C 3 5  ? 5.274   22.462  -2.324  1.00 59.60  ? 5   DG  C C2    1 
ATOM   649 N  N2    . DG  C 3 5  ? 4.010   22.881  -2.475  1.00 57.26  ? 5   DG  C N2    1 
ATOM   650 N  N3    . DG  C 3 5  ? 5.876   22.599  -1.149  1.00 60.47  ? 5   DG  C N3    1 
ATOM   651 C  C4    . DG  C 3 5  ? 7.145   22.124  -1.176  1.00 65.64  ? 5   DG  C C4    1 
ATOM   652 P  P     . DT  C 3 6  ? 6.705   21.998  5.458   1.00 94.22  ? 6   DT  C P     1 
ATOM   653 O  OP1   . DT  C 3 6  ? 6.497   22.944  6.577   1.00 94.85  ? 6   DT  C OP1   1 
ATOM   654 O  OP2   . DT  C 3 6  ? 7.686   20.899  5.595   1.00 84.26  ? 6   DT  C OP2   1 
ATOM   655 O  "O5'" . DT  C 3 6  ? 5.299   21.352  5.061   1.00 78.13  ? 6   DT  C "O5'" 1 
ATOM   656 C  "C5'" . DT  C 3 6  ? 5.152   20.710  3.805   1.00 69.25  ? 6   DT  C "C5'" 1 
ATOM   657 C  "C4'" . DT  C 3 6  ? 3.863   21.128  3.133   1.00 64.04  ? 6   DT  C "C4'" 1 
ATOM   658 O  "O4'" . DT  C 3 6  ? 4.085   21.230  1.701   1.00 64.13  ? 6   DT  C "O4'" 1 
ATOM   659 C  "C3'" . DT  C 3 6  ? 2.725   20.136  3.285   1.00 64.42  ? 6   DT  C "C3'" 1 
ATOM   660 O  "O3'" . DT  C 3 6  ? 1.471   20.802  3.119   1.00 66.06  ? 6   DT  C "O3'" 1 
ATOM   661 C  "C2'" . DT  C 3 6  ? 3.012   19.180  2.135   1.00 62.49  ? 6   DT  C "C2'" 1 
ATOM   662 C  "C1'" . DT  C 3 6  ? 3.432   20.160  1.042   1.00 57.55  ? 6   DT  C "C1'" 1 
ATOM   663 N  N1    . DT  C 3 6  ? 4.367   19.573  0.037   1.00 54.04  ? 6   DT  C N1    1 
ATOM   664 C  C2    . DT  C 3 6  ? 3.962   19.467  -1.275  1.00 58.11  ? 6   DT  C C2    1 
ATOM   665 O  O2    . DT  C 3 6  ? 2.868   19.830  -1.670  1.00 57.29  ? 6   DT  C O2    1 
ATOM   666 N  N3    . DT  C 3 6  ? 4.892   18.916  -2.115  1.00 56.85  ? 6   DT  C N3    1 
ATOM   667 C  C4    . DT  C 3 6  ? 6.159   18.468  -1.787  1.00 60.47  ? 6   DT  C C4    1 
ATOM   668 O  O4    . DT  C 3 6  ? 6.922   17.987  -2.617  1.00 61.95  ? 6   DT  C O4    1 
ATOM   669 C  C5    . DT  C 3 6  ? 6.517   18.609  -0.394  1.00 58.77  ? 6   DT  C C5    1 
ATOM   670 C  C7    . DT  C 3 6  ? 7.866   18.159  0.084   1.00 59.21  ? 6   DT  C C7    1 
ATOM   671 C  C6    . DT  C 3 6  ? 5.615   19.147  0.441   1.00 56.13  ? 6   DT  C C6    1 
ATOM   672 P  P     . DC  C 3 7  ? 0.108   20.127  3.648   1.00 53.67  ? 7   DC  C P     1 
ATOM   673 O  OP1   . DC  C 3 7  ? -0.533  21.081  4.578   1.00 65.30  ? 7   DC  C OP1   1 
ATOM   674 O  OP2   . DC  C 3 7  ? 0.432   18.760  4.104   1.00 54.94  ? 7   DC  C OP2   1 
ATOM   675 O  "O5'" . DC  C 3 7  ? -0.799  19.994  2.332   1.00 58.88  ? 7   DC  C "O5'" 1 
ATOM   676 C  "C5'" . DC  C 3 7  ? -0.183  19.701  1.086   1.00 50.17  ? 7   DC  C "C5'" 1 
ATOM   677 C  "C4'" . DC  C 3 7  ? -1.198  19.454  -0.007  1.00 48.31  ? 7   DC  C "C4'" 1 
ATOM   678 O  "O4'" . DC  C 3 7  ? -0.511  18.928  -1.169  1.00 60.59  ? 7   DC  C "O4'" 1 
ATOM   679 C  "C3'" . DC  C 3 7  ? -2.244  18.409  0.315   1.00 49.82  ? 7   DC  C "C3'" 1 
ATOM   680 O  "O3'" . DC  C 3 7  ? -3.380  18.592  -0.532  1.00 57.24  ? 7   DC  C "O3'" 1 
ATOM   681 C  "C2'" . DC  C 3 7  ? -1.494  17.114  0.003   1.00 51.59  ? 7   DC  C "C2'" 1 
ATOM   682 C  "C1'" . DC  C 3 7  ? -0.634  17.515  -1.198  1.00 54.67  ? 7   DC  C "C1'" 1 
ATOM   683 N  N1    . DC  C 3 7  ? 0.740   16.916  -1.175  1.00 51.87  ? 7   DC  C N1    1 
ATOM   684 C  C2    . DC  C 3 7  ? 1.303   16.420  -2.358  1.00 55.09  ? 7   DC  C C2    1 
ATOM   685 O  O2    . DC  C 3 7  ? 0.656   16.483  -3.410  1.00 54.82  ? 7   DC  C O2    1 
ATOM   686 N  N3    . DC  C 3 7  ? 2.550   15.883  -2.317  1.00 54.32  ? 7   DC  C N3    1 
ATOM   687 C  C4    . DC  C 3 7  ? 3.217   15.833  -1.161  1.00 52.51  ? 7   DC  C C4    1 
ATOM   688 N  N4    . DC  C 3 7  ? 4.441   15.296  -1.169  1.00 54.30  ? 7   DC  C N4    1 
ATOM   689 C  C5    . DC  C 3 7  ? 2.658   16.331  0.051   1.00 47.63  ? 7   DC  C C5    1 
ATOM   690 C  C6    . DC  C 3 7  ? 1.430   16.857  -0.002  1.00 48.82  ? 7   DC  C C6    1 
ATOM   691 P  P     . DT  C 3 8  ? -4.403  17.384  -0.830  1.00 64.64  ? 8   DT  C P     1 
ATOM   692 O  OP1   . DT  C 3 8  ? -5.655  17.975  -1.354  1.00 66.26  ? 8   DT  C OP1   1 
ATOM   693 O  OP2   . DT  C 3 8  ? -4.463  16.476  0.337   1.00 43.52  ? 8   DT  C OP2   1 
ATOM   694 O  "O5'" . DT  C 3 8  ? -3.709  16.593  -2.030  1.00 52.28  ? 8   DT  C "O5'" 1 
ATOM   695 C  "C5'" . DT  C 3 8  ? -4.202  15.324  -2.426  1.00 55.88  ? 8   DT  C "C5'" 1 
ATOM   696 C  "C4'" . DT  C 3 8  ? -3.488  14.841  -3.674  1.00 45.51  ? 8   DT  C "C4'" 1 
ATOM   697 O  "O4'" . DT  C 3 8  ? -2.053  14.801  -3.436  1.00 49.34  ? 8   DT  C "O4'" 1 
ATOM   698 C  "C3'" . DT  C 3 8  ? -3.869  13.430  -4.116  1.00 43.23  ? 8   DT  C "C3'" 1 
ATOM   699 O  "O3'" . DT  C 3 8  ? -3.843  13.345  -5.527  1.00 55.75  ? 8   DT  C "O3'" 1 
ATOM   700 C  "C2'" . DT  C 3 8  ? -2.768  12.591  -3.493  1.00 45.50  ? 8   DT  C "C2'" 1 
ATOM   701 C  "C1'" . DT  C 3 8  ? -1.575  13.503  -3.709  1.00 43.43  ? 8   DT  C "C1'" 1 
ATOM   702 N  N1    . DT  C 3 8  ? -0.422  13.209  -2.814  1.00 45.75  ? 8   DT  C N1    1 
ATOM   703 C  C2    . DT  C 3 8  ? 0.711   12.634  -3.346  1.00 46.28  ? 8   DT  C C2    1 
ATOM   704 O  O2    . DT  C 3 8  ? 0.827   12.345  -4.525  1.00 46.27  ? 8   DT  C O2    1 
ATOM   705 N  N3    . DT  C 3 8  ? 1.712   12.407  -2.440  1.00 47.45  ? 8   DT  C N3    1 
ATOM   706 C  C4    . DT  C 3 8  ? 1.693   12.689  -1.085  1.00 51.62  ? 8   DT  C C4    1 
ATOM   707 O  O4    . DT  C 3 8  ? 2.643   12.446  -0.351  1.00 54.19  ? 8   DT  C O4    1 
ATOM   708 C  C5    . DT  C 3 8  ? 0.473   13.289  -0.595  1.00 51.66  ? 8   DT  C C5    1 
ATOM   709 C  C7    . DT  C 3 8  ? 0.333   13.639  0.857   1.00 52.06  ? 8   DT  C C7    1 
ATOM   710 C  C6    . DT  C 3 8  ? -0.513  13.516  -1.472  1.00 50.25  ? 8   DT  C C6    1 
ATOM   711 P  P     . DG  D 4 1  ? 3.900   -13.585 6.762   1.00 58.92  ? 10  DG  D P     1 
ATOM   712 O  OP1   . DG  D 4 1  ? 3.877   -14.497 7.926   1.00 56.82  ? 10  DG  D OP1   1 
ATOM   713 O  OP2   . DG  D 4 1  ? 4.494   -14.051 5.491   1.00 56.98  ? 10  DG  D OP2   1 
ATOM   714 O  "O5'" . DG  D 4 1  ? 4.586   -12.200 7.186   1.00 53.05  ? 10  DG  D "O5'" 1 
ATOM   715 C  "C5'" . DG  D 4 1  ? 4.517   -11.746 8.541   1.00 57.32  ? 10  DG  D "C5'" 1 
ATOM   716 C  "C4'" . DG  D 4 1  ? 3.321   -10.837 8.736   1.00 57.61  ? 10  DG  D "C4'" 1 
ATOM   717 O  "O4'" . DG  D 4 1  ? 3.134   -10.056 7.542   1.00 48.42  ? 10  DG  D "O4'" 1 
ATOM   718 C  "C3'" . DG  D 4 1  ? 2.006   -11.565 8.933   1.00 59.08  ? 10  DG  D "C3'" 1 
ATOM   719 O  "O3'" . DG  D 4 1  ? 1.805   -11.831 10.307  1.00 55.11  ? 10  DG  D "O3'" 1 
ATOM   720 C  "C2'" . DG  D 4 1  ? 0.971   -10.576 8.394   1.00 58.46  ? 10  DG  D "C2'" 1 
ATOM   721 C  "C1'" . DG  D 4 1  ? 1.762   -9.757  7.372   1.00 42.45  ? 10  DG  D "C1'" 1 
ATOM   722 N  N9    . DG  D 4 1  ? 1.403   -10.021 5.980   1.00 42.37  ? 10  DG  D N9    1 
ATOM   723 C  C8    . DG  D 4 1  ? 2.176   -10.647 5.034   1.00 44.62  ? 10  DG  D C8    1 
ATOM   724 N  N7    . DG  D 4 1  ? 1.602   -10.730 3.866   1.00 41.60  ? 10  DG  D N7    1 
ATOM   725 C  C5    . DG  D 4 1  ? 0.372   -10.116 4.047   1.00 39.92  ? 10  DG  D C5    1 
ATOM   726 C  C6    . DG  D 4 1  ? -0.683  -9.905  3.130   1.00 36.98  ? 10  DG  D C6    1 
ATOM   727 O  O6    . DG  D 4 1  ? -0.736  -10.232 1.936   1.00 33.83  ? 10  DG  D O6    1 
ATOM   728 N  N1    . DG  D 4 1  ? -1.755  -9.242  3.721   1.00 42.18  ? 10  DG  D N1    1 
ATOM   729 C  C2    . DG  D 4 1  ? -1.802  -8.832  5.032   1.00 49.40  ? 10  DG  D C2    1 
ATOM   730 N  N2    . DG  D 4 1  ? -2.925  -8.205  5.419   1.00 57.37  ? 10  DG  D N2    1 
ATOM   731 N  N3    . DG  D 4 1  ? -0.819  -9.022  5.906   1.00 45.62  ? 10  DG  D N3    1 
ATOM   732 C  C4    . DG  D 4 1  ? 0.232   -9.669  5.345   1.00 42.79  ? 10  DG  D C4    1 
ATOM   733 P  P     . DT  D 4 2  ? 0.943   -13.110 10.751  1.00 65.58  ? 11  DT  D P     1 
ATOM   734 O  OP1   . DT  D 4 2  ? 1.198   -13.343 12.188  1.00 63.47  ? 11  DT  D OP1   1 
ATOM   735 O  OP2   . DT  D 4 2  ? 1.210   -14.197 9.781   1.00 67.02  ? 11  DT  D OP2   1 
ATOM   736 O  "O5'" . DT  D 4 2  ? -0.568  -12.632 10.555  1.00 54.19  ? 11  DT  D "O5'" 1 
ATOM   737 C  "C5'" . DT  D 4 2  ? -1.081  -11.562 11.340  1.00 56.77  ? 11  DT  D "C5'" 1 
ATOM   738 C  "C4'" . DT  D 4 2  ? -2.442  -11.131 10.832  1.00 56.94  ? 11  DT  D "C4'" 1 
ATOM   739 O  "O4'" . DT  D 4 2  ? -2.364  -10.883 9.404   1.00 48.23  ? 11  DT  D "O4'" 1 
ATOM   740 C  "C3'" . DT  D 4 2  ? -3.554  -12.164 11.026  1.00 61.25  ? 11  DT  D "C3'" 1 
ATOM   741 O  "O3'" . DT  D 4 2  ? -4.739  -11.530 11.483  1.00 65.59  ? 11  DT  D "O3'" 1 
ATOM   742 C  "C2'" . DT  D 4 2  ? -3.737  -12.752 9.629   1.00 57.16  ? 11  DT  D "C2'" 1 
ATOM   743 C  "C1'" . DT  D 4 2  ? -3.413  -11.556 8.752   1.00 42.92  ? 11  DT  D "C1'" 1 
ATOM   744 N  N1    . DT  D 4 2  ? -2.953  -11.928 7.387   1.00 47.32  ? 11  DT  D N1    1 
ATOM   745 C  C2    . DT  D 4 2  ? -3.767  -11.677 6.309   1.00 53.10  ? 11  DT  D C2    1 
ATOM   746 O  O2    . DT  D 4 2  ? -4.865  -11.158 6.406   1.00 56.18  ? 11  DT  D O2    1 
ATOM   747 N  N3    . DT  D 4 2  ? -3.248  -12.060 5.099   1.00 49.40  ? 11  DT  D N3    1 
ATOM   748 C  C4    . DT  D 4 2  ? -2.023  -12.654 4.864   1.00 45.71  ? 11  DT  D C4    1 
ATOM   749 O  O4    . DT  D 4 2  ? -1.645  -12.961 3.735   1.00 40.08  ? 11  DT  D O4    1 
ATOM   750 C  C5    . DT  D 4 2  ? -1.217  -12.889 6.039   1.00 46.57  ? 11  DT  D C5    1 
ATOM   751 C  C7    . DT  D 4 2  ? 0.132   -13.530 5.914   1.00 46.54  ? 11  DT  D C7    1 
ATOM   752 C  C6    . DT  D 4 2  ? -1.717  -12.518 7.229   1.00 47.20  ? 11  DT  D C6    1 
ATOM   753 P  P     . DG  D 4 3  ? -6.040  -12.406 11.837  1.00 87.63  ? 12  DG  D P     1 
ATOM   754 O  OP1   . DG  D 4 3  ? -6.743  -11.713 12.938  1.00 74.60  ? 12  DG  D OP1   1 
ATOM   755 O  OP2   . DG  D 4 3  ? -5.622  -13.817 12.004  1.00 79.02  ? 12  DG  D OP2   1 
ATOM   756 O  "O5'" . DG  D 4 3  ? -6.936  -12.313 10.515  1.00 72.60  ? 12  DG  D "O5'" 1 
ATOM   757 C  "C5'" . DG  D 4 3  ? -7.416  -11.047 10.074  1.00 68.64  ? 12  DG  D "C5'" 1 
ATOM   758 C  "C4'" . DG  D 4 3  ? -8.456  -11.205 8.976   1.00 70.37  ? 12  DG  D "C4'" 1 
ATOM   759 O  "O4'" . DG  D 4 3  ? -7.805  -11.554 7.728   1.00 68.05  ? 12  DG  D "O4'" 1 
ATOM   760 C  "C3'" . DG  D 4 3  ? -9.506  -12.283 9.222   1.00 80.29  ? 12  DG  D "C3'" 1 
ATOM   761 O  "O3'" . DG  D 4 3  ? -10.764 -11.845 8.726   1.00 92.17  ? 12  DG  D "O3'" 1 
ATOM   762 C  "C2'" . DG  D 4 3  ? -8.966  -13.477 8.434   1.00 77.75  ? 12  DG  D "C2'" 1 
ATOM   763 C  "C1'" . DG  D 4 3  ? -8.287  -12.796 7.253   1.00 65.40  ? 12  DG  D "C1'" 1 
ATOM   764 N  N9    . DG  D 4 3  ? -7.151  -13.538 6.719   1.00 55.95  ? 12  DG  D N9    1 
ATOM   765 C  C8    . DG  D 4 3  ? -6.084  -14.033 7.428   1.00 56.11  ? 12  DG  D C8    1 
ATOM   766 N  N7    . DG  D 4 3  ? -5.202  -14.640 6.684   1.00 51.81  ? 12  DG  D N7    1 
ATOM   767 C  C5    . DG  D 4 3  ? -5.711  -14.535 5.398   1.00 56.77  ? 12  DG  D C5    1 
ATOM   768 C  C6    . DG  D 4 3  ? -5.188  -15.006 4.170   1.00 63.29  ? 12  DG  D C6    1 
ATOM   769 O  O6    . DG  D 4 3  ? -4.137  -15.631 3.973   1.00 63.98  ? 12  DG  D O6    1 
ATOM   770 N  N1    . DG  D 4 3  ? -6.020  -14.687 3.100   1.00 64.84  ? 12  DG  D N1    1 
ATOM   771 C  C2    . DG  D 4 3  ? -7.206  -14.000 3.203   1.00 68.15  ? 12  DG  D C2    1 
ATOM   772 N  N2    . DG  D 4 3  ? -7.870  -13.787 2.057   1.00 70.07  ? 12  DG  D N2    1 
ATOM   773 N  N3    . DG  D 4 3  ? -7.707  -13.551 4.347   1.00 65.34  ? 12  DG  D N3    1 
ATOM   774 C  C4    . DG  D 4 3  ? -6.909  -13.854 5.399   1.00 58.90  ? 12  DG  D C4    1 
ATOM   775 P  P     . DT  D 4 4  ? -12.053 -12.800 8.813   1.00 112.69 ? 13  DT  D P     1 
ATOM   776 O  OP1   . DT  D 4 4  ? -13.244 -11.927 8.887   1.00 108.41 ? 13  DT  D OP1   1 
ATOM   777 O  OP2   . DT  D 4 4  ? -11.820 -13.799 9.880   1.00 90.63  ? 13  DT  D OP2   1 
ATOM   778 O  "O5'" . DT  D 4 4  ? -12.054 -13.555 7.403   1.00 89.67  ? 13  DT  D "O5'" 1 
ATOM   779 C  "C5'" . DT  D 4 4  ? -11.808 -12.818 6.210   1.00 84.53  ? 13  DT  D "C5'" 1 
ATOM   780 C  "C4'" . DT  D 4 4  ? -12.322 -13.569 4.997   1.00 96.54  ? 13  DT  D "C4'" 1 
ATOM   781 O  "O4'" . DT  D 4 4  ? -11.206 -14.123 4.251   1.00 90.20  ? 13  DT  D "O4'" 1 
ATOM   782 C  "C3'" . DT  D 4 4  ? -13.251 -14.740 5.311   1.00 108.26 ? 13  DT  D "C3'" 1 
ATOM   783 O  "O3'" . DT  D 4 4  ? -14.343 -14.733 4.410   1.00 122.04 ? 13  DT  D "O3'" 1 
ATOM   784 C  "C2'" . DT  D 4 4  ? -12.355 -15.964 5.108   1.00 103.04 ? 13  DT  D "C2'" 1 
ATOM   785 C  "C1'" . DT  D 4 4  ? -11.443 -15.489 3.990   1.00 93.97  ? 13  DT  D "C1'" 1 
ATOM   786 N  N1    . DT  D 4 4  ? -10.126 -16.186 3.950   1.00 83.44  ? 13  DT  D N1    1 
ATOM   787 C  C2    . DT  D 4 4  ? -9.583  -16.533 2.733   1.00 82.31  ? 13  DT  D C2    1 
ATOM   788 O  O2    . DT  D 4 4  ? -10.131 -16.308 1.669   1.00 82.61  ? 13  DT  D O2    1 
ATOM   789 N  N3    . DT  D 4 4  ? -8.368  -17.158 2.808   1.00 78.21  ? 13  DT  D N3    1 
ATOM   790 C  C4    . DT  D 4 4  ? -7.652  -17.465 3.952   1.00 74.29  ? 13  DT  D C4    1 
ATOM   791 O  O4    . DT  D 4 4  ? -6.566  -18.031 3.916   1.00 73.68  ? 13  DT  D O4    1 
ATOM   792 C  C5    . DT  D 4 4  ? -8.278  -17.071 5.193   1.00 72.55  ? 13  DT  D C5    1 
ATOM   793 C  C7    . DT  D 4 4  ? -7.599  -17.351 6.502   1.00 60.54  ? 13  DT  D C7    1 
ATOM   794 C  C6    . DT  D 4 4  ? -9.469  -16.457 5.133   1.00 77.91  ? 13  DT  D C6    1 
ATOM   795 P  P     . DC  D 4 5  ? -15.678 -15.562 4.742   1.00 133.93 ? 14  DC  D P     1 
ATOM   796 O  OP1   . DC  D 4 5  ? -16.806 -14.605 4.746   1.00 138.59 ? 14  DC  D OP1   1 
ATOM   797 O  OP2   . DC  D 4 5  ? -15.421 -16.393 5.939   1.00 120.89 ? 14  DC  D OP2   1 
ATOM   798 O  "O5'" . DC  D 4 5  ? -15.828 -16.538 3.487   1.00 117.15 ? 14  DC  D "O5'" 1 
ATOM   799 C  "C5'" . DC  D 4 5  ? -15.534 -16.058 2.181   1.00 112.77 ? 14  DC  D "C5'" 1 
ATOM   800 C  "C4'" . DC  D 4 5  ? -15.088 -17.194 1.282   1.00 109.41 ? 14  DC  D "C4'" 1 
ATOM   801 O  "O4'" . DC  D 4 5  ? -13.703 -17.507 1.545   1.00 106.23 ? 14  DC  D "O4'" 1 
ATOM   802 C  "C3'" . DC  D 4 5  ? -15.860 -18.503 1.479   1.00 112.79 ? 14  DC  D "C3'" 1 
ATOM   803 O  "O3'" . DC  D 4 5  ? -16.645 -18.790 0.330   1.00 116.43 ? 14  DC  D "O3'" 1 
ATOM   804 C  "C2'" . DC  D 4 5  ? -14.772 -19.568 1.702   1.00 105.90 ? 14  DC  D "C2'" 1 
ATOM   805 C  "C1'" . DC  D 4 5  ? -13.502 -18.862 1.252   1.00 104.64 ? 14  DC  D "C1'" 1 
ATOM   806 N  N1    . DC  D 4 5  ? -12.282 -19.339 1.965   1.00 97.12  ? 14  DC  D N1    1 
ATOM   807 C  C2    . DC  D 4 5  ? -11.200 -19.836 1.230   1.00 88.72  ? 14  DC  D C2    1 
ATOM   808 O  O2    . DC  D 4 5  ? -11.267 -19.857 -0.006  1.00 84.76  ? 14  DC  D O2    1 
ATOM   809 N  N3    . DC  D 4 5  ? -10.103 -20.277 1.895   1.00 83.18  ? 14  DC  D N3    1 
ATOM   810 C  C4    . DC  D 4 5  ? -10.069 -20.238 3.228   1.00 85.90  ? 14  DC  D C4    1 
ATOM   811 N  N4    . DC  D 4 5  ? -8.966  -20.682 3.839   1.00 84.10  ? 14  DC  D N4    1 
ATOM   812 C  C5    . DC  D 4 5  ? -11.165 -19.740 3.994   1.00 87.61  ? 14  DC  D C5    1 
ATOM   813 C  C6    . DC  D 4 5  ? -12.241 -19.309 3.328   1.00 90.74  ? 14  DC  D C6    1 
ATOM   814 P  P     . DG  D 4 6  ? -17.604 -20.079 0.311   1.00 110.16 ? 15  DG  D P     1 
ATOM   815 O  OP1   . DG  D 4 6  ? -18.651 -19.846 -0.706  1.00 113.14 ? 15  DG  D OP1   1 
ATOM   816 O  OP2   . DG  D 4 6  ? -17.987 -20.365 1.712   1.00 105.29 ? 15  DG  D OP2   1 
ATOM   817 O  "O5'" . DG  D 4 6  ? -16.656 -21.253 -0.222  1.00 109.46 ? 15  DG  D "O5'" 1 
ATOM   818 C  "C5'" . DG  D 4 6  ? -16.008 -21.124 -1.484  1.00 106.14 ? 15  DG  D "C5'" 1 
ATOM   819 C  "C4'" . DG  D 4 6  ? -14.901 -22.152 -1.638  1.00 107.25 ? 15  DG  D "C4'" 1 
ATOM   820 O  "O4'" . DG  D 4 6  ? -13.840 -21.872 -0.704  1.00 108.51 ? 15  DG  D "O4'" 1 
ATOM   821 C  "C3'" . DG  D 4 6  ? -15.296 -23.580 -1.318  1.00 109.00 ? 15  DG  D "C3'" 1 
ATOM   822 O  "O3'" . DG  D 4 6  ? -15.980 -24.179 -2.443  1.00 114.08 ? 15  DG  D "O3'" 1 
ATOM   823 C  "C2'" . DG  D 4 6  ? -13.941 -24.231 -1.019  1.00 102.50 ? 15  DG  D "C2'" 1 
ATOM   824 C  "C1'" . DG  D 4 6  ? -13.107 -23.064 -0.475  1.00 103.05 ? 15  DG  D "C1'" 1 
ATOM   825 N  N9    . DG  D 4 6  ? -12.815 -23.179 0.951   1.00 91.32  ? 15  DG  D N9    1 
ATOM   826 C  C8    . DG  D 4 6  ? -13.620 -22.804 1.998   1.00 92.88  ? 15  DG  D C8    1 
ATOM   827 N  N7    . DG  D 4 6  ? -13.091 -23.035 3.169   1.00 93.63  ? 15  DG  D N7    1 
ATOM   828 C  C5    . DG  D 4 6  ? -11.858 -23.605 2.878   1.00 90.34  ? 15  DG  D C5    1 
ATOM   829 C  C6    . DG  D 4 6  ? -10.839 -24.066 3.746   1.00 90.09  ? 15  DG  D C6    1 
ATOM   830 O  O6    . DG  D 4 6  ? -10.823 -24.061 4.984   1.00 90.54  ? 15  DG  D O6    1 
ATOM   831 N  N1    . DG  D 4 6  ? -9.752  -24.573 3.038   1.00 84.60  ? 15  DG  D N1    1 
ATOM   832 C  C2    . DG  D 4 6  ? -9.661  -24.628 1.666   1.00 77.74  ? 15  DG  D C2    1 
ATOM   833 N  N2    . DG  D 4 6  ? -8.532  -25.151 1.165   1.00 70.44  ? 15  DG  D N2    1 
ATOM   834 N  N3    . DG  D 4 6  ? -10.609 -24.199 0.843   1.00 79.81  ? 15  DG  D N3    1 
ATOM   835 C  C4    . DG  D 4 6  ? -11.674 -23.703 1.517   1.00 85.36  ? 15  DG  D C4    1 
ATOM   836 P  P     . DT  D 4 7  ? -15.223 -25.112 -3.519  1.00 131.68 ? 16  DT  D P     1 
ATOM   837 O  OP1   . DT  D 4 7  ? -14.001 -24.422 -3.993  1.00 117.76 ? 16  DT  D OP1   1 
ATOM   838 O  OP2   . DT  D 4 7  ? -16.244 -25.491 -4.519  1.00 120.43 ? 16  DT  D OP2   1 
ATOM   839 O  "O5'" . DT  D 4 7  ? -14.869 -26.453 -2.713  1.00 114.04 ? 16  DT  D "O5'" 1 
ATOM   840 C  "C5'" . DT  D 4 7  ? -14.287 -27.569 -3.385  1.00 107.64 ? 16  DT  D "C5'" 1 
ATOM   841 C  "C4'" . DT  D 4 7  ? -12.801 -27.350 -3.623  1.00 106.61 ? 16  DT  D "C4'" 1 
ATOM   842 O  "O4'" . DT  D 4 7  ? -12.192 -26.799 -2.424  1.00 107.10 ? 16  DT  D "O4'" 1 
ATOM   843 C  "C3'" . DT  D 4 7  ? -12.011 -28.613 -3.951  1.00 102.19 ? 16  DT  D "C3'" 1 
ATOM   844 O  "O3'" . DT  D 4 7  ? -10.970 -28.312 -4.873  1.00 99.13  ? 16  DT  D "O3'" 1 
ATOM   845 C  "C2'" . DT  D 4 7  ? -11.455 -29.022 -2.592  1.00 98.83  ? 16  DT  D "C2'" 1 
ATOM   846 C  "C1'" . DT  D 4 7  ? -11.177 -27.665 -1.959  1.00 99.68  ? 16  DT  D "C1'" 1 
ATOM   847 N  N1    . DT  D 4 7  ? -11.216 -27.678 -0.466  1.00 96.51  ? 16  DT  D N1    1 
ATOM   848 C  C2    . DT  D 4 7  ? -10.146 -28.189 0.234   1.00 92.48  ? 16  DT  D C2    1 
ATOM   849 O  O2    . DT  D 4 7  ? -9.151  -28.644 -0.302  1.00 94.90  ? 16  DT  D O2    1 
ATOM   850 N  N3    . DT  D 4 7  ? -10.284 -28.150 1.597   1.00 85.10  ? 16  DT  D N3    1 
ATOM   851 C  C4    . DT  D 4 7  ? -11.360 -27.660 2.315   1.00 86.88  ? 16  DT  D C4    1 
ATOM   852 O  O4    . DT  D 4 7  ? -11.390 -27.668 3.542   1.00 85.53  ? 16  DT  D O4    1 
ATOM   853 C  C5    . DT  D 4 7  ? -12.446 -27.138 1.519   1.00 90.71  ? 16  DT  D C5    1 
ATOM   854 C  C7    . DT  D 4 7  ? -13.668 -26.579 2.186   1.00 90.11  ? 16  DT  D C7    1 
ATOM   855 C  C6    . DT  D 4 7  ? -12.322 -27.172 0.184   1.00 94.49  ? 16  DT  D C6    1 
HETATM 856 AS AS    . CAC E 5 .  ? 3.300   8.970   4.432   1.00 124.52 ? 101 CAC A AS    1 
# 
loop_
_pdbx_poly_seq_scheme.asym_id 
_pdbx_poly_seq_scheme.entity_id 
_pdbx_poly_seq_scheme.seq_id 
_pdbx_poly_seq_scheme.mon_id 
_pdbx_poly_seq_scheme.ndb_seq_num 
_pdbx_poly_seq_scheme.pdb_seq_num 
_pdbx_poly_seq_scheme.auth_seq_num 
_pdbx_poly_seq_scheme.pdb_mon_id 
_pdbx_poly_seq_scheme.auth_mon_id 
_pdbx_poly_seq_scheme.pdb_strand_id 
_pdbx_poly_seq_scheme.pdb_ins_code 
_pdbx_poly_seq_scheme.hetero 
A 1 1  DG 1  1  1  DG DG A . n 
A 1 2  DA 2  2  2  DA DA A . n 
A 1 3  DA 3  3  3  DA DA A . n 
A 1 4  DC 4  4  4  DC DC A . n 
A 1 5  DG 5  5  5  DG DG A . n 
A 1 6  DA 6  6  6  DA DA A . n 
A 1 7  DC 7  7  7  DC DC A . n 
A 1 8  DA 8  8  8  DA DA A . n 
A 1 9  DC 9  9  9  DC DC A . n 
A 1 10 DT 10 10 10 DT DT A . n 
A 1 11 DG 11 11 11 DG DG A . n 
A 1 12 DA 12 12 12 DA DA A . n 
A 1 13 DC 13 13 13 DC DC A . n 
A 1 14 DG 14 14 14 DG DG A . n 
A 1 15 DG 15 15 15 DG DG A . n 
A 1 16 DA 16 16 16 DA DA A . n 
A 1 17 DG 17 17 17 DG DG A . n 
A 1 18 DA 18 18 18 DA DA A . n 
A 1 19 DC 19 19 19 DC DC A . n 
A 1 20 DT 20 20 20 DT DT A . n 
A 1 21 DC 21 21 21 DC DC A . n 
B 2 1  DC 1  0  0  DC DC B . n 
B 2 2  DC 2  1  1  DC DC B . n 
B 2 3  DG 3  2  2  DG DG B . n 
B 2 4  DT 4  3  3  DT DT B . n 
B 2 5  DC 5  4  4  DC DC B . n 
B 2 6  DA 6  5  5  DA DA B . n 
C 3 1  DT 1  1  1  DT DT C . n 
C 3 2  DC 2  2  2  DC DC C . n 
C 3 3  DG 3  3  3  DG DG C . n 
C 3 4  DA 4  4  4  DA DA C . n 
C 3 5  DG 5  5  5  DG DG C . n 
C 3 6  DT 6  6  6  DT DT C . n 
C 3 7  DC 7  7  7  DC DC C . n 
C 3 8  DT 8  8  8  DT DT C . n 
D 4 1  DG 1  10 10 DG DG D . n 
D 4 2  DT 2  11 11 DT DT D . n 
D 4 3  DG 3  12 12 DG DG D . n 
D 4 4  DT 4  13 13 DT DT D . n 
D 4 5  DC 5  14 14 DC DC D . n 
D 4 6  DG 6  15 15 DG DG D . n 
D 4 7  DT 7  16 16 DT DT D . n 
# 
_pdbx_nonpoly_scheme.asym_id         E 
_pdbx_nonpoly_scheme.entity_id       5 
_pdbx_nonpoly_scheme.mon_id          CAC 
_pdbx_nonpoly_scheme.ndb_seq_num     1 
_pdbx_nonpoly_scheme.pdb_seq_num     101 
_pdbx_nonpoly_scheme.auth_seq_num    1 
_pdbx_nonpoly_scheme.pdb_mon_id      CAC 
_pdbx_nonpoly_scheme.auth_mon_id     AS 
_pdbx_nonpoly_scheme.pdb_strand_id   A 
_pdbx_nonpoly_scheme.pdb_ins_code    . 
# 
_pdbx_struct_assembly.id                   1 
_pdbx_struct_assembly.details              author_and_software_defined_assembly 
_pdbx_struct_assembly.method_details       PISA 
_pdbx_struct_assembly.oligomeric_details   tetrameric 
_pdbx_struct_assembly.oligomeric_count     4 
# 
_pdbx_struct_assembly_gen.assembly_id       1 
_pdbx_struct_assembly_gen.oper_expression   1 
_pdbx_struct_assembly_gen.asym_id_list      A,B,C,D,E 
# 
loop_
_pdbx_struct_assembly_prop.biol_id 
_pdbx_struct_assembly_prop.type 
_pdbx_struct_assembly_prop.value 
_pdbx_struct_assembly_prop.details 
1 'ABSA (A^2)' 2290 ? 
1 MORE         -11  ? 
1 'SSA (A^2)'  7910 ? 
# 
_pdbx_struct_oper_list.id                   1 
_pdbx_struct_oper_list.type                 'identity operation' 
_pdbx_struct_oper_list.name                 1_555 
_pdbx_struct_oper_list.symmetry_operation   x,y,z 
_pdbx_struct_oper_list.matrix[1][1]         1.0000000000 
_pdbx_struct_oper_list.matrix[1][2]         0.0000000000 
_pdbx_struct_oper_list.matrix[1][3]         0.0000000000 
_pdbx_struct_oper_list.vector[1]            0.0000000000 
_pdbx_struct_oper_list.matrix[2][1]         0.0000000000 
_pdbx_struct_oper_list.matrix[2][2]         1.0000000000 
_pdbx_struct_oper_list.matrix[2][3]         0.0000000000 
_pdbx_struct_oper_list.vector[2]            0.0000000000 
_pdbx_struct_oper_list.matrix[3][1]         0.0000000000 
_pdbx_struct_oper_list.matrix[3][2]         0.0000000000 
_pdbx_struct_oper_list.matrix[3][3]         1.0000000000 
_pdbx_struct_oper_list.vector[3]            0.0000000000 
# 
loop_
_pdbx_audit_revision_history.ordinal 
_pdbx_audit_revision_history.data_content_type 
_pdbx_audit_revision_history.major_revision 
_pdbx_audit_revision_history.minor_revision 
_pdbx_audit_revision_history.revision_date 
1 'Structure model' 1 0 2021-07-14 
2 'Structure model' 1 1 2022-07-06 
3 'Structure model' 1 2 2023-10-18 
# 
_pdbx_audit_revision_details.ordinal             1 
_pdbx_audit_revision_details.revision_ordinal    1 
_pdbx_audit_revision_details.data_content_type   'Structure model' 
_pdbx_audit_revision_details.provider            repository 
_pdbx_audit_revision_details.type                'Initial release' 
_pdbx_audit_revision_details.description         ? 
_pdbx_audit_revision_details.details             ? 
# 
loop_
_pdbx_audit_revision_group.ordinal 
_pdbx_audit_revision_group.revision_ordinal 
_pdbx_audit_revision_group.data_content_type 
_pdbx_audit_revision_group.group 
1 2 'Structure model' 'Database references'    
2 3 'Structure model' 'Data collection'        
3 3 'Structure model' 'Refinement description' 
# 
loop_
_pdbx_audit_revision_category.ordinal 
_pdbx_audit_revision_category.revision_ordinal 
_pdbx_audit_revision_category.data_content_type 
_pdbx_audit_revision_category.category 
1 2 'Structure model' citation                      
2 2 'Structure model' citation_author               
3 2 'Structure model' database_2                    
4 3 'Structure model' chem_comp_atom                
5 3 'Structure model' chem_comp_bond                
6 3 'Structure model' pdbx_initial_refinement_model 
# 
loop_
_pdbx_audit_revision_item.ordinal 
_pdbx_audit_revision_item.revision_ordinal 
_pdbx_audit_revision_item.data_content_type 
_pdbx_audit_revision_item.item 
1  2 'Structure model' '_citation.country'                   
2  2 'Structure model' '_citation.journal_abbrev'            
3  2 'Structure model' '_citation.journal_id_CSD'            
4  2 'Structure model' '_citation.journal_id_ISSN'           
5  2 'Structure model' '_citation.journal_volume'            
6  2 'Structure model' '_citation.page_first'                
7  2 'Structure model' '_citation.page_last'                 
8  2 'Structure model' '_citation.pdbx_database_id_DOI'      
9  2 'Structure model' '_citation.pdbx_database_id_PubMed'   
10 2 'Structure model' '_citation.title'                     
11 2 'Structure model' '_citation.year'                      
12 2 'Structure model' '_database_2.pdbx_DOI'                
13 2 'Structure model' '_database_2.pdbx_database_accession' 
# 
loop_
_software.citation_id 
_software.classification 
_software.compiler_name 
_software.compiler_version 
_software.contact_author 
_software.contact_author_email 
_software.date 
_software.description 
_software.dependencies 
_software.hardware 
_software.language 
_software.location 
_software.mods 
_software.name 
_software.os 
_software.os_version 
_software.type 
_software.version 
_software.pdbx_ordinal 
? 'data reduction'  ? ? ? ? ? ? ? ? ? ? ? HKL-2000    ? ? ? .           1 
? 'data scaling'    ? ? ? ? ? ? ? ? ? ? ? HKL-2000    ? ? ? .           2 
? refinement        ? ? ? ? ? ? ? ? ? ? ? PHENIX      ? ? ? 1.11.1_2575 3 
? 'data extraction' ? ? ? ? ? ? ? ? ? ? ? PDB_EXTRACT ? ? ? 3.25        4 
? phasing           ? ? ? ? ? ? ? ? ? ? ? PHASER      ? ? ? .           5 
# 
_pdbx_entry_details.entry_id                 7JKD 
_pdbx_entry_details.has_ligand_of_interest   N 
_pdbx_entry_details.compound_details         ? 
_pdbx_entry_details.source_details           ? 
_pdbx_entry_details.nonpolymer_details       ? 
_pdbx_entry_details.sequence_details         ? 
# 
loop_
_pdbx_unobs_or_zero_occ_atoms.id 
_pdbx_unobs_or_zero_occ_atoms.PDB_model_num 
_pdbx_unobs_or_zero_occ_atoms.polymer_flag 
_pdbx_unobs_or_zero_occ_atoms.occupancy_flag 
_pdbx_unobs_or_zero_occ_atoms.auth_asym_id 
_pdbx_unobs_or_zero_occ_atoms.auth_comp_id 
_pdbx_unobs_or_zero_occ_atoms.auth_seq_id 
_pdbx_unobs_or_zero_occ_atoms.PDB_ins_code 
_pdbx_unobs_or_zero_occ_atoms.auth_atom_id 
_pdbx_unobs_or_zero_occ_atoms.label_alt_id 
_pdbx_unobs_or_zero_occ_atoms.label_asym_id 
_pdbx_unobs_or_zero_occ_atoms.label_comp_id 
_pdbx_unobs_or_zero_occ_atoms.label_seq_id 
_pdbx_unobs_or_zero_occ_atoms.label_atom_id 
1 1 N 1 A CAC 101 ? O1 ? E CAC 1 O1 
2 1 N 1 A CAC 101 ? O2 ? E CAC 1 O2 
3 1 N 1 A CAC 101 ? C1 ? E CAC 1 C1 
4 1 N 1 A CAC 101 ? C2 ? E CAC 1 C2 
# 
loop_
_chem_comp_atom.comp_id 
_chem_comp_atom.atom_id 
_chem_comp_atom.type_symbol 
_chem_comp_atom.pdbx_aromatic_flag 
_chem_comp_atom.pdbx_stereo_config 
_chem_comp_atom.pdbx_ordinal 
CAC AS     AS N N 1   
CAC O1     O  N N 2   
CAC O2     O  N N 3   
CAC C1     C  N N 4   
CAC C2     C  N N 5   
CAC H11    H  N N 6   
CAC H12    H  N N 7   
CAC H13    H  N N 8   
CAC H21    H  N N 9   
CAC H22    H  N N 10  
CAC H23    H  N N 11  
DA  OP3    O  N N 12  
DA  P      P  N N 13  
DA  OP1    O  N N 14  
DA  OP2    O  N N 15  
DA  "O5'"  O  N N 16  
DA  "C5'"  C  N N 17  
DA  "C4'"  C  N R 18  
DA  "O4'"  O  N N 19  
DA  "C3'"  C  N S 20  
DA  "O3'"  O  N N 21  
DA  "C2'"  C  N N 22  
DA  "C1'"  C  N R 23  
DA  N9     N  Y N 24  
DA  C8     C  Y N 25  
DA  N7     N  Y N 26  
DA  C5     C  Y N 27  
DA  C6     C  Y N 28  
DA  N6     N  N N 29  
DA  N1     N  Y N 30  
DA  C2     C  Y N 31  
DA  N3     N  Y N 32  
DA  C4     C  Y N 33  
DA  HOP3   H  N N 34  
DA  HOP2   H  N N 35  
DA  "H5'"  H  N N 36  
DA  "H5''" H  N N 37  
DA  "H4'"  H  N N 38  
DA  "H3'"  H  N N 39  
DA  "HO3'" H  N N 40  
DA  "H2'"  H  N N 41  
DA  "H2''" H  N N 42  
DA  "H1'"  H  N N 43  
DA  H8     H  N N 44  
DA  H61    H  N N 45  
DA  H62    H  N N 46  
DA  H2     H  N N 47  
DC  OP3    O  N N 48  
DC  P      P  N N 49  
DC  OP1    O  N N 50  
DC  OP2    O  N N 51  
DC  "O5'"  O  N N 52  
DC  "C5'"  C  N N 53  
DC  "C4'"  C  N R 54  
DC  "O4'"  O  N N 55  
DC  "C3'"  C  N S 56  
DC  "O3'"  O  N N 57  
DC  "C2'"  C  N N 58  
DC  "C1'"  C  N R 59  
DC  N1     N  N N 60  
DC  C2     C  N N 61  
DC  O2     O  N N 62  
DC  N3     N  N N 63  
DC  C4     C  N N 64  
DC  N4     N  N N 65  
DC  C5     C  N N 66  
DC  C6     C  N N 67  
DC  HOP3   H  N N 68  
DC  HOP2   H  N N 69  
DC  "H5'"  H  N N 70  
DC  "H5''" H  N N 71  
DC  "H4'"  H  N N 72  
DC  "H3'"  H  N N 73  
DC  "HO3'" H  N N 74  
DC  "H2'"  H  N N 75  
DC  "H2''" H  N N 76  
DC  "H1'"  H  N N 77  
DC  H41    H  N N 78  
DC  H42    H  N N 79  
DC  H5     H  N N 80  
DC  H6     H  N N 81  
DG  OP3    O  N N 82  
DG  P      P  N N 83  
DG  OP1    O  N N 84  
DG  OP2    O  N N 85  
DG  "O5'"  O  N N 86  
DG  "C5'"  C  N N 87  
DG  "C4'"  C  N R 88  
DG  "O4'"  O  N N 89  
DG  "C3'"  C  N S 90  
DG  "O3'"  O  N N 91  
DG  "C2'"  C  N N 92  
DG  "C1'"  C  N R 93  
DG  N9     N  Y N 94  
DG  C8     C  Y N 95  
DG  N7     N  Y N 96  
DG  C5     C  Y N 97  
DG  C6     C  N N 98  
DG  O6     O  N N 99  
DG  N1     N  N N 100 
DG  C2     C  N N 101 
DG  N2     N  N N 102 
DG  N3     N  N N 103 
DG  C4     C  Y N 104 
DG  HOP3   H  N N 105 
DG  HOP2   H  N N 106 
DG  "H5'"  H  N N 107 
DG  "H5''" H  N N 108 
DG  "H4'"  H  N N 109 
DG  "H3'"  H  N N 110 
DG  "HO3'" H  N N 111 
DG  "H2'"  H  N N 112 
DG  "H2''" H  N N 113 
DG  "H1'"  H  N N 114 
DG  H8     H  N N 115 
DG  H1     H  N N 116 
DG  H21    H  N N 117 
DG  H22    H  N N 118 
DT  OP3    O  N N 119 
DT  P      P  N N 120 
DT  OP1    O  N N 121 
DT  OP2    O  N N 122 
DT  "O5'"  O  N N 123 
DT  "C5'"  C  N N 124 
DT  "C4'"  C  N R 125 
DT  "O4'"  O  N N 126 
DT  "C3'"  C  N S 127 
DT  "O3'"  O  N N 128 
DT  "C2'"  C  N N 129 
DT  "C1'"  C  N R 130 
DT  N1     N  N N 131 
DT  C2     C  N N 132 
DT  O2     O  N N 133 
DT  N3     N  N N 134 
DT  C4     C  N N 135 
DT  O4     O  N N 136 
DT  C5     C  N N 137 
DT  C7     C  N N 138 
DT  C6     C  N N 139 
DT  HOP3   H  N N 140 
DT  HOP2   H  N N 141 
DT  "H5'"  H  N N 142 
DT  "H5''" H  N N 143 
DT  "H4'"  H  N N 144 
DT  "H3'"  H  N N 145 
DT  "HO3'" H  N N 146 
DT  "H2'"  H  N N 147 
DT  "H2''" H  N N 148 
DT  "H1'"  H  N N 149 
DT  H3     H  N N 150 
DT  H71    H  N N 151 
DT  H72    H  N N 152 
DT  H73    H  N N 153 
DT  H6     H  N N 154 
# 
loop_
_chem_comp_bond.comp_id 
_chem_comp_bond.atom_id_1 
_chem_comp_bond.atom_id_2 
_chem_comp_bond.value_order 
_chem_comp_bond.pdbx_aromatic_flag 
_chem_comp_bond.pdbx_stereo_config 
_chem_comp_bond.pdbx_ordinal 
CAC AS    O1     doub N N 1   
CAC AS    O2     sing N N 2   
CAC AS    C1     sing N N 3   
CAC AS    C2     sing N N 4   
CAC C1    H11    sing N N 5   
CAC C1    H12    sing N N 6   
CAC C1    H13    sing N N 7   
CAC C2    H21    sing N N 8   
CAC C2    H22    sing N N 9   
CAC C2    H23    sing N N 10  
DA  OP3   P      sing N N 11  
DA  OP3   HOP3   sing N N 12  
DA  P     OP1    doub N N 13  
DA  P     OP2    sing N N 14  
DA  P     "O5'"  sing N N 15  
DA  OP2   HOP2   sing N N 16  
DA  "O5'" "C5'"  sing N N 17  
DA  "C5'" "C4'"  sing N N 18  
DA  "C5'" "H5'"  sing N N 19  
DA  "C5'" "H5''" sing N N 20  
DA  "C4'" "O4'"  sing N N 21  
DA  "C4'" "C3'"  sing N N 22  
DA  "C4'" "H4'"  sing N N 23  
DA  "O4'" "C1'"  sing N N 24  
DA  "C3'" "O3'"  sing N N 25  
DA  "C3'" "C2'"  sing N N 26  
DA  "C3'" "H3'"  sing N N 27  
DA  "O3'" "HO3'" sing N N 28  
DA  "C2'" "C1'"  sing N N 29  
DA  "C2'" "H2'"  sing N N 30  
DA  "C2'" "H2''" sing N N 31  
DA  "C1'" N9     sing N N 32  
DA  "C1'" "H1'"  sing N N 33  
DA  N9    C8     sing Y N 34  
DA  N9    C4     sing Y N 35  
DA  C8    N7     doub Y N 36  
DA  C8    H8     sing N N 37  
DA  N7    C5     sing Y N 38  
DA  C5    C6     sing Y N 39  
DA  C5    C4     doub Y N 40  
DA  C6    N6     sing N N 41  
DA  C6    N1     doub Y N 42  
DA  N6    H61    sing N N 43  
DA  N6    H62    sing N N 44  
DA  N1    C2     sing Y N 45  
DA  C2    N3     doub Y N 46  
DA  C2    H2     sing N N 47  
DA  N3    C4     sing Y N 48  
DC  OP3   P      sing N N 49  
DC  OP3   HOP3   sing N N 50  
DC  P     OP1    doub N N 51  
DC  P     OP2    sing N N 52  
DC  P     "O5'"  sing N N 53  
DC  OP2   HOP2   sing N N 54  
DC  "O5'" "C5'"  sing N N 55  
DC  "C5'" "C4'"  sing N N 56  
DC  "C5'" "H5'"  sing N N 57  
DC  "C5'" "H5''" sing N N 58  
DC  "C4'" "O4'"  sing N N 59  
DC  "C4'" "C3'"  sing N N 60  
DC  "C4'" "H4'"  sing N N 61  
DC  "O4'" "C1'"  sing N N 62  
DC  "C3'" "O3'"  sing N N 63  
DC  "C3'" "C2'"  sing N N 64  
DC  "C3'" "H3'"  sing N N 65  
DC  "O3'" "HO3'" sing N N 66  
DC  "C2'" "C1'"  sing N N 67  
DC  "C2'" "H2'"  sing N N 68  
DC  "C2'" "H2''" sing N N 69  
DC  "C1'" N1     sing N N 70  
DC  "C1'" "H1'"  sing N N 71  
DC  N1    C2     sing N N 72  
DC  N1    C6     sing N N 73  
DC  C2    O2     doub N N 74  
DC  C2    N3     sing N N 75  
DC  N3    C4     doub N N 76  
DC  C4    N4     sing N N 77  
DC  C4    C5     sing N N 78  
DC  N4    H41    sing N N 79  
DC  N4    H42    sing N N 80  
DC  C5    C6     doub N N 81  
DC  C5    H5     sing N N 82  
DC  C6    H6     sing N N 83  
DG  OP3   P      sing N N 84  
DG  OP3   HOP3   sing N N 85  
DG  P     OP1    doub N N 86  
DG  P     OP2    sing N N 87  
DG  P     "O5'"  sing N N 88  
DG  OP2   HOP2   sing N N 89  
DG  "O5'" "C5'"  sing N N 90  
DG  "C5'" "C4'"  sing N N 91  
DG  "C5'" "H5'"  sing N N 92  
DG  "C5'" "H5''" sing N N 93  
DG  "C4'" "O4'"  sing N N 94  
DG  "C4'" "C3'"  sing N N 95  
DG  "C4'" "H4'"  sing N N 96  
DG  "O4'" "C1'"  sing N N 97  
DG  "C3'" "O3'"  sing N N 98  
DG  "C3'" "C2'"  sing N N 99  
DG  "C3'" "H3'"  sing N N 100 
DG  "O3'" "HO3'" sing N N 101 
DG  "C2'" "C1'"  sing N N 102 
DG  "C2'" "H2'"  sing N N 103 
DG  "C2'" "H2''" sing N N 104 
DG  "C1'" N9     sing N N 105 
DG  "C1'" "H1'"  sing N N 106 
DG  N9    C8     sing Y N 107 
DG  N9    C4     sing Y N 108 
DG  C8    N7     doub Y N 109 
DG  C8    H8     sing N N 110 
DG  N7    C5     sing Y N 111 
DG  C5    C6     sing N N 112 
DG  C5    C4     doub Y N 113 
DG  C6    O6     doub N N 114 
DG  C6    N1     sing N N 115 
DG  N1    C2     sing N N 116 
DG  N1    H1     sing N N 117 
DG  C2    N2     sing N N 118 
DG  C2    N3     doub N N 119 
DG  N2    H21    sing N N 120 
DG  N2    H22    sing N N 121 
DG  N3    C4     sing N N 122 
DT  OP3   P      sing N N 123 
DT  OP3   HOP3   sing N N 124 
DT  P     OP1    doub N N 125 
DT  P     OP2    sing N N 126 
DT  P     "O5'"  sing N N 127 
DT  OP2   HOP2   sing N N 128 
DT  "O5'" "C5'"  sing N N 129 
DT  "C5'" "C4'"  sing N N 130 
DT  "C5'" "H5'"  sing N N 131 
DT  "C5'" "H5''" sing N N 132 
DT  "C4'" "O4'"  sing N N 133 
DT  "C4'" "C3'"  sing N N 134 
DT  "C4'" "H4'"  sing N N 135 
DT  "O4'" "C1'"  sing N N 136 
DT  "C3'" "O3'"  sing N N 137 
DT  "C3'" "C2'"  sing N N 138 
DT  "C3'" "H3'"  sing N N 139 
DT  "O3'" "HO3'" sing N N 140 
DT  "C2'" "C1'"  sing N N 141 
DT  "C2'" "H2'"  sing N N 142 
DT  "C2'" "H2''" sing N N 143 
DT  "C1'" N1     sing N N 144 
DT  "C1'" "H1'"  sing N N 145 
DT  N1    C2     sing N N 146 
DT  N1    C6     sing N N 147 
DT  C2    O2     doub N N 148 
DT  C2    N3     sing N N 149 
DT  N3    C4     sing N N 150 
DT  N3    H3     sing N N 151 
DT  C4    O4     doub N N 152 
DT  C4    C5     sing N N 153 
DT  C5    C7     sing N N 154 
DT  C5    C6     doub N N 155 
DT  C7    H71    sing N N 156 
DT  C7    H72    sing N N 157 
DT  C7    H73    sing N N 158 
DT  C6    H6     sing N N 159 
# 
loop_
_ndb_struct_conf_na.entry_id 
_ndb_struct_conf_na.feature 
7JKD 'double helix'        
7JKD 'b-form double helix' 
# 
loop_
_ndb_struct_na_base_pair.model_number 
_ndb_struct_na_base_pair.i_label_asym_id 
_ndb_struct_na_base_pair.i_label_comp_id 
_ndb_struct_na_base_pair.i_label_seq_id 
_ndb_struct_na_base_pair.i_symmetry 
_ndb_struct_na_base_pair.j_label_asym_id 
_ndb_struct_na_base_pair.j_label_comp_id 
_ndb_struct_na_base_pair.j_label_seq_id 
_ndb_struct_na_base_pair.j_symmetry 
_ndb_struct_na_base_pair.shear 
_ndb_struct_na_base_pair.stretch 
_ndb_struct_na_base_pair.stagger 
_ndb_struct_na_base_pair.buckle 
_ndb_struct_na_base_pair.propeller 
_ndb_struct_na_base_pair.opening 
_ndb_struct_na_base_pair.pair_number 
_ndb_struct_na_base_pair.pair_name 
_ndb_struct_na_base_pair.i_auth_asym_id 
_ndb_struct_na_base_pair.i_auth_seq_id 
_ndb_struct_na_base_pair.i_PDB_ins_code 
_ndb_struct_na_base_pair.j_auth_asym_id 
_ndb_struct_na_base_pair.j_auth_seq_id 
_ndb_struct_na_base_pair.j_PDB_ins_code 
_ndb_struct_na_base_pair.hbond_type_28 
_ndb_struct_na_base_pair.hbond_type_12 
1 A DA 2  1_555 D DT 7 1_555 1.637  2.035  -1.795 19.452 -8.986  -51.058 1  A_DA2:DT16_D A 2  ? D 16 ? ?  ? 
1 A DC 4  1_555 D DG 6 1_555 -2.350 0.176  0.833  9.212  -13.210 -0.879  2  A_DC4:DG15_D A 4  ? D 15 ? ?  1 
1 A DG 5  1_555 D DC 5 1_555 0.577  -0.047 -0.094 0.272  -13.178 -11.320 3  A_DG5:DC14_D A 5  ? D 14 ? 19 1 
1 A DA 6  1_555 D DT 4 1_555 0.342  -0.304 -0.264 2.756  -16.484 -12.783 4  A_DA6:DT13_D A 6  ? D 13 ? 20 1 
1 A DC 7  1_555 D DG 3 1_555 -1.166 0.278  -0.039 6.063  -16.975 -2.211  5  A_DC7:DG12_D A 7  ? D 12 ? 19 1 
1 A DA 8  1_555 D DT 2 1_555 -0.577 0.533  -0.051 -1.740 0.554   -9.557  6  A_DA8:DT11_D A 8  ? D 11 ? 20 1 
1 A DC 9  1_555 D DG 1 1_555 -0.118 0.192  -0.116 4.543  -5.849  1.731   7  A_DC9:DG10_D A 9  ? D 10 ? 19 1 
1 A DT 10 1_555 B DA 6 1_555 -1.476 0.186  0.234  2.574  -7.306  3.560   8  A_DT10:DA5_B A 10 ? B 5  ? 20 1 
1 A DG 11 1_555 B DC 5 1_555 0.682  -0.002 0.109  3.805  -3.608  9.767   9  A_DG11:DC4_B A 11 ? B 4  ? 19 1 
1 A DA 12 1_555 B DT 4 1_555 0.870  0.434  0.132  0.542  -6.590  -2.999  10 A_DA12:DT3_B A 12 ? B 3  ? 20 1 
1 A DC 13 1_555 B DG 3 1_555 0.270  0.164  0.179  -0.848 -5.519  -10.738 11 A_DC13:DG2_B A 13 ? B 2  ? 19 1 
1 A DG 14 1_555 B DC 2 1_555 0.640  0.082  0.179  1.003  -2.637  -9.160  12 A_DG14:DC1_B A 14 ? B 1  ? 19 1 
1 A DG 15 1_555 B DC 1 1_555 0.855  -0.249 0.095  5.608  -5.356  -7.817  13 A_DG15:DC0_B A 15 ? B 0  ? 19 1 
1 A DA 16 1_555 C DT 8 1_555 -0.630 -0.088 0.501  10.841 -11.196 0.147   14 A_DA16:DT8_C A 16 ? C 8  ? 20 1 
1 A DG 17 1_555 C DC 7 1_555 0.542  -0.038 0.272  8.213  -16.777 1.328   15 A_DG17:DC7_C A 17 ? C 7  ? 19 1 
1 A DA 18 1_555 C DT 6 1_555 0.167  -0.364 -0.182 -4.566 -13.363 -5.898  16 A_DA18:DT6_C A 18 ? C 6  ? 20 1 
1 A DC 19 1_555 C DG 5 1_555 0.299  -0.104 -0.253 -2.753 -10.259 6.975   17 A_DC19:DG5_C A 19 ? C 5  ? 19 1 
1 A DT 20 1_555 C DA 4 1_555 -0.579 0.038  -0.012 -2.427 -14.727 1.885   18 A_DT20:DA4_C A 20 ? C 4  ? 20 1 
1 A DC 21 1_555 C DG 3 1_555 0.152  -0.065 0.158  -4.647 -11.031 0.275   19 A_DC21:DG3_C A 21 ? C 3  ? 19 1 
# 
loop_
_ndb_struct_na_base_pair_step.model_number 
_ndb_struct_na_base_pair_step.i_label_asym_id_1 
_ndb_struct_na_base_pair_step.i_label_comp_id_1 
_ndb_struct_na_base_pair_step.i_label_seq_id_1 
_ndb_struct_na_base_pair_step.i_symmetry_1 
_ndb_struct_na_base_pair_step.j_label_asym_id_1 
_ndb_struct_na_base_pair_step.j_label_comp_id_1 
_ndb_struct_na_base_pair_step.j_label_seq_id_1 
_ndb_struct_na_base_pair_step.j_symmetry_1 
_ndb_struct_na_base_pair_step.i_label_asym_id_2 
_ndb_struct_na_base_pair_step.i_label_comp_id_2 
_ndb_struct_na_base_pair_step.i_label_seq_id_2 
_ndb_struct_na_base_pair_step.i_symmetry_2 
_ndb_struct_na_base_pair_step.j_label_asym_id_2 
_ndb_struct_na_base_pair_step.j_label_comp_id_2 
_ndb_struct_na_base_pair_step.j_label_seq_id_2 
_ndb_struct_na_base_pair_step.j_symmetry_2 
_ndb_struct_na_base_pair_step.shift 
_ndb_struct_na_base_pair_step.slide 
_ndb_struct_na_base_pair_step.rise 
_ndb_struct_na_base_pair_step.tilt 
_ndb_struct_na_base_pair_step.roll 
_ndb_struct_na_base_pair_step.twist 
_ndb_struct_na_base_pair_step.x_displacement 
_ndb_struct_na_base_pair_step.y_displacement 
_ndb_struct_na_base_pair_step.helical_rise 
_ndb_struct_na_base_pair_step.inclination 
_ndb_struct_na_base_pair_step.tip 
_ndb_struct_na_base_pair_step.helical_twist 
_ndb_struct_na_base_pair_step.step_number 
_ndb_struct_na_base_pair_step.step_name 
_ndb_struct_na_base_pair_step.i_auth_asym_id_1 
_ndb_struct_na_base_pair_step.i_auth_seq_id_1 
_ndb_struct_na_base_pair_step.i_PDB_ins_code_1 
_ndb_struct_na_base_pair_step.j_auth_asym_id_1 
_ndb_struct_na_base_pair_step.j_auth_seq_id_1 
_ndb_struct_na_base_pair_step.j_PDB_ins_code_1 
_ndb_struct_na_base_pair_step.i_auth_asym_id_2 
_ndb_struct_na_base_pair_step.i_auth_seq_id_2 
_ndb_struct_na_base_pair_step.i_PDB_ins_code_2 
_ndb_struct_na_base_pair_step.j_auth_asym_id_2 
_ndb_struct_na_base_pair_step.j_auth_seq_id_2 
_ndb_struct_na_base_pair_step.j_PDB_ins_code_2 
1 A DA 2  1_555 D DT 7 1_555 A DC 4  1_555 D DG 6 1_555 0.216  -1.905 4.721 0.143  2.120  39.680 -3.155 -0.294 4.618 3.120  -0.210 
39.734 1  AA_DA2DC4:DG15DT16_DD A 2  ? D 16 ? A 4  ? D 15 ? 
1 A DC 4  1_555 D DG 6 1_555 A DG 5  1_555 D DC 5 1_555 -0.701 -0.469 3.681 2.150  0.157  41.518 -0.679 1.243  3.640 0.222  -3.030 
41.571 2  AA_DC4DG5:DC14DG15_DD A 4  ? D 15 ? A 5  ? D 14 ? 
1 A DG 5  1_555 D DC 5 1_555 A DA 6  1_555 D DT 4 1_555 -0.020 -0.226 3.293 1.171  0.467  30.685 -0.519 0.268  3.286 0.883  -2.212 
30.710 3  AA_DG5DA6:DT13DC14_DD A 5  ? D 14 ? A 6  ? D 13 ? 
1 A DA 6  1_555 D DT 4 1_555 A DC 7  1_555 D DG 3 1_555 0.689  -1.338 3.133 0.711  0.660  26.445 -3.090 -1.325 3.116 1.443  -1.553 
26.462 4  AA_DA6DC7:DG12DT13_DD A 6  ? D 13 ? A 7  ? D 12 ? 
1 A DC 7  1_555 D DG 3 1_555 A DA 8  1_555 D DT 2 1_555 -0.175 -0.782 3.422 -0.249 4.231  40.773 -1.595 0.221  3.329 6.053  0.356  
40.983 5  AA_DC7DA8:DT11DG12_DD A 7  ? D 12 ? A 8  ? D 11 ? 
1 A DA 8  1_555 D DT 2 1_555 A DC 9  1_555 D DG 1 1_555 0.408  -1.225 3.118 -2.752 3.487  37.402 -2.319 -0.965 2.960 5.414  4.273  
37.655 6  AA_DA8DC9:DG10DT11_DD A 8  ? D 11 ? A 9  ? D 10 ? 
1 A DC 9  1_555 D DG 1 1_555 A DT 10 1_555 B DA 6 1_555 -1.134 -1.901 3.285 -5.958 2.680  17.670 -7.247 0.272  3.172 8.364  18.591 
18.830 7  AA_DC9DT10:DA5DG10_BD A 9  ? D 10 ? A 10 ? B 5  ? 
1 A DT 10 1_555 B DA 6 1_555 A DG 11 1_555 B DC 5 1_555 0.013  0.747  3.393 0.582  3.621  35.032 0.670  0.069  3.450 5.996  -0.963 
35.217 8  AA_DT10DG11:DC4DA5_BB A 10 ? B 5  ? A 11 ? B 4  ? 
1 A DG 11 1_555 B DC 5 1_555 A DA 12 1_555 B DT 4 1_555 -1.001 0.621  3.469 -3.518 3.699  40.778 0.451  1.013  3.580 5.284  5.026  
41.083 9  AA_DG11DA12:DT3DC4_BB A 11 ? B 4  ? A 12 ? B 3  ? 
1 A DA 12 1_555 B DT 4 1_555 A DC 13 1_555 B DG 3 1_555 -0.263 -1.064 3.202 -0.933 2.077  33.566 -2.167 0.306  3.139 3.591  1.614  
33.641 10 AA_DA12DC13:DG2DT3_BB A 12 ? B 3  ? A 13 ? B 2  ? 
1 A DC 13 1_555 B DG 3 1_555 A DG 14 1_555 B DC 2 1_555 -0.009 -0.468 3.467 -0.030 1.580  33.117 -1.101 0.011  3.441 2.770  0.053  
33.154 11 AA_DC13DG14:DC1DG2_BB A 13 ? B 2  ? A 14 ? B 1  ? 
1 A DG 14 1_555 B DC 2 1_555 A DG 15 1_555 B DC 1 1_555 0.041  -0.612 3.229 -1.568 2.935  35.100 -1.437 -0.295 3.164 4.853  2.593  
35.253 12 AA_DG14DG15:DC0DC1_BB A 14 ? B 1  ? A 15 ? B 0  ? 
1 A DG 15 1_555 B DC 1 1_555 A DA 16 1_555 C DT 8 1_555 -0.586 -0.581 2.924 -3.911 0.164  25.785 -1.329 0.329  2.975 0.365  8.701  
26.076 13 AA_DG15DA16:DT8DC0_CB A 15 ? B 0  ? A 16 ? C 8  ? 
1 A DA 16 1_555 C DT 8 1_555 A DG 17 1_555 C DC 7 1_555 -0.068 -0.455 3.434 1.913  0.847  36.446 -0.849 0.386  3.415 1.352  -3.055 
36.504 14 AA_DA16DG17:DC7DT8_CC A 16 ? C 8  ? A 17 ? C 7  ? 
1 A DG 17 1_555 C DC 7 1_555 A DA 18 1_555 C DT 6 1_555 -0.291 -0.272 3.464 -0.149 0.822  41.411 -0.478 0.395  3.459 1.162  0.210  
41.419 15 AA_DG17DA18:DT6DC7_CC A 17 ? C 7  ? A 18 ? C 6  ? 
1 A DA 18 1_555 C DT 6 1_555 A DC 19 1_555 C DG 5 1_555 0.062  -0.771 3.167 -0.826 0.545  37.763 -1.258 -0.199 3.154 0.843  1.276  
37.776 16 AA_DA18DC19:DG5DT6_CC A 18 ? C 6  ? A 19 ? C 5  ? 
1 A DC 19 1_555 C DG 5 1_555 A DT 20 1_555 C DA 4 1_555 -0.173 -0.207 3.347 1.685  0.723  29.386 -0.565 0.709  3.326 1.424  -3.318 
29.442 17 AA_DC19DT20:DA4DG5_CC A 19 ? C 5  ? A 20 ? C 4  ? 
1 A DT 20 1_555 C DA 4 1_555 A DC 21 1_555 C DG 3 1_555 0.512  1.817  3.503 0.456  -0.875 41.080 2.690  -0.677 3.470 -1.247 -0.650 
41.092 18 AA_DT20DC21:DG3DA4_CC A 20 ? C 4  ? A 21 ? C 3  ? 
# 
loop_
_pdbx_audit_support.funding_organization 
_pdbx_audit_support.country 
_pdbx_audit_support.grant_number 
_pdbx_audit_support.ordinal 
'National Science Foundation (NSF, United States)'                                         'United States' 1360635     1 
'National Institutes of Health/National Institute of General Medical Sciences (NIH/NIGMS)' 'United States' R01GM104960 2 
'National Science Foundation (NSF, United States)'                                         'United States' NSF2004250  3 
# 
_pdbx_entity_nonpoly.entity_id   5 
_pdbx_entity_nonpoly.name        'CACODYLATE ION' 
_pdbx_entity_nonpoly.comp_id     CAC 
# 
_pdbx_initial_refinement_model.id               1 
_pdbx_initial_refinement_model.entity_id_list   ? 
_pdbx_initial_refinement_model.type             'experimental model' 
_pdbx_initial_refinement_model.source_name      PDB 
_pdbx_initial_refinement_model.accession_code   5VY6 
_pdbx_initial_refinement_model.details          ? 
# 
_pdbx_struct_assembly_auth_evidence.id                     1 
_pdbx_struct_assembly_auth_evidence.assembly_id            1 
_pdbx_struct_assembly_auth_evidence.experimental_support   none 
_pdbx_struct_assembly_auth_evidence.details                ? 
# 
